data_9G05
#
_entry.id   9G05
#
_cell.length_a   1.00
_cell.length_b   1.00
_cell.length_c   1.00
_cell.angle_alpha   90.00
_cell.angle_beta   90.00
_cell.angle_gamma   90.00
#
_symmetry.space_group_name_H-M   'P 1'
#
loop_
_entity.id
_entity.type
_entity.pdbx_description
1 polymer 'Thiopeptide-type bacteriocin biosynthesis domain containing protein'
2 polymer 'Lantibiotic, gallidermin/nisin family'
#
loop_
_entity_poly.entity_id
_entity_poly.type
_entity_poly.pdbx_seq_one_letter_code
_entity_poly.pdbx_strand_id
1 'polypeptide(L)'
;MRDLYRNTNTFMIRTPIFSIDNYYEFFRKDGESDKIKDRLLEICNNSVFREAILVSSKSLYSTIIDFCDGKEIKKFDYFL
QSIYKYLIRMSMRPTPFGLFSGVDFGKYAEETVISYENDNFKKFARPDLEWIIKIVKELEDNHYKNLTFKINDSIFIKGE
RALLIHSTDKEDNNRIGEISIRATKPFMRTYDLAKDGIEYNKLKYILIDEYSIEDESKIDNFLKQLIEREFLISNLRPPL
TVLDQFDYLINEVKKAEIEIPLVDELTEIKEKLKLYNETPVGAGEETYLELYKKMESVANVKNILQVDMKLNLRDKKINK
KIISDVNDLMNILLDLSMSIENPEPFLSKYKQEFIEKYGQDREISLLEMLDNDIGIGPPMNYERPRNNRSLDVSVNELLD
NNVRDYFMEKYFQALKTNSRNIAIRDDEIKNLELQKIDYENIPDSLEINLLVKNKSEDNLSDEFQYYIGPNLGSTSAGKS
FGRFSHMMSEPKKFFEELDERNIELIDSEEYVTCEISYLPSEVRNANVTRNIHSSEYEMSLFTNGSKDNLYRIKLNDIYI
GLENNTFYAKSKTLNKKLLLTINNMLNPQTAPNAIRFLNDISLDEKKLWYKFVWSDVYKDFSYIPAIKYKNFVIMPETWK
MNKINMKINKKTEFNEFKNQFNDYRIKYGVPQYVYITFADNRILLNLDDEQCVKILYHECKNSFNEIILNSYEEEGVNIV
KESHKDYICELVIPLTKIKQETISDKVSARMLSSDISSLSKERVKDPFDEWLYIKLYGISSNVDDLIAYYISEFCNELVE
EEIISKYFFMRYVDPEQHIRLRLNSSQEKLLMIYPKIREWLSMIRKKGLMTYFSIDSYDREIERYGGIELINIAEKVFFF
DSIVTEDILRAKREGSFDFCDEIIGMISVVHYMESFGLPYAKQVEFLRSQVSSSEYREDFKQKRTEYMKLCNSNKDWEGL
RESEEGNILIEILNKRRKIIEYYGNKVRENEEVSTDLSILDSIIHLNCNRMFGIDREFEKKVRALASHALYALKHFKS
;
A,B
2 'polypeptide(L)' MGKLDDFDLDVKVKADTTKVGPAITSKSLCTPGCITGVLMCITQNSCVSCKSCIKC C,D
#
# COMPACT_ATOMS: atom_id res chain seq x y z
N ARG A 2 9.94 38.48 6.18
CA ARG A 2 11.22 38.48 6.95
C ARG A 2 12.20 37.47 6.37
N ASP A 3 13.48 37.81 6.42
CA ASP A 3 14.51 36.94 5.87
C ASP A 3 14.84 35.82 6.85
N LEU A 4 14.93 34.60 6.34
CA LEU A 4 15.22 33.43 7.17
C LEU A 4 16.70 33.10 7.23
N TYR A 5 17.48 33.46 6.21
CA TYR A 5 18.84 32.99 6.05
C TYR A 5 19.79 34.16 5.86
N ARG A 6 21.03 33.95 6.26
CA ARG A 6 22.09 34.95 6.16
C ARG A 6 23.29 34.34 5.45
N ASN A 7 24.05 35.19 4.78
CA ASN A 7 25.19 34.72 4.01
C ASN A 7 26.39 34.46 4.91
N THR A 8 27.30 33.62 4.41
CA THR A 8 28.60 33.43 5.04
C THR A 8 29.58 34.45 4.47
N ASN A 9 30.86 34.23 4.74
CA ASN A 9 31.88 35.20 4.35
C ASN A 9 32.31 35.08 2.88
N THR A 10 31.99 33.99 2.20
CA THR A 10 32.54 33.75 0.87
C THR A 10 31.64 32.80 0.09
N PHE A 11 31.87 32.77 -1.22
CA PHE A 11 31.18 31.86 -2.12
C PHE A 11 32.18 31.30 -3.13
N MET A 12 31.70 30.44 -4.01
CA MET A 12 32.54 29.74 -4.98
C MET A 12 32.16 30.16 -6.40
N ILE A 13 33.15 30.25 -7.28
CA ILE A 13 32.95 30.58 -8.68
C ILE A 13 33.51 29.45 -9.52
N ARG A 14 32.77 29.06 -10.56
CA ARG A 14 33.19 28.00 -11.47
C ARG A 14 33.08 28.51 -12.91
N THR A 15 34.06 28.15 -13.73
CA THR A 15 34.08 28.61 -15.11
C THR A 15 34.81 27.58 -15.98
N PRO A 16 34.35 27.33 -17.21
CA PRO A 16 35.12 26.44 -18.09
C PRO A 16 36.45 27.07 -18.47
N ILE A 17 37.23 26.32 -19.26
CA ILE A 17 38.56 26.79 -19.61
C ILE A 17 38.55 27.55 -20.92
N PHE A 18 37.54 27.34 -21.76
CA PHE A 18 37.39 28.05 -23.03
C PHE A 18 36.20 28.99 -22.97
N SER A 19 36.16 29.92 -23.91
CA SER A 19 35.04 30.84 -24.03
C SER A 19 33.92 30.21 -24.84
N ILE A 20 32.72 30.80 -24.73
CA ILE A 20 31.61 30.35 -25.56
C ILE A 20 31.84 30.70 -27.01
N ASP A 21 32.78 31.60 -27.30
CA ASP A 21 33.15 31.89 -28.68
C ASP A 21 33.73 30.66 -29.36
N ASN A 22 34.58 29.91 -28.65
CA ASN A 22 35.14 28.69 -29.21
C ASN A 22 34.07 27.69 -29.61
N TYR A 23 32.93 27.70 -28.92
CA TYR A 23 31.86 26.77 -29.26
C TYR A 23 31.19 27.15 -30.58
N TYR A 24 30.87 28.44 -30.74
CA TYR A 24 30.20 28.87 -31.96
C TYR A 24 31.14 28.89 -33.15
N GLU A 25 32.40 29.32 -32.93
CA GLU A 25 33.36 29.32 -34.00
C GLU A 25 33.63 27.93 -34.56
N PHE A 26 33.31 26.89 -33.80
CA PHE A 26 33.53 25.52 -34.25
C PHE A 26 32.35 24.98 -35.06
N PHE A 27 31.14 25.45 -34.76
CA PHE A 27 29.95 25.07 -35.50
C PHE A 27 29.60 26.15 -36.53
N ARG A 28 30.53 26.33 -37.47
CA ARG A 28 30.41 27.36 -38.50
C ARG A 28 30.37 28.75 -37.87
N LYS A 29 29.20 29.38 -37.87
CA LYS A 29 29.00 30.71 -37.28
C LYS A 29 29.75 31.78 -38.06
N ASP A 30 30.51 31.38 -39.08
CA ASP A 30 31.24 32.33 -39.92
C ASP A 30 31.03 32.07 -41.40
N GLY A 31 30.60 30.86 -41.76
CA GLY A 31 30.33 30.54 -43.15
C GLY A 31 29.45 29.32 -43.23
N GLU A 32 28.80 29.18 -44.40
CA GLU A 32 27.90 28.04 -44.60
C GLU A 32 28.68 26.75 -44.80
N SER A 33 29.94 26.83 -45.24
CA SER A 33 30.73 25.63 -45.46
C SER A 33 31.07 24.95 -44.13
N ASP A 34 31.07 23.62 -44.14
CA ASP A 34 31.46 22.84 -42.97
C ASP A 34 32.19 21.59 -43.45
N LYS A 35 33.23 21.22 -42.72
CA LYS A 35 34.08 20.09 -43.09
C LYS A 35 34.34 19.23 -41.86
N ILE A 36 34.26 17.91 -42.05
CA ILE A 36 34.51 16.98 -40.95
C ILE A 36 35.93 17.15 -40.42
N LYS A 37 36.92 17.15 -41.33
CA LYS A 37 38.30 17.41 -40.97
C LYS A 37 38.57 18.91 -41.04
N ASP A 38 39.84 19.30 -41.06
CA ASP A 38 40.23 20.70 -41.03
C ASP A 38 40.01 21.27 -39.63
N ARG A 39 38.76 21.46 -39.24
CA ARG A 39 38.48 21.85 -37.87
C ARG A 39 39.05 20.82 -36.90
N LEU A 40 38.90 19.53 -37.23
CA LEU A 40 39.42 18.48 -36.36
C LEU A 40 40.94 18.56 -36.25
N LEU A 41 41.62 18.82 -37.36
CA LEU A 41 43.07 18.98 -37.31
C LEU A 41 43.46 20.25 -36.56
N GLU A 42 42.71 21.33 -36.76
CA GLU A 42 43.06 22.59 -36.11
C GLU A 42 42.94 22.49 -34.60
N ILE A 43 41.85 21.88 -34.11
CA ILE A 43 41.66 21.74 -32.67
C ILE A 43 42.64 20.72 -32.10
N CYS A 44 42.83 19.59 -32.80
CA CYS A 44 43.70 18.53 -32.29
C CYS A 44 45.15 18.98 -32.14
N ASN A 45 45.53 20.09 -32.77
CA ASN A 45 46.86 20.65 -32.61
C ASN A 45 46.91 21.78 -31.58
N ASN A 46 45.84 21.98 -30.81
CA ASN A 46 45.83 22.96 -29.74
C ASN A 46 46.58 22.40 -28.53
N SER A 47 47.46 23.21 -27.96
CA SER A 47 48.26 22.74 -26.83
C SER A 47 47.37 22.49 -25.59
N VAL A 48 46.48 23.42 -25.28
CA VAL A 48 45.64 23.27 -24.09
C VAL A 48 44.73 22.06 -24.23
N PHE A 49 44.14 21.87 -25.41
CA PHE A 49 43.26 20.73 -25.62
C PHE A 49 44.02 19.41 -25.44
N ARG A 50 45.23 19.33 -25.98
CA ARG A 50 46.00 18.09 -25.89
C ARG A 50 46.29 17.73 -24.44
N GLU A 51 46.72 18.69 -23.64
CA GLU A 51 47.02 18.40 -22.25
C GLU A 51 45.75 18.10 -21.46
N ALA A 52 44.69 18.87 -21.69
CA ALA A 52 43.43 18.59 -21.00
C ALA A 52 42.98 17.17 -21.26
N ILE A 53 43.16 16.68 -22.49
CA ILE A 53 42.80 15.31 -22.80
C ILE A 53 43.76 14.34 -22.14
N LEU A 54 45.05 14.65 -22.13
CA LEU A 54 46.05 13.74 -21.57
C LEU A 54 45.76 13.45 -20.10
N VAL A 55 45.47 14.49 -19.33
CA VAL A 55 45.23 14.34 -17.90
C VAL A 55 44.01 13.47 -17.64
N SER A 56 43.08 13.42 -18.58
CA SER A 56 41.80 12.74 -18.37
C SER A 56 41.76 11.34 -18.99
N SER A 57 42.16 11.21 -20.26
CA SER A 57 42.07 9.93 -20.96
C SER A 57 43.33 9.77 -21.80
N LYS A 58 44.18 8.81 -21.42
CA LYS A 58 45.45 8.63 -22.10
C LYS A 58 45.29 7.92 -23.44
N SER A 59 44.33 7.00 -23.53
CA SER A 59 44.10 6.29 -24.78
C SER A 59 43.72 7.26 -25.90
N LEU A 60 42.79 8.18 -25.61
CA LEU A 60 42.40 9.16 -26.60
C LEU A 60 43.57 10.07 -26.95
N TYR A 61 44.45 10.33 -25.99
CA TYR A 61 45.65 11.11 -26.30
C TYR A 61 46.55 10.39 -27.30
N SER A 62 46.75 9.09 -27.09
CA SER A 62 47.56 8.33 -28.05
C SER A 62 46.92 8.33 -29.43
N THR A 63 45.60 8.16 -29.47
CA THR A 63 44.90 8.20 -30.76
C THR A 63 45.04 9.55 -31.43
N ILE A 64 44.97 10.63 -30.66
CA ILE A 64 45.15 11.97 -31.23
C ILE A 64 46.56 12.11 -31.78
N ILE A 65 47.55 11.59 -31.07
CA ILE A 65 48.93 11.66 -31.56
C ILE A 65 49.05 10.92 -32.90
N ASP A 66 48.47 9.72 -32.97
CA ASP A 66 48.49 8.98 -34.23
C ASP A 66 47.80 9.75 -35.35
N PHE A 67 46.66 10.35 -35.05
CA PHE A 67 45.93 11.13 -36.05
C PHE A 67 46.77 12.29 -36.55
N CYS A 68 47.45 12.99 -35.65
CA CYS A 68 48.32 14.09 -36.07
C CYS A 68 49.51 13.59 -36.87
N ASP A 69 49.98 12.38 -36.60
CA ASP A 69 51.04 11.77 -37.39
C ASP A 69 50.58 11.39 -38.79
N GLY A 70 49.28 11.45 -39.06
CA GLY A 70 48.77 11.07 -40.37
C GLY A 70 48.45 9.61 -40.54
N LYS A 71 48.55 8.82 -39.48
CA LYS A 71 48.21 7.41 -39.57
C LYS A 71 46.71 7.23 -39.70
N GLU A 72 46.31 6.06 -40.19
CA GLU A 72 44.89 5.75 -40.32
C GLU A 72 44.30 5.38 -38.98
N ILE A 73 43.03 5.72 -38.78
CA ILE A 73 42.27 5.37 -37.59
C ILE A 73 41.24 4.32 -37.99
N LYS A 74 41.21 3.22 -37.23
CA LYS A 74 40.33 2.11 -37.59
C LYS A 74 38.87 2.53 -37.56
N LYS A 75 38.42 3.12 -36.45
CA LYS A 75 37.02 3.51 -36.34
C LYS A 75 36.77 4.87 -36.99
N PHE A 76 37.32 5.93 -36.41
CA PHE A 76 37.15 7.29 -36.91
C PHE A 76 35.70 7.76 -36.82
N ASP A 77 34.80 6.91 -36.33
CA ASP A 77 33.41 7.30 -36.12
C ASP A 77 33.09 7.18 -34.64
N TYR A 78 34.08 6.79 -33.85
CA TYR A 78 33.99 6.81 -32.40
C TYR A 78 35.07 7.76 -31.89
N PHE A 79 36.16 7.86 -32.64
CA PHE A 79 37.16 8.89 -32.38
C PHE A 79 36.56 10.28 -32.58
N LEU A 80 35.80 10.46 -33.66
CA LEU A 80 35.22 11.76 -33.96
C LEU A 80 34.19 12.16 -32.91
N GLN A 81 33.37 11.20 -32.47
CA GLN A 81 32.35 11.51 -31.47
C GLN A 81 32.97 11.93 -30.15
N SER A 82 34.06 11.25 -29.75
CA SER A 82 34.70 11.57 -28.48
C SER A 82 35.30 12.97 -28.50
N ILE A 83 35.89 13.37 -29.62
CA ILE A 83 36.48 14.71 -29.71
C ILE A 83 35.40 15.77 -29.59
N TYR A 84 34.24 15.55 -30.21
CA TYR A 84 33.16 16.52 -30.16
C TYR A 84 32.65 16.72 -28.74
N LYS A 85 32.55 15.63 -27.98
CA LYS A 85 31.95 15.71 -26.66
C LYS A 85 32.85 16.44 -25.67
N TYR A 86 34.17 16.33 -25.83
CA TYR A 86 35.08 17.04 -24.93
C TYR A 86 35.19 18.51 -25.31
N LEU A 87 35.16 18.81 -26.61
CA LEU A 87 35.22 20.21 -27.05
C LEU A 87 34.04 21.00 -26.51
N ILE A 88 32.86 20.38 -26.46
CA ILE A 88 31.68 21.05 -25.91
C ILE A 88 31.82 21.21 -24.40
N ARG A 89 32.31 20.18 -23.72
CA ARG A 89 32.45 20.23 -22.28
C ARG A 89 33.40 21.33 -21.85
N MET A 90 34.51 21.50 -22.58
CA MET A 90 35.49 22.51 -22.22
C MET A 90 35.00 23.93 -22.44
N SER A 91 33.85 24.11 -23.09
CA SER A 91 33.32 25.44 -23.37
C SER A 91 32.02 25.75 -22.65
N MET A 92 31.20 24.75 -22.33
CA MET A 92 29.82 25.00 -21.91
C MET A 92 29.43 24.38 -20.58
N ARG A 93 30.28 23.59 -19.93
CA ARG A 93 29.90 22.95 -18.67
C ARG A 93 30.76 23.49 -17.52
N PRO A 94 30.19 24.32 -16.63
CA PRO A 94 31.03 24.88 -15.55
C PRO A 94 31.54 23.87 -14.54
N THR A 95 30.90 22.71 -14.41
CA THR A 95 31.23 21.77 -13.35
C THR A 95 32.72 21.42 -13.38
N PRO A 96 33.44 21.54 -12.26
CA PRO A 96 34.90 21.39 -12.29
C PRO A 96 35.33 19.93 -12.34
N PHE A 97 36.22 19.61 -13.27
CA PHE A 97 36.78 18.27 -13.39
C PHE A 97 38.04 18.33 -14.23
N GLY A 98 39.13 17.83 -13.67
CA GLY A 98 40.39 17.83 -14.40
C GLY A 98 40.80 19.23 -14.78
N LEU A 99 41.36 19.37 -15.99
CA LEU A 99 41.70 20.67 -16.54
C LEU A 99 40.61 21.22 -17.44
N PHE A 100 39.44 20.57 -17.49
CA PHE A 100 38.33 21.11 -18.27
C PHE A 100 37.78 22.38 -17.65
N SER A 101 37.73 22.47 -16.33
CA SER A 101 37.10 23.59 -15.65
C SER A 101 37.79 23.82 -14.32
N GLY A 102 37.65 25.04 -13.78
CA GLY A 102 38.35 25.43 -12.58
C GLY A 102 37.40 26.05 -11.57
N VAL A 103 37.96 26.39 -10.40
CA VAL A 103 37.21 26.91 -9.27
C VAL A 103 37.96 28.09 -8.68
N ASP A 104 37.22 28.98 -8.01
CA ASP A 104 37.80 30.07 -7.26
C ASP A 104 36.79 30.54 -6.22
N PHE A 105 37.24 31.37 -5.29
CA PHE A 105 36.45 31.76 -4.13
C PHE A 105 36.39 33.28 -4.05
N GLY A 106 35.18 33.83 -4.03
CA GLY A 106 34.96 35.26 -4.10
C GLY A 106 34.51 35.88 -2.78
N LYS A 107 34.06 37.12 -2.88
CA LYS A 107 33.65 37.90 -1.73
C LYS A 107 32.46 38.78 -2.10
N TYR A 108 31.69 39.18 -1.10
CA TYR A 108 30.54 40.05 -1.33
C TYR A 108 30.96 41.51 -1.27
N ALA A 109 30.26 42.33 -2.05
CA ALA A 109 30.56 43.76 -2.11
C ALA A 109 29.34 44.48 -2.68
N GLU A 110 29.48 45.81 -2.84
CA GLU A 110 28.37 46.62 -3.30
C GLU A 110 28.15 46.56 -4.80
N GLU A 111 29.13 46.08 -5.57
CA GLU A 111 29.01 46.05 -7.02
C GLU A 111 29.60 44.75 -7.54
N THR A 112 29.14 44.33 -8.71
CA THR A 112 29.56 43.08 -9.33
C THR A 112 30.65 43.35 -10.36
N VAL A 113 31.83 42.79 -10.13
CA VAL A 113 32.90 42.85 -11.11
C VAL A 113 33.72 41.57 -11.01
N ILE A 114 33.75 40.78 -12.09
CA ILE A 114 34.52 39.55 -12.16
C ILE A 114 35.34 39.58 -13.44
N SER A 115 36.65 39.39 -13.31
CA SER A 115 37.55 39.58 -14.44
C SER A 115 38.68 38.56 -14.36
N TYR A 116 39.32 38.32 -15.51
CA TYR A 116 40.39 37.33 -15.58
C TYR A 116 41.76 38.00 -15.58
N GLU A 117 42.70 37.38 -14.87
CA GLU A 117 44.09 37.82 -14.83
C GLU A 117 44.86 37.21 -16.00
N ASN A 118 46.07 37.73 -16.25
CA ASN A 118 46.89 37.18 -17.32
C ASN A 118 47.33 35.76 -17.00
N ASP A 119 47.72 35.50 -15.76
CA ASP A 119 48.24 34.19 -15.36
C ASP A 119 47.14 33.30 -14.79
N ASN A 120 46.28 32.81 -15.68
CA ASN A 120 45.14 32.02 -15.23
C ASN A 120 45.54 30.56 -15.04
N PHE A 121 44.63 29.81 -14.41
CA PHE A 121 44.64 28.35 -14.46
C PHE A 121 45.94 27.78 -13.89
N LYS A 122 46.10 27.93 -12.58
CA LYS A 122 47.16 27.24 -11.86
C LYS A 122 46.78 25.77 -11.68
N LYS A 123 47.77 24.90 -11.57
CA LYS A 123 47.52 23.48 -11.43
C LYS A 123 47.72 23.02 -9.99
N PHE A 124 46.92 22.03 -9.59
CA PHE A 124 47.02 21.39 -8.27
C PHE A 124 46.94 19.88 -8.49
N ALA A 125 48.08 19.24 -8.70
CA ALA A 125 48.11 17.79 -8.91
C ALA A 125 48.61 17.09 -7.66
N ARG A 126 48.01 15.93 -7.36
CA ARG A 126 48.42 15.13 -6.22
C ARG A 126 48.07 13.68 -6.49
N PRO A 127 48.77 12.73 -5.87
CA PRO A 127 48.55 11.32 -6.20
C PRO A 127 47.14 10.87 -5.89
N ASP A 128 46.68 9.89 -6.66
CA ASP A 128 45.36 9.32 -6.46
C ASP A 128 45.32 8.48 -5.20
N LEU A 129 44.13 8.31 -4.63
CA LEU A 129 44.00 7.47 -3.43
C LEU A 129 44.23 6.01 -3.76
N GLU A 130 43.82 5.58 -4.95
CA GLU A 130 44.04 4.18 -5.33
C GLU A 130 45.53 3.86 -5.39
N TRP A 131 46.33 4.80 -5.91
CA TRP A 131 47.77 4.60 -5.96
C TRP A 131 48.36 4.52 -4.56
N ILE A 132 47.92 5.40 -3.66
CA ILE A 132 48.48 5.43 -2.31
C ILE A 132 48.22 4.11 -1.60
N ILE A 133 46.99 3.61 -1.69
CA ILE A 133 46.61 2.43 -0.93
C ILE A 133 47.28 1.17 -1.47
N LYS A 134 47.55 1.13 -2.77
CA LYS A 134 48.28 0.00 -3.32
C LYS A 134 49.68 -0.11 -2.70
N ILE A 135 50.31 1.03 -2.43
CA ILE A 135 51.62 1.01 -1.79
C ILE A 135 51.50 0.60 -0.33
N VAL A 136 50.49 1.11 0.38
CA VAL A 136 50.34 0.81 1.79
C VAL A 136 50.15 -0.69 2.00
N LYS A 137 49.29 -1.31 1.19
CA LYS A 137 49.04 -2.74 1.34
C LYS A 137 50.30 -3.54 1.08
N GLU A 138 51.08 -3.14 0.08
CA GLU A 138 52.31 -3.87 -0.23
C GLU A 138 53.31 -3.81 0.91
N LEU A 139 53.45 -2.64 1.55
CA LEU A 139 54.40 -2.50 2.64
C LEU A 139 54.00 -3.38 3.83
N GLU A 140 52.74 -3.27 4.27
CA GLU A 140 52.30 -4.02 5.44
C GLU A 140 52.16 -5.50 5.13
N ASP A 141 52.17 -5.89 3.86
CA ASP A 141 52.12 -7.30 3.52
C ASP A 141 53.49 -7.96 3.71
N ASN A 142 54.57 -7.18 3.63
CA ASN A 142 55.92 -7.70 3.76
C ASN A 142 56.60 -7.29 5.07
N HIS A 143 56.48 -6.02 5.46
CA HIS A 143 57.17 -5.49 6.62
C HIS A 143 56.26 -5.32 7.83
N TYR A 144 55.24 -6.17 7.97
CA TYR A 144 54.30 -6.03 9.08
C TYR A 144 55.01 -6.06 10.43
N LYS A 145 56.15 -6.76 10.50
CA LYS A 145 56.83 -6.90 11.78
C LYS A 145 57.41 -5.59 12.30
N ASN A 146 57.47 -4.55 11.46
CA ASN A 146 58.01 -3.26 11.88
C ASN A 146 56.93 -2.23 12.18
N LEU A 147 55.65 -2.59 12.06
CA LEU A 147 54.57 -1.63 12.11
C LEU A 147 53.87 -1.64 13.47
N THR A 148 53.05 -0.62 13.69
CA THR A 148 52.18 -0.51 14.85
C THR A 148 50.73 -0.63 14.39
N PHE A 149 49.94 -1.43 15.10
CA PHE A 149 48.59 -1.76 14.70
C PHE A 149 47.59 -1.31 15.74
N LYS A 150 46.36 -1.09 15.29
CA LYS A 150 45.28 -0.58 16.12
C LYS A 150 43.98 -1.27 15.73
N ILE A 151 43.01 -1.24 16.65
CA ILE A 151 41.75 -1.94 16.43
C ILE A 151 40.83 -1.12 15.53
N ASN A 152 40.09 -1.80 14.67
CA ASN A 152 39.14 -1.15 13.78
C ASN A 152 37.96 -0.61 14.59
N ASP A 153 37.45 0.55 14.19
CA ASP A 153 36.40 1.23 14.96
C ASP A 153 34.99 0.75 14.62
N SER A 154 34.83 -0.08 13.60
CA SER A 154 33.52 -0.58 13.22
C SER A 154 33.24 -2.00 13.72
N ILE A 155 34.08 -2.54 14.60
CA ILE A 155 33.88 -3.91 15.07
C ILE A 155 32.64 -4.00 15.94
N PHE A 156 31.89 -5.08 15.78
CA PHE A 156 30.67 -5.34 16.53
C PHE A 156 30.67 -6.79 16.98
N ILE A 157 30.53 -7.00 18.29
CA ILE A 157 30.61 -8.34 18.88
C ILE A 157 29.20 -8.79 19.22
N LYS A 158 28.76 -9.88 18.59
CA LYS A 158 27.39 -10.37 18.70
C LYS A 158 27.44 -11.81 19.20
N GLY A 159 27.42 -11.98 20.52
CA GLY A 159 27.48 -13.31 21.08
C GLY A 159 28.89 -13.87 21.00
N GLU A 160 29.07 -14.90 20.19
CA GLU A 160 30.35 -15.56 20.05
C GLU A 160 31.06 -15.21 18.74
N ARG A 161 30.59 -14.20 18.01
CA ARG A 161 31.20 -13.78 16.75
C ARG A 161 31.47 -12.29 16.79
N ALA A 162 32.42 -11.84 15.97
CA ALA A 162 32.73 -10.44 15.78
C ALA A 162 32.61 -10.09 14.31
N LEU A 163 32.05 -8.91 14.01
CA LEU A 163 31.66 -8.57 12.65
C LEU A 163 32.21 -7.20 12.25
N LEU A 164 32.29 -6.99 10.95
CA LEU A 164 32.59 -5.69 10.35
C LEU A 164 31.45 -5.31 9.41
N ILE A 165 31.22 -4.00 9.25
CA ILE A 165 30.13 -3.54 8.41
C ILE A 165 30.38 -3.86 6.93
N HIS A 166 31.62 -3.75 6.47
CA HIS A 166 31.98 -4.21 5.13
C HIS A 166 33.49 -4.48 5.14
N SER A 167 34.04 -4.77 3.97
CA SER A 167 35.48 -4.93 3.83
C SER A 167 35.94 -4.20 2.58
N THR A 168 37.18 -3.71 2.62
CA THR A 168 37.76 -3.07 1.45
C THR A 168 38.07 -4.09 0.35
N ASP A 169 38.52 -5.28 0.71
CA ASP A 169 38.81 -6.32 -0.25
C ASP A 169 37.52 -6.92 -0.79
N LYS A 170 37.66 -7.67 -1.89
CA LYS A 170 36.53 -8.33 -2.54
C LYS A 170 36.81 -9.82 -2.66
N GLU A 171 35.75 -10.61 -2.61
CA GLU A 171 35.83 -12.06 -2.80
C GLU A 171 35.99 -12.31 -4.30
N ASP A 172 37.23 -12.31 -4.76
CA ASP A 172 37.55 -12.41 -6.18
C ASP A 172 37.04 -11.17 -6.90
N ASN A 173 35.73 -11.10 -7.12
CA ASN A 173 35.11 -9.91 -7.70
C ASN A 173 33.80 -9.54 -7.03
N ASN A 174 33.33 -10.31 -6.05
CA ASN A 174 32.09 -10.00 -5.36
C ASN A 174 32.35 -9.06 -4.20
N ARG A 175 31.43 -8.11 -4.01
CA ARG A 175 31.52 -7.18 -2.90
C ARG A 175 31.16 -7.89 -1.59
N ILE A 176 31.89 -7.55 -0.53
CA ILE A 176 31.74 -8.19 0.77
C ILE A 176 30.65 -7.49 1.56
N GLY A 177 29.72 -8.26 2.10
CA GLY A 177 28.63 -7.71 2.88
C GLY A 177 28.92 -7.72 4.36
N GLU A 178 29.62 -8.75 4.83
CA GLU A 178 30.10 -8.81 6.20
C GLU A 178 31.14 -9.91 6.31
N ILE A 179 32.03 -9.77 7.28
CA ILE A 179 32.98 -10.80 7.65
C ILE A 179 32.83 -11.06 9.14
N SER A 180 32.69 -12.33 9.50
CA SER A 180 32.51 -12.70 10.90
C SER A 180 33.53 -13.77 11.27
N ILE A 181 34.09 -13.62 12.47
CA ILE A 181 35.05 -14.57 13.01
C ILE A 181 34.66 -14.89 14.44
N ARG A 182 35.19 -16.00 14.96
CA ARG A 182 34.94 -16.36 16.34
C ARG A 182 35.64 -15.38 17.28
N ALA A 183 34.94 -14.97 18.34
CA ALA A 183 35.50 -14.10 19.37
C ALA A 183 36.16 -14.95 20.47
N THR A 184 37.20 -15.68 20.06
CA THR A 184 37.91 -16.54 20.99
C THR A 184 38.63 -15.71 22.05
N LYS A 185 39.15 -16.39 23.06
CA LYS A 185 39.85 -15.72 24.15
C LYS A 185 41.09 -14.96 23.68
N PRO A 186 41.98 -15.53 22.87
CA PRO A 186 43.09 -14.73 22.35
C PRO A 186 42.63 -13.51 21.58
N PHE A 187 41.54 -13.62 20.81
CA PHE A 187 41.05 -12.46 20.08
C PHE A 187 40.60 -11.36 21.03
N MET A 188 39.89 -11.71 22.10
CA MET A 188 39.47 -10.69 23.06
C MET A 188 40.68 -10.07 23.76
N ARG A 189 41.68 -10.89 24.09
CA ARG A 189 42.89 -10.34 24.71
C ARG A 189 43.57 -9.35 23.78
N THR A 190 43.66 -9.68 22.50
CA THR A 190 44.20 -8.74 21.52
C THR A 190 43.33 -7.49 21.42
N TYR A 191 42.01 -7.68 21.42
CA TYR A 191 41.07 -6.57 21.33
C TYR A 191 41.24 -5.60 22.49
N ASP A 192 41.71 -6.08 23.64
CA ASP A 192 41.98 -5.19 24.75
C ASP A 192 43.38 -4.56 24.65
N LEU A 193 44.37 -5.31 24.16
CA LEU A 193 45.73 -4.80 24.10
C LEU A 193 45.86 -3.70 23.05
N ALA A 194 45.35 -3.95 21.84
CA ALA A 194 45.50 -3.03 20.72
C ALA A 194 44.43 -1.95 20.69
N LYS A 195 43.86 -1.61 21.85
CA LYS A 195 42.77 -0.64 21.87
C LYS A 195 43.21 0.71 21.32
N ASP A 196 44.42 1.14 21.68
CA ASP A 196 44.95 2.44 21.24
C ASP A 196 46.31 2.32 20.57
N GLY A 197 46.64 1.16 20.02
CA GLY A 197 47.88 0.98 19.31
C GLY A 197 48.91 0.15 20.06
N ILE A 198 49.52 -0.81 19.38
CA ILE A 198 50.53 -1.67 19.99
C ILE A 198 51.45 -2.19 18.89
N GLU A 199 52.73 -2.30 19.20
CA GLU A 199 53.69 -2.81 18.24
C GLU A 199 53.46 -4.29 18.00
N TYR A 200 53.87 -4.77 16.82
CA TYR A 200 53.62 -6.16 16.47
C TYR A 200 54.32 -7.10 17.44
N ASN A 201 55.60 -6.86 17.72
CA ASN A 201 56.35 -7.74 18.61
C ASN A 201 55.81 -7.67 20.03
N LYS A 202 55.45 -6.47 20.50
CA LYS A 202 54.91 -6.33 21.84
C LYS A 202 53.65 -7.18 22.03
N LEU A 203 52.80 -7.24 21.01
CA LEU A 203 51.60 -8.07 21.09
C LEU A 203 51.93 -9.55 20.95
N LYS A 204 52.83 -9.88 20.03
CA LYS A 204 53.16 -11.27 19.76
C LYS A 204 53.77 -11.95 20.97
N TYR A 205 54.67 -11.25 21.66
CA TYR A 205 55.37 -11.84 22.80
C TYR A 205 54.55 -11.78 24.08
N ILE A 206 53.37 -11.20 24.05
CA ILE A 206 52.39 -11.37 25.12
C ILE A 206 51.44 -12.52 24.80
N LEU A 207 51.10 -12.69 23.53
CA LEU A 207 50.25 -13.80 23.14
C LEU A 207 51.01 -15.12 23.21
N ILE A 208 52.33 -15.08 23.12
CA ILE A 208 53.17 -16.27 23.25
C ILE A 208 53.62 -16.40 24.70
N ASP A 209 52.96 -15.66 25.59
CA ASP A 209 53.30 -15.68 27.01
C ASP A 209 52.10 -16.10 27.83
N GLU A 210 50.91 -15.61 27.45
CA GLU A 210 49.70 -15.93 28.19
C GLU A 210 49.10 -17.27 27.78
N TYR A 211 49.56 -17.85 26.68
CA TYR A 211 49.01 -19.10 26.19
C TYR A 211 50.07 -20.18 25.98
N SER A 212 51.35 -19.85 26.15
CA SER A 212 52.42 -20.84 26.14
C SER A 212 52.32 -21.75 24.91
N ILE A 213 52.19 -21.13 23.74
CA ILE A 213 52.01 -21.92 22.52
C ILE A 213 53.30 -22.65 22.16
N GLU A 214 54.42 -21.94 22.17
CA GLU A 214 55.72 -22.51 21.83
C GLU A 214 55.82 -22.79 20.33
N ASP A 215 54.74 -22.58 19.60
CA ASP A 215 54.71 -22.75 18.15
C ASP A 215 54.45 -21.38 17.54
N GLU A 216 55.53 -20.67 17.24
CA GLU A 216 55.42 -19.29 16.76
C GLU A 216 54.60 -19.22 15.48
N SER A 217 54.57 -20.31 14.70
CA SER A 217 53.84 -20.29 13.43
C SER A 217 52.34 -20.12 13.65
N LYS A 218 51.84 -20.50 14.83
CA LYS A 218 50.41 -20.33 15.10
C LYS A 218 50.05 -18.87 15.35
N ILE A 219 50.86 -18.16 16.13
CA ILE A 219 50.56 -16.76 16.42
C ILE A 219 50.77 -15.90 15.18
N ASP A 220 51.81 -16.20 14.40
CA ASP A 220 52.06 -15.42 13.19
C ASP A 220 50.87 -15.53 12.25
N ASN A 221 50.36 -16.74 12.03
CA ASN A 221 49.23 -16.91 11.13
C ASN A 221 47.98 -16.26 11.70
N PHE A 222 47.77 -16.36 13.01
CA PHE A 222 46.62 -15.72 13.64
C PHE A 222 46.63 -14.21 13.38
N LEU A 223 47.75 -13.56 13.68
CA LEU A 223 47.83 -12.12 13.49
C LEU A 223 47.75 -11.75 12.02
N LYS A 224 48.39 -12.51 11.13
CA LYS A 224 48.30 -12.23 9.70
C LYS A 224 46.85 -12.31 9.23
N GLN A 225 46.11 -13.32 9.68
CA GLN A 225 44.72 -13.45 9.30
C GLN A 225 43.90 -12.27 9.80
N LEU A 226 44.18 -11.80 11.02
CA LEU A 226 43.51 -10.59 11.50
C LEU A 226 43.85 -9.39 10.63
N ILE A 227 45.12 -9.26 10.23
CA ILE A 227 45.57 -8.06 9.54
C ILE A 227 44.99 -7.99 8.12
N GLU A 228 45.02 -9.12 7.40
CA GLU A 228 44.58 -9.10 6.01
C GLU A 228 43.06 -8.98 5.87
N ARG A 229 42.29 -9.21 6.93
CA ARG A 229 40.86 -8.99 6.93
C ARG A 229 40.49 -7.61 7.44
N GLU A 230 41.47 -6.80 7.82
CA GLU A 230 41.26 -5.43 8.30
C GLU A 230 40.53 -5.39 9.64
N PHE A 231 40.74 -6.39 10.47
CA PHE A 231 40.36 -6.26 11.88
C PHE A 231 41.38 -5.42 12.63
N LEU A 232 42.63 -5.41 12.19
CA LEU A 232 43.68 -4.57 12.74
C LEU A 232 44.14 -3.59 11.66
N ILE A 233 44.26 -2.31 12.02
CA ILE A 233 44.64 -1.26 11.09
C ILE A 233 46.02 -0.76 11.48
N SER A 234 46.93 -0.70 10.50
CA SER A 234 48.29 -0.27 10.75
C SER A 234 48.37 1.25 10.80
N ASN A 235 49.57 1.76 11.10
CA ASN A 235 49.76 3.20 11.18
C ASN A 235 50.16 3.81 9.83
N LEU A 236 50.40 2.98 8.81
CA LEU A 236 50.76 3.50 7.51
C LEU A 236 49.55 4.07 6.77
N ARG A 237 48.36 3.60 7.08
CA ARG A 237 47.17 4.00 6.36
C ARG A 237 46.84 5.46 6.64
N PRO A 238 46.80 6.34 5.64
CA PRO A 238 46.68 7.77 5.93
C PRO A 238 45.25 8.17 6.22
N PRO A 239 45.03 9.18 7.05
CA PRO A 239 43.67 9.69 7.25
C PRO A 239 43.13 10.36 6.01
N LEU A 240 41.80 10.37 5.88
CA LEU A 240 41.17 11.12 4.82
C LEU A 240 40.94 12.57 5.17
N THR A 241 41.10 12.94 6.45
CA THR A 241 40.82 14.30 6.91
C THR A 241 42.06 15.10 7.20
N VAL A 242 43.23 14.63 6.76
CA VAL A 242 44.44 15.44 6.78
C VAL A 242 44.48 16.27 5.50
N LEU A 243 45.35 17.28 5.48
CA LEU A 243 45.47 18.13 4.32
C LEU A 243 46.39 17.56 3.26
N ASP A 244 47.15 16.52 3.57
CA ASP A 244 48.06 15.92 2.58
C ASP A 244 48.34 14.48 2.99
N GLN A 245 47.88 13.52 2.17
CA GLN A 245 48.09 12.11 2.48
C GLN A 245 49.51 11.67 2.15
N PHE A 246 50.10 12.21 1.09
CA PHE A 246 51.43 11.77 0.66
C PHE A 246 52.51 12.13 1.67
N ASP A 247 52.47 13.32 2.25
CA ASP A 247 53.43 13.69 3.28
C ASP A 247 53.27 12.78 4.50
N TYR A 248 52.03 12.50 4.88
CA TYR A 248 51.79 11.61 6.01
C TYR A 248 52.40 10.24 5.74
N LEU A 249 52.19 9.70 4.53
CA LEU A 249 52.74 8.39 4.20
C LEU A 249 54.26 8.41 4.25
N ILE A 250 54.88 9.45 3.69
CA ILE A 250 56.33 9.51 3.67
C ILE A 250 56.89 9.57 5.09
N ASN A 251 56.31 10.41 5.94
CA ASN A 251 56.78 10.50 7.32
C ASN A 251 56.59 9.17 8.04
N GLU A 252 55.45 8.51 7.85
CA GLU A 252 55.21 7.25 8.54
C GLU A 252 56.22 6.18 8.11
N VAL A 253 56.50 6.09 6.81
CA VAL A 253 57.48 5.09 6.38
C VAL A 253 58.87 5.45 6.89
N LYS A 254 59.17 6.74 7.01
CA LYS A 254 60.46 7.12 7.58
C LYS A 254 60.56 6.70 9.05
N LYS A 255 59.47 6.85 9.81
CA LYS A 255 59.51 6.45 11.21
C LYS A 255 59.76 4.96 11.37
N ALA A 256 59.10 4.14 10.55
CA ALA A 256 59.27 2.69 10.66
C ALA A 256 60.62 2.22 10.16
N GLU A 257 61.28 2.99 9.31
CA GLU A 257 62.62 2.65 8.81
C GLU A 257 62.58 1.35 7.99
N ILE A 258 61.77 1.37 6.94
CA ILE A 258 61.54 0.20 6.11
C ILE A 258 61.68 0.60 4.65
N GLU A 259 62.33 -0.26 3.86
CA GLU A 259 62.40 -0.11 2.41
C GLU A 259 62.94 1.27 2.04
N ILE A 260 64.19 1.52 2.41
CA ILE A 260 64.84 2.81 2.19
C ILE A 260 64.82 3.19 0.72
N PRO A 261 65.09 2.25 -0.20
CA PRO A 261 64.97 2.61 -1.63
C PRO A 261 63.60 3.17 -1.98
N LEU A 262 62.54 2.61 -1.41
CA LEU A 262 61.21 3.15 -1.64
C LEU A 262 61.09 4.56 -1.08
N VAL A 263 61.70 4.82 0.08
CA VAL A 263 61.63 6.16 0.65
C VAL A 263 62.30 7.17 -0.27
N ASP A 264 63.47 6.83 -0.79
CA ASP A 264 64.17 7.74 -1.69
C ASP A 264 63.39 7.95 -2.98
N GLU A 265 62.81 6.88 -3.52
CA GLU A 265 62.00 7.01 -4.73
C GLU A 265 60.79 7.89 -4.48
N LEU A 266 60.15 7.73 -3.31
CA LEU A 266 58.99 8.56 -2.98
C LEU A 266 59.38 10.03 -2.86
N THR A 267 60.55 10.32 -2.26
CA THR A 267 60.99 11.71 -2.19
C THR A 267 61.26 12.27 -3.58
N GLU A 268 61.86 11.47 -4.47
CA GLU A 268 62.10 11.93 -5.83
C GLU A 268 60.79 12.20 -6.55
N ILE A 269 59.80 11.31 -6.37
CA ILE A 269 58.49 11.52 -6.97
C ILE A 269 57.85 12.80 -6.42
N LYS A 270 58.03 13.05 -5.13
CA LYS A 270 57.50 14.29 -4.55
C LYS A 270 58.12 15.52 -5.20
N GLU A 271 59.43 15.49 -5.42
CA GLU A 271 60.09 16.63 -6.06
C GLU A 271 59.59 16.82 -7.50
N LYS A 272 59.48 15.73 -8.25
CA LYS A 272 58.99 15.83 -9.63
C LYS A 272 57.57 16.38 -9.64
N LEU A 273 56.71 15.90 -8.73
CA LEU A 273 55.34 16.37 -8.67
C LEU A 273 55.29 17.85 -8.32
N LYS A 274 56.16 18.30 -7.42
CA LYS A 274 56.23 19.73 -7.12
C LYS A 274 56.62 20.53 -8.35
N LEU A 275 57.58 20.02 -9.13
CA LEU A 275 57.98 20.73 -10.34
C LEU A 275 56.83 20.83 -11.34
N TYR A 276 56.08 19.74 -11.51
CA TYR A 276 55.03 19.74 -12.52
C TYR A 276 53.97 20.80 -12.26
N ASN A 277 53.75 21.16 -10.99
CA ASN A 277 52.69 22.09 -10.66
C ASN A 277 53.01 23.53 -11.06
N GLU A 278 54.26 23.82 -11.43
CA GLU A 278 54.64 25.19 -11.74
C GLU A 278 54.44 25.54 -13.22
N THR A 279 54.30 24.56 -14.08
CA THR A 279 54.16 24.83 -15.51
C THR A 279 52.78 25.43 -15.80
N PRO A 280 52.66 26.29 -16.81
CA PRO A 280 51.34 26.76 -17.22
C PRO A 280 50.59 25.67 -17.96
N VAL A 281 49.29 25.93 -18.18
CA VAL A 281 48.45 24.96 -18.85
C VAL A 281 48.81 24.91 -20.32
N GLY A 282 49.02 23.70 -20.84
CA GLY A 282 49.44 23.48 -22.20
C GLY A 282 50.92 23.16 -22.35
N ALA A 283 51.73 23.46 -21.34
CA ALA A 283 53.17 23.27 -21.41
C ALA A 283 53.65 22.05 -20.63
N GLY A 284 52.77 21.27 -20.02
CA GLY A 284 53.15 20.21 -19.12
C GLY A 284 53.05 18.80 -19.64
N GLU A 285 52.97 18.59 -20.96
CA GLU A 285 52.76 17.24 -21.48
C GLU A 285 53.96 16.35 -21.17
N GLU A 286 55.16 16.81 -21.52
CA GLU A 286 56.35 15.96 -21.31
C GLU A 286 56.60 15.72 -19.83
N THR A 287 56.44 16.75 -19.00
CA THR A 287 56.62 16.58 -17.57
C THR A 287 55.61 15.59 -17.02
N TYR A 288 54.35 15.69 -17.45
CA TYR A 288 53.34 14.75 -16.99
C TYR A 288 53.68 13.33 -17.40
N LEU A 289 54.15 13.14 -18.63
CA LEU A 289 54.48 11.79 -19.08
C LEU A 289 55.65 11.23 -18.27
N GLU A 290 56.68 12.04 -18.03
CA GLU A 290 57.81 11.58 -17.23
C GLU A 290 57.36 11.19 -15.83
N LEU A 291 56.56 12.05 -15.19
CA LEU A 291 56.09 11.77 -13.84
C LEU A 291 55.23 10.53 -13.79
N TYR A 292 54.35 10.36 -14.79
CA TYR A 292 53.49 9.18 -14.84
C TYR A 292 54.30 7.91 -15.00
N LYS A 293 55.31 7.93 -15.87
CA LYS A 293 56.14 6.74 -16.07
C LYS A 293 56.94 6.44 -14.82
N LYS A 294 57.39 7.47 -14.11
CA LYS A 294 58.13 7.24 -12.87
C LYS A 294 57.24 6.64 -11.80
N MET A 295 56.04 7.21 -11.61
CA MET A 295 55.14 6.73 -10.57
C MET A 295 54.66 5.31 -10.85
N GLU A 296 54.37 5.01 -12.12
CA GLU A 296 53.83 3.69 -12.44
C GLU A 296 54.82 2.58 -12.13
N SER A 297 56.11 2.91 -12.00
CA SER A 297 57.10 1.89 -11.68
C SER A 297 57.02 1.42 -10.24
N VAL A 298 56.39 2.20 -9.36
CA VAL A 298 56.27 1.82 -7.96
C VAL A 298 54.98 1.04 -7.70
N ALA A 299 53.89 1.42 -8.36
CA ALA A 299 52.61 0.74 -8.19
C ALA A 299 51.78 0.98 -9.44
N ASN A 300 51.60 -0.05 -10.24
CA ASN A 300 50.95 0.09 -11.55
C ASN A 300 49.44 -0.10 -11.42
N VAL A 301 48.79 0.89 -10.82
CA VAL A 301 47.33 0.92 -10.71
C VAL A 301 46.74 1.60 -11.94
N LYS A 302 45.43 1.49 -12.11
CA LYS A 302 44.77 2.07 -13.27
C LYS A 302 44.81 3.60 -13.22
N ASN A 303 44.48 4.18 -12.07
CA ASN A 303 44.50 5.63 -11.86
C ASN A 303 45.66 5.97 -10.96
N ILE A 304 46.46 6.96 -11.37
CA ILE A 304 47.70 7.31 -10.68
C ILE A 304 47.71 8.75 -10.18
N LEU A 305 47.23 9.69 -10.99
CA LEU A 305 47.29 11.10 -10.65
C LEU A 305 45.90 11.73 -10.75
N GLN A 306 45.63 12.66 -9.84
CA GLN A 306 44.41 13.47 -9.85
C GLN A 306 44.79 14.93 -9.95
N VAL A 307 44.22 15.64 -10.91
CA VAL A 307 44.61 17.01 -11.24
C VAL A 307 43.40 17.91 -11.11
N ASP A 308 43.58 19.05 -10.44
CA ASP A 308 42.61 20.13 -10.37
C ASP A 308 43.31 21.44 -10.66
N MET A 309 42.55 22.44 -11.09
CA MET A 309 43.13 23.74 -11.41
C MET A 309 42.29 24.85 -10.81
N LYS A 310 42.91 26.01 -10.66
CA LYS A 310 42.32 27.16 -9.99
C LYS A 310 42.28 28.33 -10.96
N LEU A 311 41.14 29.02 -11.03
CA LEU A 311 40.96 30.07 -12.03
C LEU A 311 41.95 31.21 -11.83
N ASN A 312 42.15 31.64 -10.58
CA ASN A 312 43.04 32.76 -10.28
C ASN A 312 42.53 34.04 -10.94
N LEU A 313 41.34 34.45 -10.53
CA LEU A 313 40.72 35.66 -11.08
C LEU A 313 41.36 36.91 -10.48
N ARG A 314 41.20 38.02 -11.18
CA ARG A 314 41.69 39.31 -10.69
C ARG A 314 40.69 39.93 -9.72
N ASP A 315 39.44 40.08 -10.15
CA ASP A 315 38.36 40.62 -9.33
C ASP A 315 37.28 39.56 -9.18
N LYS A 316 36.77 39.40 -7.96
CA LYS A 316 35.75 38.39 -7.72
C LYS A 316 34.67 38.86 -6.75
N LYS A 317 34.14 40.07 -6.96
CA LYS A 317 33.07 40.62 -6.13
C LYS A 317 31.71 40.40 -6.80
N ILE A 318 30.67 40.21 -5.99
CA ILE A 318 29.30 40.23 -6.47
C ILE A 318 28.45 41.04 -5.51
N ASN A 319 27.33 41.54 -6.03
CA ASN A 319 26.48 42.45 -5.27
C ASN A 319 25.80 41.74 -4.11
N LYS A 320 25.63 42.44 -3.00
CA LYS A 320 24.96 41.86 -1.84
C LYS A 320 23.50 41.57 -2.10
N LYS A 321 22.92 42.19 -3.13
CA LYS A 321 21.49 42.04 -3.38
C LYS A 321 21.08 40.62 -3.70
N ILE A 322 22.04 39.77 -4.12
CA ILE A 322 21.70 38.40 -4.49
C ILE A 322 21.14 37.63 -3.30
N ILE A 323 21.44 38.07 -2.08
CA ILE A 323 21.01 37.32 -0.90
C ILE A 323 19.56 37.61 -0.56
N SER A 324 19.00 38.73 -1.03
CA SER A 324 17.58 39.00 -0.81
C SER A 324 16.72 38.13 -1.72
N ASP A 325 17.13 37.99 -2.98
CA ASP A 325 16.37 37.19 -3.93
C ASP A 325 16.30 35.73 -3.49
N VAL A 326 17.43 35.20 -3.01
CA VAL A 326 17.41 33.83 -2.53
C VAL A 326 16.48 33.69 -1.34
N ASN A 327 16.41 34.71 -0.50
CA ASN A 327 15.48 34.66 0.63
C ASN A 327 14.03 34.65 0.18
N ASP A 328 13.68 35.44 -0.84
CA ASP A 328 12.33 35.37 -1.40
C ASP A 328 12.03 33.97 -1.92
N LEU A 329 12.98 33.41 -2.68
CA LEU A 329 12.79 32.07 -3.22
C LEU A 329 12.56 31.06 -2.11
N MET A 330 13.38 31.13 -1.06
CA MET A 330 13.27 30.15 0.02
C MET A 330 11.96 30.33 0.78
N ASN A 331 11.51 31.56 0.99
CA ASN A 331 10.21 31.76 1.61
C ASN A 331 9.12 31.07 0.83
N ILE A 332 9.05 31.30 -0.49
CA ILE A 332 7.96 30.68 -1.23
C ILE A 332 8.12 29.17 -1.31
N LEU A 333 9.35 28.66 -1.42
CA LEU A 333 9.54 27.22 -1.53
C LEU A 333 9.22 26.51 -0.23
N LEU A 334 9.53 27.13 0.92
CA LEU A 334 9.21 26.52 2.20
C LEU A 334 7.72 26.64 2.52
N ASP A 335 7.06 27.67 2.01
CA ASP A 335 5.61 27.76 2.18
C ASP A 335 4.90 26.62 1.47
N LEU A 336 5.32 26.30 0.24
CA LEU A 336 4.68 25.23 -0.52
C LEU A 336 4.92 23.87 0.11
N SER A 337 6.04 23.69 0.82
CA SER A 337 6.39 22.39 1.39
C SER A 337 5.34 21.87 2.36
N MET A 338 4.52 22.75 2.94
CA MET A 338 3.55 22.33 3.93
C MET A 338 2.37 21.61 3.32
N SER A 339 2.30 21.53 1.99
CA SER A 339 1.20 20.85 1.33
C SER A 339 1.38 19.34 1.28
N ILE A 340 2.58 18.83 1.53
CA ILE A 340 2.86 17.40 1.56
C ILE A 340 2.90 16.98 3.03
N GLU A 341 2.08 15.99 3.38
CA GLU A 341 1.93 15.59 4.77
C GLU A 341 2.92 14.52 5.20
N ASN A 342 3.35 13.65 4.28
CA ASN A 342 4.18 12.49 4.60
C ASN A 342 5.37 12.46 3.64
N PRO A 343 6.34 13.36 3.84
CA PRO A 343 7.43 13.48 2.86
C PRO A 343 8.46 12.36 2.93
N GLU A 344 8.53 11.62 4.04
CA GLU A 344 9.48 10.53 4.22
C GLU A 344 8.73 9.29 4.68
N PRO A 345 8.01 8.62 3.78
CA PRO A 345 7.17 7.49 4.23
C PRO A 345 7.93 6.37 4.89
N PHE A 346 9.12 6.02 4.39
CA PHE A 346 9.84 4.87 4.94
C PHE A 346 10.34 5.14 6.35
N LEU A 347 10.93 6.32 6.58
CA LEU A 347 11.38 6.65 7.93
C LEU A 347 10.20 6.81 8.88
N SER A 348 9.06 7.29 8.37
CA SER A 348 7.87 7.40 9.19
C SER A 348 7.36 6.02 9.63
N LYS A 349 7.42 5.03 8.74
CA LYS A 349 7.08 3.68 9.13
C LYS A 349 8.09 3.10 10.12
N TYR A 350 9.37 3.40 9.91
CA TYR A 350 10.39 2.89 10.80
C TYR A 350 10.22 3.44 12.21
N LYS A 351 9.81 4.69 12.34
CA LYS A 351 9.54 5.23 13.68
C LYS A 351 8.45 4.42 14.38
N GLN A 352 7.41 4.05 13.64
CA GLN A 352 6.35 3.24 14.23
C GLN A 352 6.86 1.87 14.66
N GLU A 353 7.70 1.24 13.83
CA GLU A 353 8.27 -0.05 14.22
C GLU A 353 9.10 0.09 15.49
N PHE A 354 9.94 1.12 15.56
CA PHE A 354 10.77 1.34 16.74
C PHE A 354 9.92 1.54 17.97
N ILE A 355 8.87 2.35 17.87
CA ILE A 355 8.00 2.59 19.02
C ILE A 355 7.28 1.31 19.42
N GLU A 356 6.86 0.52 18.45
CA GLU A 356 6.13 -0.70 18.75
C GLU A 356 7.01 -1.69 19.52
N LYS A 357 8.28 -1.82 19.14
CA LYS A 357 9.11 -2.81 19.83
C LYS A 357 9.81 -2.26 21.06
N TYR A 358 10.40 -1.06 20.97
CA TYR A 358 11.24 -0.55 22.04
C TYR A 358 10.58 0.50 22.91
N GLY A 359 9.46 1.07 22.49
CA GLY A 359 8.81 2.08 23.30
C GLY A 359 9.48 3.44 23.18
N GLN A 360 9.16 4.29 24.15
CA GLN A 360 9.63 5.67 24.14
C GLN A 360 10.79 5.93 25.10
N ASP A 361 11.00 5.05 26.08
CA ASP A 361 11.90 5.33 27.20
C ASP A 361 13.18 4.53 27.17
N ARG A 362 13.56 3.96 26.03
CA ARG A 362 14.77 3.17 25.90
C ARG A 362 15.69 3.79 24.86
N GLU A 363 16.99 3.57 25.03
CA GLU A 363 18.00 3.88 24.04
C GLU A 363 18.66 2.59 23.58
N ILE A 364 18.69 2.38 22.27
CA ILE A 364 19.12 1.11 21.68
C ILE A 364 20.40 1.34 20.89
N SER A 365 21.33 0.41 20.99
CA SER A 365 22.57 0.52 20.25
C SER A 365 22.28 0.62 18.77
N LEU A 366 23.07 1.42 18.05
CA LEU A 366 22.84 1.61 16.63
C LEU A 366 23.00 0.29 15.87
N LEU A 367 24.04 -0.47 16.18
CA LEU A 367 24.34 -1.67 15.42
C LEU A 367 23.44 -2.85 15.77
N GLU A 368 22.90 -2.90 16.99
CA GLU A 368 21.92 -3.92 17.31
C GLU A 368 20.55 -3.58 16.73
N MET A 369 20.21 -2.30 16.70
CA MET A 369 18.91 -1.89 16.17
C MET A 369 18.77 -2.24 14.70
N LEU A 370 19.84 -2.05 13.92
CA LEU A 370 19.79 -2.30 12.49
C LEU A 370 20.03 -3.75 12.12
N ASP A 371 20.27 -4.62 13.09
CA ASP A 371 20.52 -6.02 12.79
C ASP A 371 19.22 -6.75 12.50
N ASN A 372 19.25 -7.63 11.50
CA ASN A 372 18.05 -8.37 11.15
C ASN A 372 17.64 -9.34 12.24
N ASP A 373 18.61 -9.98 12.90
CA ASP A 373 18.33 -11.01 13.89
C ASP A 373 17.98 -10.43 15.24
N ILE A 374 18.89 -9.66 15.84
CA ILE A 374 18.72 -9.13 17.18
C ILE A 374 18.14 -7.72 17.19
N GLY A 375 17.67 -7.23 16.05
CA GLY A 375 17.09 -5.90 15.99
C GLY A 375 15.76 -5.89 15.26
N ILE A 376 15.46 -4.81 14.54
CA ILE A 376 14.28 -4.72 13.69
C ILE A 376 14.66 -4.56 12.23
N GLY A 377 15.95 -4.58 11.91
CA GLY A 377 16.40 -4.45 10.55
C GLY A 377 16.39 -3.01 10.09
N PRO A 378 16.94 -2.76 8.91
CA PRO A 378 16.97 -1.40 8.38
C PRO A 378 15.60 -1.00 7.83
N PRO A 379 15.40 0.27 7.50
CA PRO A 379 14.16 0.65 6.81
C PRO A 379 13.95 -0.17 5.54
N MET A 380 12.77 -0.06 4.94
CA MET A 380 12.41 -0.96 3.85
C MET A 380 12.96 -0.52 2.49
N ASN A 381 13.60 0.64 2.40
CA ASN A 381 14.21 1.08 1.16
C ASN A 381 15.73 0.94 1.16
N TYR A 382 16.32 0.46 2.24
CA TYR A 382 17.77 0.29 2.32
C TYR A 382 18.19 -0.97 1.56
N GLU A 383 19.30 -0.87 0.83
CA GLU A 383 19.76 -1.95 -0.04
C GLU A 383 20.87 -2.79 0.57
N ARG A 384 21.84 -2.18 1.22
CA ARG A 384 22.84 -2.97 1.93
C ARG A 384 22.16 -3.74 3.06
N PRO A 385 22.55 -5.00 3.29
CA PRO A 385 21.65 -5.93 3.95
C PRO A 385 20.19 -5.52 3.90
N ARG A 386 19.49 -5.84 2.81
CA ARG A 386 18.07 -5.59 2.75
C ARG A 386 17.37 -6.22 3.93
N ASN A 387 16.22 -5.67 4.29
CA ASN A 387 15.39 -6.27 5.32
C ASN A 387 14.82 -7.59 4.81
N ASN A 388 14.95 -8.65 5.60
CA ASN A 388 14.46 -9.96 5.20
C ASN A 388 13.08 -10.27 5.75
N ARG A 389 12.28 -9.26 6.07
CA ARG A 389 10.93 -9.47 6.53
C ARG A 389 9.93 -9.15 5.42
N SER A 390 8.76 -9.78 5.51
CA SER A 390 7.77 -9.74 4.43
C SER A 390 6.88 -8.51 4.52
N LEU A 391 7.32 -7.48 5.23
CA LEU A 391 6.58 -6.24 5.25
C LEU A 391 6.48 -5.67 3.84
N ASP A 392 5.35 -5.03 3.54
CA ASP A 392 5.09 -4.50 2.21
C ASP A 392 5.12 -2.98 2.25
N VAL A 393 5.65 -2.39 1.19
CA VAL A 393 5.96 -0.96 1.18
C VAL A 393 4.74 -0.16 0.78
N SER A 394 4.63 1.04 1.34
CA SER A 394 3.62 2.02 0.94
C SER A 394 4.29 3.39 0.85
N VAL A 395 3.96 4.12 -0.21
CA VAL A 395 4.68 5.36 -0.54
C VAL A 395 3.71 6.53 -0.67
N ASN A 396 2.60 6.48 0.04
CA ASN A 396 1.58 7.53 -0.08
C ASN A 396 2.04 8.76 0.68
N GLU A 397 2.45 9.79 -0.05
CA GLU A 397 2.94 11.02 0.56
C GLU A 397 1.83 12.02 0.90
N LEU A 398 0.60 11.77 0.46
CA LEU A 398 -0.55 12.57 0.86
C LEU A 398 -0.36 14.04 0.49
N LEU A 399 -0.30 14.30 -0.81
CA LEU A 399 -0.30 15.68 -1.30
C LEU A 399 -1.71 16.25 -1.23
N ASP A 400 -1.79 17.53 -0.86
CA ASP A 400 -3.08 18.20 -0.75
C ASP A 400 -3.78 18.24 -2.09
N ASN A 401 -5.12 18.17 -2.08
CA ASN A 401 -5.87 18.18 -3.33
C ASN A 401 -5.95 19.57 -3.93
N ASN A 402 -6.03 20.61 -3.10
CA ASN A 402 -6.09 21.96 -3.62
C ASN A 402 -4.83 22.33 -4.39
N VAL A 403 -3.66 21.93 -3.89
CA VAL A 403 -2.42 22.24 -4.59
C VAL A 403 -2.33 21.46 -5.89
N ARG A 404 -2.79 20.22 -5.88
CA ARG A 404 -2.82 19.43 -7.11
C ARG A 404 -3.69 20.10 -8.16
N ASP A 405 -4.87 20.57 -7.75
CA ASP A 405 -5.75 21.29 -8.68
C ASP A 405 -5.11 22.58 -9.17
N TYR A 406 -4.44 23.30 -8.27
CA TYR A 406 -3.78 24.54 -8.64
C TYR A 406 -2.75 24.29 -9.75
N PHE A 407 -1.90 23.29 -9.58
CA PHE A 407 -0.86 23.04 -10.56
C PHE A 407 -1.42 22.46 -11.85
N MET A 408 -2.46 21.63 -11.76
CA MET A 408 -3.06 21.12 -12.99
C MET A 408 -3.72 22.22 -13.80
N GLU A 409 -4.39 23.17 -13.14
CA GLU A 409 -4.96 24.31 -13.85
C GLU A 409 -3.87 25.17 -14.47
N LYS A 410 -2.77 25.40 -13.75
CA LYS A 410 -1.64 26.11 -14.34
C LYS A 410 -1.16 25.45 -15.62
N TYR A 411 -0.97 24.13 -15.58
CA TYR A 411 -0.48 23.41 -16.76
C TYR A 411 -1.46 23.51 -17.92
N PHE A 412 -2.75 23.32 -17.64
CA PHE A 412 -3.76 23.39 -18.70
C PHE A 412 -3.76 24.76 -19.36
N GLN A 413 -3.79 25.82 -18.57
CA GLN A 413 -3.86 27.15 -19.16
C GLN A 413 -2.56 27.51 -19.85
N ALA A 414 -1.44 26.91 -19.45
CA ALA A 414 -0.20 27.11 -20.19
C ALA A 414 -0.27 26.45 -21.57
N LEU A 415 -0.80 25.22 -21.63
CA LEU A 415 -0.91 24.55 -22.93
C LEU A 415 -1.87 25.29 -23.86
N LYS A 416 -3.02 25.72 -23.33
CA LYS A 416 -4.04 26.32 -24.19
C LYS A 416 -3.51 27.58 -24.88
N THR A 417 -2.78 28.42 -24.16
CA THR A 417 -2.31 29.70 -24.69
C THR A 417 -0.96 29.57 -25.37
N ASN A 418 -0.42 28.36 -25.48
CA ASN A 418 0.85 28.12 -26.17
C ASN A 418 2.01 28.89 -25.52
N SER A 419 1.93 29.06 -24.20
CA SER A 419 3.01 29.68 -23.44
C SER A 419 4.06 28.64 -23.09
N ARG A 420 5.29 29.08 -22.89
CA ARG A 420 6.41 28.19 -22.64
C ARG A 420 6.83 28.15 -21.18
N ASN A 421 6.09 28.79 -20.27
CA ASN A 421 6.48 28.83 -18.86
C ASN A 421 5.25 28.86 -17.98
N ILE A 422 5.45 28.45 -16.73
CA ILE A 422 4.44 28.48 -15.68
C ILE A 422 4.96 29.38 -14.57
N ALA A 423 4.20 30.40 -14.22
CA ALA A 423 4.63 31.39 -13.24
C ALA A 423 3.79 31.25 -11.98
N ILE A 424 4.46 31.04 -10.84
CA ILE A 424 3.80 30.98 -9.55
C ILE A 424 4.00 32.31 -8.84
N ARG A 425 3.06 32.66 -7.97
CA ARG A 425 3.04 33.99 -7.37
C ARG A 425 2.69 33.89 -5.90
N ASP A 426 3.12 34.90 -5.13
CA ASP A 426 2.91 34.87 -3.69
C ASP A 426 1.42 34.96 -3.34
N ASP A 427 0.69 35.85 -4.01
CA ASP A 427 -0.73 36.01 -3.70
C ASP A 427 -1.52 34.74 -4.04
N GLU A 428 -1.15 34.06 -5.11
CA GLU A 428 -1.83 32.81 -5.46
C GLU A 428 -1.58 31.74 -4.40
N ILE A 429 -0.34 31.62 -3.92
CA ILE A 429 -0.05 30.65 -2.88
C ILE A 429 -0.72 31.04 -1.57
N LYS A 430 -0.95 32.33 -1.37
CA LYS A 430 -1.62 32.78 -0.15
C LYS A 430 -3.04 32.26 -0.07
N ASN A 431 -3.75 32.21 -1.20
CA ASN A 431 -5.14 31.79 -1.22
C ASN A 431 -5.32 30.29 -1.03
N LEU A 432 -4.26 29.49 -1.13
CA LEU A 432 -4.38 28.05 -0.92
C LEU A 432 -4.64 27.69 0.52
N GLU A 433 -4.43 28.61 1.46
CA GLU A 433 -4.75 28.40 2.87
C GLU A 433 -3.92 27.25 3.45
N LEU A 434 -2.61 27.27 3.17
CA LEU A 434 -1.74 26.22 3.66
C LEU A 434 -1.33 26.47 5.11
N GLN A 435 -0.89 25.41 5.77
CA GLN A 435 -0.41 25.51 7.13
C GLN A 435 0.90 26.30 7.17
N LYS A 436 1.17 26.92 8.31
CA LYS A 436 2.39 27.72 8.46
C LYS A 436 3.53 26.84 8.98
N ILE A 437 4.75 27.12 8.50
CA ILE A 437 5.89 26.30 8.85
C ILE A 437 6.48 26.76 10.18
N ASP A 438 6.95 25.81 10.98
CA ASP A 438 7.53 26.10 12.28
C ASP A 438 9.04 26.32 12.17
N TYR A 439 9.56 27.15 13.07
CA TYR A 439 11.00 27.43 13.09
C TYR A 439 11.81 26.18 13.37
N GLU A 440 11.19 25.14 13.94
CA GLU A 440 11.92 23.92 14.26
C GLU A 440 12.08 22.99 13.07
N ASN A 441 11.38 23.25 11.97
CA ASN A 441 11.47 22.42 10.78
C ASN A 441 12.27 23.05 9.65
N ILE A 442 12.74 24.27 9.83
CA ILE A 442 13.54 24.93 8.78
C ILE A 442 14.96 24.38 8.83
N PRO A 443 15.54 23.94 7.72
CA PRO A 443 16.92 23.42 7.77
C PRO A 443 17.90 24.47 8.25
N ASP A 444 18.93 24.01 8.96
CA ASP A 444 19.89 24.92 9.57
C ASP A 444 20.78 25.61 8.55
N SER A 445 21.10 24.94 7.45
CA SER A 445 21.95 25.52 6.42
C SER A 445 21.66 24.84 5.10
N LEU A 446 22.07 25.48 4.01
CA LEU A 446 21.86 24.93 2.68
C LEU A 446 22.80 25.62 1.70
N GLU A 447 22.91 25.02 0.52
CA GLU A 447 23.65 25.60 -0.60
C GLU A 447 22.79 25.56 -1.85
N ILE A 448 22.98 26.54 -2.72
CA ILE A 448 22.24 26.63 -3.97
C ILE A 448 23.20 26.99 -5.09
N ASN A 449 23.09 26.29 -6.22
CA ASN A 449 23.90 26.55 -7.40
C ASN A 449 23.09 27.44 -8.35
N LEU A 450 23.70 28.55 -8.76
CA LEU A 450 23.02 29.54 -9.60
C LEU A 450 23.88 29.88 -10.80
N LEU A 451 23.26 29.93 -11.97
CA LEU A 451 23.87 30.56 -13.13
C LEU A 451 23.32 31.97 -13.25
N VAL A 452 24.20 32.96 -13.16
CA VAL A 452 23.82 34.37 -13.14
C VAL A 452 24.09 34.96 -14.51
N LYS A 453 23.09 35.60 -15.09
CA LYS A 453 23.21 36.29 -16.36
C LYS A 453 22.66 37.70 -16.21
N ASN A 454 23.34 38.67 -16.81
CA ASN A 454 22.86 40.04 -16.78
C ASN A 454 21.60 40.15 -17.61
N LYS A 455 20.57 40.76 -17.03
CA LYS A 455 19.25 40.75 -17.65
C LYS A 455 19.26 41.46 -19.00
N SER A 456 19.96 42.59 -19.07
CA SER A 456 20.03 43.35 -20.32
C SER A 456 21.25 44.26 -20.29
N GLU A 457 21.75 44.57 -21.49
CA GLU A 457 22.86 45.50 -21.65
C GLU A 457 22.39 46.94 -21.80
N ASP A 458 21.09 47.20 -21.72
CA ASP A 458 20.58 48.54 -21.98
C ASP A 458 21.14 49.57 -21.00
N ASN A 459 21.22 49.23 -19.72
CA ASN A 459 21.67 50.16 -18.70
C ASN A 459 22.86 49.66 -17.90
N LEU A 460 23.35 48.45 -18.17
CA LEU A 460 24.45 47.85 -17.40
C LEU A 460 24.11 47.75 -15.92
N SER A 461 22.82 47.78 -15.58
CA SER A 461 22.41 47.74 -14.19
C SER A 461 22.56 46.34 -13.63
N ASP A 462 22.68 46.26 -12.30
CA ASP A 462 22.82 44.98 -11.63
C ASP A 462 21.47 44.31 -11.44
N GLU A 463 20.72 44.13 -12.52
CA GLU A 463 19.50 43.35 -12.53
C GLU A 463 19.79 42.03 -13.22
N PHE A 464 19.78 40.93 -12.46
CA PHE A 464 20.26 39.65 -12.93
C PHE A 464 19.12 38.67 -13.12
N GLN A 465 19.35 37.70 -13.99
CA GLN A 465 18.45 36.59 -14.22
C GLN A 465 19.14 35.31 -13.75
N TYR A 466 18.48 34.57 -12.86
CA TYR A 466 19.07 33.41 -12.21
C TYR A 466 18.48 32.14 -12.78
N TYR A 467 19.33 31.13 -13.00
CA TYR A 467 18.91 29.80 -13.41
C TYR A 467 19.49 28.80 -12.42
N ILE A 468 18.63 28.15 -11.66
CA ILE A 468 19.10 27.15 -10.71
C ILE A 468 19.78 26.02 -11.47
N GLY A 469 20.96 25.62 -11.01
CA GLY A 469 21.77 24.66 -11.71
C GLY A 469 21.14 23.29 -11.75
N PRO A 470 21.68 22.40 -12.59
CA PRO A 470 21.08 21.06 -12.73
C PRO A 470 21.07 20.26 -11.44
N ASN A 471 22.06 20.44 -10.57
CA ASN A 471 22.18 19.67 -9.34
C ASN A 471 21.47 20.33 -8.16
N LEU A 472 21.11 21.61 -8.27
CA LEU A 472 20.24 22.30 -7.32
C LEU A 472 20.91 22.66 -6.00
N GLY A 473 22.12 22.16 -5.74
CA GLY A 473 22.78 22.47 -4.48
C GLY A 473 22.81 21.26 -3.56
N SER A 474 22.90 21.54 -2.27
CA SER A 474 23.05 20.49 -1.27
C SER A 474 22.25 20.84 -0.02
N THR A 475 22.28 19.92 0.95
CA THR A 475 21.48 20.03 2.16
C THR A 475 22.24 20.61 3.34
N SER A 476 23.50 21.00 3.16
CA SER A 476 24.27 21.56 4.26
C SER A 476 25.37 22.45 3.69
N ALA A 477 25.67 23.53 4.40
CA ALA A 477 26.72 24.44 3.96
C ALA A 477 28.08 23.81 4.14
N GLY A 478 28.99 24.07 3.20
CA GLY A 478 30.31 23.49 3.25
C GLY A 478 30.41 22.08 2.73
N LYS A 479 29.29 21.49 2.30
CA LYS A 479 29.33 20.15 1.74
C LYS A 479 29.94 20.15 0.34
N SER A 480 29.79 21.25 -0.39
CA SER A 480 30.38 21.35 -1.72
C SER A 480 31.81 21.87 -1.67
N PHE A 481 32.15 22.64 -0.64
CA PHE A 481 33.49 23.22 -0.54
C PHE A 481 34.51 22.23 -0.01
N GLY A 482 34.07 21.10 0.53
CA GLY A 482 34.99 20.19 1.20
C GLY A 482 36.05 19.65 0.28
N ARG A 483 35.68 19.31 -0.96
CA ARG A 483 36.62 18.68 -1.87
C ARG A 483 37.79 19.58 -2.19
N PHE A 484 37.61 20.90 -2.15
CA PHE A 484 38.61 21.85 -2.58
C PHE A 484 39.38 22.47 -1.44
N SER A 485 39.48 21.78 -0.30
CA SER A 485 40.14 22.34 0.87
C SER A 485 41.59 22.66 0.60
N HIS A 486 42.26 21.86 -0.25
CA HIS A 486 43.68 22.04 -0.49
C HIS A 486 43.98 23.21 -1.41
N MET A 487 42.96 23.81 -2.01
CA MET A 487 43.15 24.95 -2.91
C MET A 487 42.79 26.27 -2.27
N MET A 488 42.00 26.27 -1.20
CA MET A 488 41.67 27.51 -0.50
C MET A 488 42.91 28.11 0.13
N SER A 489 42.91 29.44 0.25
CA SER A 489 44.02 30.12 0.90
C SER A 489 44.18 29.66 2.35
N GLU A 490 43.10 29.69 3.12
CA GLU A 490 43.10 29.21 4.49
C GLU A 490 41.79 28.48 4.73
N PRO A 491 41.78 27.15 4.62
CA PRO A 491 40.50 26.43 4.72
C PRO A 491 39.95 26.37 6.13
N LYS A 492 40.81 26.47 7.15
CA LYS A 492 40.35 26.28 8.52
C LYS A 492 39.35 27.36 8.93
N LYS A 493 39.60 28.61 8.53
CA LYS A 493 38.74 29.70 8.96
C LYS A 493 37.33 29.56 8.41
N PHE A 494 37.17 28.83 7.29
CA PHE A 494 35.84 28.61 6.74
C PHE A 494 35.06 27.60 7.59
N PHE A 495 35.64 26.41 7.79
CA PHE A 495 34.95 25.39 8.55
C PHE A 495 34.83 25.76 10.02
N GLU A 496 35.78 26.54 10.54
CA GLU A 496 35.64 27.03 11.91
C GLU A 496 34.40 27.90 12.07
N GLU A 497 34.17 28.81 11.12
CA GLU A 497 32.96 29.64 11.16
C GLU A 497 31.71 28.79 11.03
N LEU A 498 31.72 27.81 10.12
CA LEU A 498 30.54 26.97 9.96
C LEU A 498 30.23 26.21 11.25
N ASP A 499 31.27 25.66 11.89
CA ASP A 499 31.08 24.93 13.14
C ASP A 499 30.56 25.84 14.24
N GLU A 500 31.10 27.06 14.31
CA GLU A 500 30.66 28.02 15.32
C GLU A 500 29.19 28.36 15.14
N ARG A 501 28.75 28.60 13.91
CA ARG A 501 27.35 28.90 13.66
C ARG A 501 26.46 27.70 14.00
N ASN A 502 26.89 26.50 13.63
CA ASN A 502 26.09 25.31 13.95
C ASN A 502 25.95 25.15 15.46
N ILE A 503 27.02 25.38 16.21
CA ILE A 503 26.92 25.31 17.66
C ILE A 503 25.97 26.38 18.19
N GLU A 504 26.05 27.60 17.64
CA GLU A 504 25.20 28.67 18.12
C GLU A 504 23.73 28.34 17.92
N LEU A 505 23.39 27.75 16.78
CA LEU A 505 21.98 27.46 16.49
C LEU A 505 21.36 26.44 17.44
N ILE A 506 22.15 25.56 18.04
CA ILE A 506 21.64 24.49 18.88
C ILE A 506 22.15 24.72 20.30
N ASP A 507 21.23 24.68 21.26
CA ASP A 507 21.57 24.96 22.66
C ASP A 507 22.49 23.87 23.18
N SER A 508 23.75 24.22 23.40
CA SER A 508 24.79 23.27 23.76
C SER A 508 24.69 22.87 25.23
N GLU A 509 25.76 22.28 25.75
CA GLU A 509 25.82 21.71 27.10
C GLU A 509 25.18 20.32 27.12
N GLU A 510 24.62 19.92 25.98
CA GLU A 510 24.19 18.54 25.79
C GLU A 510 24.60 17.99 24.44
N TYR A 511 25.16 18.83 23.56
CA TYR A 511 25.54 18.44 22.22
C TYR A 511 27.03 18.62 22.00
N VAL A 512 27.59 17.80 21.12
CA VAL A 512 28.93 17.98 20.59
C VAL A 512 28.87 17.75 19.09
N THR A 513 29.91 18.19 18.39
CA THR A 513 30.02 18.00 16.96
C THR A 513 30.93 16.83 16.65
N CYS A 514 30.51 15.99 15.69
CA CYS A 514 31.26 14.80 15.31
C CYS A 514 31.30 14.71 13.79
N GLU A 515 32.45 14.30 13.26
CA GLU A 515 32.64 14.14 11.82
C GLU A 515 32.75 12.66 11.49
N ILE A 516 31.99 12.22 10.50
CA ILE A 516 32.01 10.83 10.06
C ILE A 516 32.87 10.71 8.81
N SER A 517 33.96 9.96 8.92
CA SER A 517 34.87 9.70 7.81
C SER A 517 35.00 8.19 7.67
N TYR A 518 34.98 7.69 6.43
CA TYR A 518 35.05 6.26 6.22
C TYR A 518 35.59 5.98 4.82
N LEU A 519 36.40 4.92 4.72
CA LEU A 519 37.10 4.60 3.49
C LEU A 519 36.34 3.50 2.75
N PRO A 520 35.69 3.80 1.63
CA PRO A 520 34.84 2.79 0.99
C PRO A 520 35.64 1.61 0.48
N SER A 521 34.91 0.59 0.01
CA SER A 521 35.56 -0.59 -0.54
C SER A 521 36.22 -0.27 -1.88
N GLU A 522 35.49 0.39 -2.78
CA GLU A 522 36.03 0.83 -4.06
C GLU A 522 36.69 2.18 -3.83
N VAL A 523 37.99 2.15 -3.51
CA VAL A 523 38.72 3.35 -3.12
C VAL A 523 38.74 4.40 -4.23
N ARG A 524 38.33 4.03 -5.45
CA ARG A 524 38.22 5.03 -6.51
C ARG A 524 37.15 6.06 -6.19
N ASN A 525 36.18 5.72 -5.34
CA ASN A 525 35.14 6.63 -4.94
C ASN A 525 35.53 7.50 -3.75
N ALA A 526 36.70 7.30 -3.18
CA ALA A 526 37.14 8.06 -2.02
C ALA A 526 37.92 9.31 -2.37
N ASN A 527 38.23 9.53 -3.65
CA ASN A 527 38.98 10.72 -4.03
C ASN A 527 38.20 12.00 -3.78
N VAL A 528 36.87 11.91 -3.72
CA VAL A 528 36.05 13.08 -3.40
C VAL A 528 35.78 13.19 -1.91
N THR A 529 36.23 12.23 -1.11
CA THR A 529 36.02 12.22 0.33
C THR A 529 37.17 12.85 1.10
N ARG A 530 38.23 13.29 0.42
CA ARG A 530 39.34 13.96 1.08
C ARG A 530 38.94 15.39 1.39
N ASN A 531 38.84 15.73 2.67
CA ASN A 531 38.40 17.08 3.04
C ASN A 531 38.83 17.38 4.47
N ILE A 532 38.79 18.66 4.80
CA ILE A 532 39.07 19.13 6.15
C ILE A 532 37.77 19.28 6.94
N HIS A 533 37.88 19.34 8.26
CA HIS A 533 36.74 19.64 9.11
C HIS A 533 37.24 20.31 10.38
N SER A 534 36.32 21.00 11.07
CA SER A 534 36.62 21.62 12.35
C SER A 534 35.74 21.12 13.49
N SER A 535 35.14 19.95 13.33
CA SER A 535 34.34 19.37 14.41
C SER A 535 35.23 18.95 15.56
N GLU A 536 34.63 18.86 16.75
CA GLU A 536 35.41 18.55 17.94
C GLU A 536 35.89 17.10 17.96
N TYR A 537 34.99 16.15 17.67
CA TYR A 537 35.29 14.73 17.68
C TYR A 537 35.29 14.19 16.25
N GLU A 538 35.74 12.96 16.11
CA GLU A 538 35.79 12.31 14.81
C GLU A 538 35.56 10.82 14.95
N MET A 539 34.99 10.21 13.91
CA MET A 539 34.81 8.77 13.82
C MET A 539 35.33 8.32 12.45
N SER A 540 36.47 7.64 12.44
CA SER A 540 37.11 7.18 11.22
C SER A 540 37.02 5.67 11.15
N LEU A 541 36.49 5.15 10.04
CA LEU A 541 36.31 3.72 9.85
C LEU A 541 37.22 3.23 8.73
N PHE A 542 38.02 2.21 9.04
CA PHE A 542 38.96 1.58 8.12
C PHE A 542 40.15 2.47 7.78
N THR A 543 40.39 3.52 8.55
CA THR A 543 41.57 4.35 8.39
C THR A 543 41.91 5.00 9.72
N ASN A 544 43.11 5.57 9.79
CA ASN A 544 43.53 6.27 10.99
C ASN A 544 42.88 7.64 11.06
N GLY A 545 42.67 8.12 12.29
CA GLY A 545 42.08 9.43 12.47
C GLY A 545 43.13 10.51 12.70
N SER A 546 42.70 11.75 12.50
CA SER A 546 43.57 12.89 12.75
C SER A 546 43.49 13.38 14.20
N LYS A 547 42.58 12.84 14.99
CA LYS A 547 42.36 13.29 16.35
C LYS A 547 43.13 12.42 17.35
N ASP A 548 43.35 12.98 18.53
CA ASP A 548 43.92 12.21 19.63
C ASP A 548 42.89 11.19 20.13
N ASN A 549 43.38 10.17 20.84
CA ASN A 549 42.48 9.14 21.34
C ASN A 549 41.44 9.70 22.30
N LEU A 550 41.66 10.91 22.82
CA LEU A 550 40.67 11.54 23.69
C LEU A 550 39.46 12.01 22.91
N TYR A 551 39.63 12.29 21.61
CA TYR A 551 38.56 12.75 20.75
C TYR A 551 38.20 11.74 19.68
N ARG A 552 38.14 10.46 20.05
CA ARG A 552 37.91 9.37 19.11
C ARG A 552 36.61 8.66 19.50
N ILE A 553 35.73 8.47 18.52
CA ILE A 553 34.43 7.85 18.74
C ILE A 553 34.43 6.48 18.06
N LYS A 554 33.87 5.48 18.74
CA LYS A 554 33.69 4.15 18.17
C LYS A 554 32.25 4.00 17.67
N LEU A 555 32.08 3.12 16.67
CA LEU A 555 30.76 2.93 16.11
C LEU A 555 29.86 2.11 17.01
N ASN A 556 30.45 1.23 17.84
CA ASN A 556 29.68 0.48 18.81
C ASN A 556 29.37 1.27 20.07
N ASP A 557 29.51 2.59 20.03
CA ASP A 557 29.25 3.45 21.17
C ASP A 557 28.03 4.34 20.99
N ILE A 558 27.43 4.37 19.80
CA ILE A 558 26.32 5.26 19.49
C ILE A 558 25.02 4.59 19.92
N TYR A 559 24.13 5.35 20.54
CA TYR A 559 22.84 4.87 21.01
C TYR A 559 21.73 5.74 20.44
N ILE A 560 20.65 5.10 20.01
CA ILE A 560 19.56 5.76 19.30
C ILE A 560 18.37 5.89 20.24
N GLY A 561 17.64 7.01 20.13
CA GLY A 561 16.44 7.21 20.91
C GLY A 561 15.46 8.09 20.17
N LEU A 562 14.24 8.17 20.72
CA LEU A 562 13.18 9.01 20.20
C LEU A 562 12.81 10.07 21.23
N GLU A 563 12.87 11.34 20.84
CA GLU A 563 12.43 12.43 21.68
C GLU A 563 11.64 13.42 20.84
N ASN A 564 10.41 13.69 21.26
CA ASN A 564 9.49 14.53 20.49
C ASN A 564 9.27 13.93 19.10
N ASN A 565 9.24 12.60 19.03
CA ASN A 565 8.99 11.88 17.78
C ASN A 565 10.04 12.19 16.72
N THR A 566 11.31 12.32 17.12
CA THR A 566 12.41 12.49 16.20
C THR A 566 13.64 11.80 16.75
N PHE A 567 14.34 11.07 15.88
CA PHE A 567 15.51 10.31 16.29
C PHE A 567 16.65 11.23 16.72
N TYR A 568 17.50 10.71 17.60
CA TYR A 568 18.75 11.38 17.94
C TYR A 568 19.79 10.32 18.27
N ALA A 569 21.06 10.71 18.19
CA ALA A 569 22.18 9.83 18.48
C ALA A 569 22.93 10.35 19.70
N LYS A 570 23.41 9.43 20.52
CA LYS A 570 24.07 9.77 21.77
C LYS A 570 25.31 8.93 21.95
N SER A 571 26.29 9.46 22.67
CA SER A 571 27.51 8.73 22.98
C SER A 571 27.47 8.30 24.44
N LYS A 572 27.59 6.99 24.69
CA LYS A 572 27.48 6.51 26.05
C LYS A 572 28.65 6.99 26.91
N THR A 573 29.87 6.93 26.39
CA THR A 573 31.03 7.33 27.18
C THR A 573 31.02 8.83 27.47
N LEU A 574 30.73 9.64 26.46
CA LEU A 574 30.67 11.09 26.66
C LEU A 574 29.41 11.52 27.39
N ASN A 575 28.32 10.80 27.22
CA ASN A 575 27.02 11.20 27.76
C ASN A 575 26.55 12.50 27.13
N LYS A 576 26.92 12.71 25.86
CA LYS A 576 26.54 13.88 25.10
C LYS A 576 25.86 13.43 23.82
N LYS A 577 24.84 14.18 23.40
CA LYS A 577 24.25 13.94 22.09
C LYS A 577 25.19 14.40 21.00
N LEU A 578 25.13 13.73 19.85
CA LEU A 578 26.06 13.96 18.76
C LEU A 578 25.40 14.80 17.68
N LEU A 579 26.13 15.81 17.20
CA LEU A 579 25.68 16.65 16.09
C LEU A 579 26.55 16.28 14.90
N LEU A 580 26.08 15.34 14.09
CA LEU A 580 26.91 14.69 13.10
C LEU A 580 27.01 15.53 11.82
N THR A 581 28.18 15.49 11.20
CA THR A 581 28.45 16.25 9.98
C THR A 581 29.21 15.37 9.00
N ILE A 582 29.00 15.62 7.71
CA ILE A 582 29.76 14.98 6.65
C ILE A 582 30.06 16.04 5.60
N ASN A 583 31.28 16.56 5.57
CA ASN A 583 31.61 17.69 4.73
C ASN A 583 32.07 17.26 3.35
N ASN A 584 31.30 16.40 2.68
CA ASN A 584 31.60 16.02 1.31
C ASN A 584 30.33 15.48 0.66
N MET A 585 30.37 15.37 -0.67
CA MET A 585 29.20 15.01 -1.46
C MET A 585 29.09 13.52 -1.67
N LEU A 586 29.57 12.71 -0.73
CA LEU A 586 29.35 11.28 -0.79
C LEU A 586 27.87 10.98 -0.88
N ASN A 587 27.50 10.06 -1.77
CA ASN A 587 26.11 9.68 -1.92
C ASN A 587 25.73 8.70 -0.82
N PRO A 588 24.79 9.03 0.07
CA PRO A 588 24.46 8.08 1.15
C PRO A 588 23.91 6.75 0.66
N GLN A 589 23.14 6.75 -0.43
CA GLN A 589 22.44 5.54 -0.83
C GLN A 589 23.38 4.39 -1.17
N THR A 590 24.64 4.68 -1.45
CA THR A 590 25.61 3.63 -1.73
C THR A 590 26.41 3.21 -0.51
N ALA A 591 26.17 3.84 0.64
CA ALA A 591 26.92 3.54 1.85
C ALA A 591 26.29 2.40 2.63
N PRO A 592 27.01 1.81 3.58
CA PRO A 592 26.41 0.80 4.44
C PRO A 592 25.23 1.35 5.23
N ASN A 593 24.46 0.45 5.83
CA ASN A 593 23.26 0.86 6.54
C ASN A 593 23.58 1.75 7.73
N ALA A 594 24.68 1.46 8.43
CA ALA A 594 25.04 2.28 9.59
C ALA A 594 25.37 3.70 9.20
N ILE A 595 26.16 3.88 8.14
CA ILE A 595 26.54 5.22 7.69
C ILE A 595 25.35 5.93 7.08
N ARG A 596 24.50 5.20 6.33
CA ARG A 596 23.36 5.85 5.68
C ARG A 596 22.32 6.30 6.71
N PHE A 597 22.17 5.55 7.80
CA PHE A 597 21.16 5.91 8.80
C PHE A 597 21.57 7.15 9.57
N LEU A 598 22.85 7.29 9.92
CA LEU A 598 23.29 8.47 10.65
C LEU A 598 23.10 9.73 9.82
N ASN A 599 23.23 9.63 8.50
CA ASN A 599 22.99 10.78 7.64
C ASN A 599 21.52 11.21 7.69
N ASP A 600 20.61 10.23 7.71
CA ASP A 600 19.19 10.55 7.76
C ASP A 600 18.80 11.18 9.09
N ILE A 601 19.42 10.73 10.18
CA ILE A 601 19.10 11.27 11.51
C ILE A 601 19.31 12.77 11.54
N SER A 602 20.39 13.26 10.93
CA SER A 602 20.72 14.67 11.00
C SER A 602 19.71 15.54 10.27
N LEU A 603 18.94 15.00 9.33
CA LEU A 603 17.91 15.73 8.61
C LEU A 603 16.50 15.37 9.07
N ASP A 604 16.36 14.62 10.16
CA ASP A 604 15.05 14.15 10.57
C ASP A 604 14.15 15.32 10.93
N GLU A 605 12.95 15.34 10.34
CA GLU A 605 11.93 16.33 10.60
C GLU A 605 12.27 17.71 10.07
N LYS A 606 13.26 17.83 9.20
CA LYS A 606 13.58 19.09 8.53
C LYS A 606 13.13 19.01 7.08
N LYS A 607 12.55 20.10 6.59
CA LYS A 607 12.08 20.13 5.20
C LYS A 607 13.27 20.17 4.26
N LEU A 608 13.20 19.36 3.20
CA LEU A 608 14.20 19.36 2.15
C LEU A 608 13.78 20.36 1.09
N TRP A 609 14.62 21.36 0.83
CA TRP A 609 14.16 22.52 0.08
C TRP A 609 14.04 22.22 -1.42
N TYR A 610 14.82 21.28 -1.96
CA TYR A 610 14.74 20.95 -3.37
C TYR A 610 13.95 19.68 -3.64
N LYS A 611 12.97 19.38 -2.79
CA LYS A 611 11.95 18.37 -3.11
C LYS A 611 10.67 19.11 -3.48
N PHE A 612 10.50 19.30 -4.79
CA PHE A 612 9.45 20.19 -5.28
C PHE A 612 8.09 19.50 -5.24
N VAL A 613 7.05 20.27 -4.89
CA VAL A 613 5.72 19.70 -4.75
C VAL A 613 5.20 19.22 -6.10
N TRP A 614 5.44 19.99 -7.15
CA TRP A 614 4.86 19.72 -8.46
C TRP A 614 5.51 18.53 -9.17
N SER A 615 6.61 18.00 -8.64
CA SER A 615 7.28 16.89 -9.31
C SER A 615 6.38 15.67 -9.43
N ASP A 616 5.54 15.41 -8.42
CA ASP A 616 4.64 14.27 -8.49
C ASP A 616 3.45 14.52 -9.40
N VAL A 617 3.02 15.78 -9.53
CA VAL A 617 1.87 16.09 -10.37
C VAL A 617 2.21 15.85 -11.84
N TYR A 618 3.38 16.30 -12.28
CA TYR A 618 3.75 16.33 -13.68
C TYR A 618 4.57 15.12 -14.11
N LYS A 619 4.69 14.10 -13.27
CA LYS A 619 5.60 13.00 -13.58
C LYS A 619 5.12 12.20 -14.79
N ASP A 620 3.83 12.24 -15.10
CA ASP A 620 3.29 11.42 -16.18
C ASP A 620 3.28 12.13 -17.53
N PHE A 621 3.73 13.38 -17.60
CA PHE A 621 3.68 14.14 -18.84
C PHE A 621 4.98 14.01 -19.61
N SER A 622 4.88 14.08 -20.94
CA SER A 622 6.03 14.04 -21.82
C SER A 622 6.54 15.42 -22.21
N TYR A 623 5.94 16.49 -21.69
CA TYR A 623 6.38 17.84 -21.94
C TYR A 623 5.95 18.71 -20.78
N ILE A 624 6.88 19.48 -20.22
CA ILE A 624 6.62 20.31 -19.06
C ILE A 624 7.20 21.69 -19.30
N PRO A 625 6.43 22.77 -19.19
CA PRO A 625 7.00 24.10 -19.40
C PRO A 625 7.90 24.53 -18.25
N ALA A 626 8.68 25.56 -18.51
CA ALA A 626 9.55 26.11 -17.48
C ALA A 626 8.73 26.65 -16.32
N ILE A 627 9.17 26.38 -15.11
CA ILE A 627 8.53 26.87 -13.89
C ILE A 627 9.42 27.94 -13.29
N LYS A 628 8.90 29.15 -13.15
CA LYS A 628 9.69 30.27 -12.72
C LYS A 628 8.94 31.08 -11.68
N TYR A 629 9.71 31.91 -10.96
CA TYR A 629 9.17 32.74 -9.90
C TYR A 629 9.95 34.05 -9.90
N LYS A 630 9.27 35.15 -10.25
CA LYS A 630 9.94 36.43 -10.38
C LYS A 630 11.11 36.30 -11.35
N ASN A 631 12.34 36.46 -10.87
CA ASN A 631 13.52 36.39 -11.73
C ASN A 631 14.32 35.12 -11.51
N PHE A 632 13.68 34.03 -11.13
CA PHE A 632 14.29 32.72 -11.00
C PHE A 632 13.63 31.76 -11.98
N VAL A 633 14.43 30.95 -12.67
CA VAL A 633 13.92 29.83 -13.45
C VAL A 633 14.22 28.57 -12.65
N ILE A 634 13.23 28.11 -11.88
CA ILE A 634 13.46 27.01 -10.96
C ILE A 634 13.67 25.70 -11.71
N MET A 635 12.97 25.50 -12.81
CA MET A 635 13.12 24.33 -13.65
C MET A 635 13.17 24.75 -15.11
N PRO A 636 13.96 24.07 -15.94
CA PRO A 636 13.95 24.38 -17.37
C PRO A 636 12.87 23.60 -18.10
N GLU A 637 12.55 24.09 -19.29
CA GLU A 637 11.60 23.39 -20.14
C GLU A 637 12.18 22.04 -20.55
N THR A 638 11.38 20.99 -20.45
CA THR A 638 11.88 19.64 -20.65
C THR A 638 10.96 18.83 -21.54
N TRP A 639 11.58 18.03 -22.42
CA TRP A 639 10.91 17.05 -23.25
C TRP A 639 11.50 15.68 -22.98
N LYS A 640 10.68 14.64 -23.06
CA LYS A 640 11.16 13.28 -22.90
C LYS A 640 10.47 12.38 -23.92
N MET A 641 11.19 11.34 -24.32
CA MET A 641 10.81 10.49 -25.45
C MET A 641 10.47 9.09 -24.98
N ASN A 642 9.42 8.52 -25.57
CA ASN A 642 8.96 7.19 -25.24
C ASN A 642 8.63 6.45 -26.53
N LYS A 643 8.10 5.24 -26.40
CA LYS A 643 7.83 4.41 -27.57
C LYS A 643 6.68 4.94 -28.41
N ILE A 644 5.88 5.86 -27.88
CA ILE A 644 4.70 6.31 -28.62
C ILE A 644 5.05 7.44 -29.58
N ASN A 645 5.84 8.41 -29.13
CA ASN A 645 6.18 9.55 -29.96
C ASN A 645 7.51 9.39 -30.68
N MET A 646 8.39 8.50 -30.22
CA MET A 646 9.65 8.18 -30.90
C MET A 646 9.71 6.66 -31.06
N LYS A 647 9.13 6.17 -32.15
CA LYS A 647 9.08 4.74 -32.41
C LYS A 647 10.40 4.25 -33.01
N ILE A 648 11.40 4.04 -32.16
CA ILE A 648 12.75 3.70 -32.59
C ILE A 648 13.06 2.28 -32.12
N ASN A 649 13.48 1.44 -33.07
CA ASN A 649 13.95 0.10 -32.75
C ASN A 649 15.47 0.13 -32.54
N LYS A 650 15.97 -0.92 -31.88
CA LYS A 650 17.40 -1.03 -31.64
C LYS A 650 18.19 -1.27 -32.92
N LYS A 651 17.51 -1.58 -34.03
CA LYS A 651 18.15 -1.76 -35.33
C LYS A 651 17.74 -0.68 -36.32
N THR A 652 17.13 0.42 -35.87
CA THR A 652 16.73 1.47 -36.77
C THR A 652 17.93 2.10 -37.45
N GLU A 653 17.80 2.38 -38.73
CA GLU A 653 18.89 2.96 -39.51
C GLU A 653 18.83 4.48 -39.44
N PHE A 654 20.01 5.10 -39.48
CA PHE A 654 20.07 6.54 -39.59
C PHE A 654 19.45 6.98 -40.92
N ASN A 655 19.09 8.26 -40.99
CA ASN A 655 18.37 8.84 -42.13
C ASN A 655 16.90 8.44 -42.11
N GLU A 656 16.53 7.54 -41.20
CA GLU A 656 15.12 7.37 -40.85
C GLU A 656 14.86 7.96 -39.48
N PHE A 657 15.76 7.71 -38.53
CA PHE A 657 15.73 8.42 -37.26
C PHE A 657 15.69 9.93 -37.48
N LYS A 658 16.42 10.41 -38.48
CA LYS A 658 16.45 11.85 -38.76
C LYS A 658 15.06 12.35 -39.16
N ASN A 659 14.41 11.63 -40.09
CA ASN A 659 13.11 12.07 -40.56
C ASN A 659 12.05 11.96 -39.47
N GLN A 660 12.21 10.99 -38.57
CA GLN A 660 11.30 10.85 -37.44
C GLN A 660 11.52 11.97 -36.41
N PHE A 661 12.79 12.30 -36.14
CA PHE A 661 13.09 13.32 -35.16
C PHE A 661 12.69 14.71 -35.65
N ASN A 662 12.74 14.95 -36.96
CA ASN A 662 12.24 16.23 -37.46
C ASN A 662 10.75 16.38 -37.23
N ASP A 663 9.97 15.32 -37.45
CA ASP A 663 8.56 15.35 -37.12
C ASP A 663 8.34 15.59 -35.64
N TYR A 664 9.13 14.91 -34.79
CA TYR A 664 9.05 15.14 -33.35
C TYR A 664 9.29 16.60 -33.01
N ARG A 665 10.35 17.18 -33.57
CA ARG A 665 10.66 18.58 -33.31
C ARG A 665 9.51 19.50 -33.71
N ILE A 666 8.96 19.30 -34.91
CA ILE A 666 7.89 20.19 -35.35
C ILE A 666 6.64 20.01 -34.50
N LYS A 667 6.38 18.78 -34.06
CA LYS A 667 5.17 18.53 -33.28
C LYS A 667 5.25 19.14 -31.89
N TYR A 668 6.38 18.97 -31.20
CA TYR A 668 6.52 19.44 -29.83
C TYR A 668 7.23 20.78 -29.72
N GLY A 669 7.70 21.35 -30.82
CA GLY A 669 8.36 22.65 -30.78
C GLY A 669 9.68 22.66 -30.03
N VAL A 670 10.53 21.67 -30.25
CA VAL A 670 11.85 21.62 -29.62
C VAL A 670 12.71 22.74 -30.18
N PRO A 671 13.36 23.57 -29.36
CA PRO A 671 14.20 24.63 -29.90
C PRO A 671 15.49 24.11 -30.48
N GLN A 672 16.32 25.04 -30.96
CA GLN A 672 17.53 24.65 -31.67
C GLN A 672 18.58 24.08 -30.73
N TYR A 673 18.79 24.72 -29.58
CA TYR A 673 19.80 24.30 -28.61
C TYR A 673 19.12 23.64 -27.43
N VAL A 674 19.59 22.43 -27.08
CA VAL A 674 19.07 21.68 -25.95
C VAL A 674 20.22 20.97 -25.24
N TYR A 675 19.96 20.56 -24.01
CA TYR A 675 20.89 19.75 -23.23
C TYR A 675 20.42 18.30 -23.22
N ILE A 676 21.31 17.38 -23.60
CA ILE A 676 21.04 15.96 -23.44
C ILE A 676 21.57 15.57 -22.07
N THR A 677 20.67 15.29 -21.13
CA THR A 677 21.07 15.04 -19.75
C THR A 677 22.08 13.90 -19.68
N PHE A 678 22.87 13.92 -18.59
CA PHE A 678 24.00 13.02 -18.36
C PHE A 678 25.29 13.67 -18.89
N ALA A 679 26.19 12.88 -19.47
CA ALA A 679 27.53 13.34 -19.82
C ALA A 679 27.70 13.73 -21.28
N ASP A 680 26.60 13.96 -22.01
CA ASP A 680 26.67 14.41 -23.40
C ASP A 680 26.32 15.88 -23.55
N ASN A 681 25.23 16.31 -22.93
CA ASN A 681 24.89 17.73 -22.68
C ASN A 681 24.79 18.48 -24.01
N ARG A 682 25.19 19.75 -24.08
CA ARG A 682 24.62 20.68 -25.04
C ARG A 682 24.74 20.17 -26.48
N ILE A 683 23.64 20.27 -27.21
CA ILE A 683 23.50 19.72 -28.55
C ILE A 683 22.89 20.79 -29.45
N LEU A 684 23.47 20.99 -30.62
CA LEU A 684 22.90 21.87 -31.64
C LEU A 684 22.16 21.00 -32.66
N LEU A 685 20.83 21.09 -32.66
CA LEU A 685 20.03 20.14 -33.42
C LEU A 685 20.03 20.42 -34.91
N ASN A 686 20.54 21.57 -35.35
CA ASN A 686 20.66 21.88 -36.76
C ASN A 686 21.99 21.44 -37.35
N LEU A 687 22.63 20.43 -36.77
CA LEU A 687 23.90 19.90 -37.26
C LEU A 687 23.81 18.38 -37.30
N ASP A 688 24.51 17.77 -38.26
CA ASP A 688 24.41 16.33 -38.44
C ASP A 688 25.18 15.56 -37.36
N ASP A 689 26.35 16.04 -36.97
CA ASP A 689 27.13 15.33 -35.96
C ASP A 689 26.43 15.31 -34.62
N GLU A 690 25.75 16.41 -34.27
CA GLU A 690 25.01 16.45 -33.02
C GLU A 690 23.88 15.44 -33.02
N GLN A 691 23.15 15.32 -34.14
CA GLN A 691 22.10 14.31 -34.21
C GLN A 691 22.67 12.91 -34.24
N CYS A 692 23.89 12.73 -34.76
CA CYS A 692 24.54 11.43 -34.68
C CYS A 692 24.84 11.07 -33.23
N VAL A 693 25.33 12.03 -32.45
CA VAL A 693 25.49 11.82 -31.02
C VAL A 693 24.15 11.46 -30.38
N LYS A 694 23.11 12.16 -30.79
CA LYS A 694 21.79 11.94 -30.22
C LYS A 694 21.30 10.52 -30.48
N ILE A 695 21.48 10.03 -31.72
CA ILE A 695 21.02 8.69 -32.05
C ILE A 695 21.85 7.63 -31.33
N LEU A 696 23.16 7.83 -31.26
CA LEU A 696 23.98 6.88 -30.51
C LEU A 696 23.51 6.77 -29.06
N TYR A 697 23.28 7.92 -28.42
CA TYR A 697 22.81 7.94 -27.05
C TYR A 697 21.43 7.28 -26.94
N HIS A 698 20.56 7.56 -27.91
CA HIS A 698 19.20 7.04 -27.86
C HIS A 698 19.19 5.52 -27.97
N GLU A 699 20.01 4.96 -28.86
CA GLU A 699 20.09 3.51 -28.99
C GLU A 699 20.72 2.88 -27.75
N CYS A 700 21.82 3.46 -27.25
CA CYS A 700 22.45 2.89 -26.07
C CYS A 700 21.54 2.96 -24.85
N LYS A 701 20.66 3.96 -24.79
CA LYS A 701 19.77 4.17 -23.66
C LYS A 701 18.42 3.47 -23.81
N ASN A 702 18.23 2.69 -24.87
CA ASN A 702 16.99 1.95 -25.09
C ASN A 702 15.81 2.90 -25.29
N SER A 703 16.08 4.13 -25.71
CA SER A 703 15.07 5.10 -26.15
C SER A 703 14.20 5.63 -25.03
N PHE A 704 14.42 5.18 -23.78
CA PHE A 704 13.60 5.66 -22.67
C PHE A 704 14.47 6.15 -21.51
N ASN A 705 15.60 5.47 -21.27
CA ASN A 705 16.36 5.69 -20.06
C ASN A 705 17.03 7.06 -20.08
N GLU A 706 16.49 8.00 -19.31
CA GLU A 706 17.13 9.29 -19.07
C GLU A 706 17.42 10.02 -20.38
N ILE A 707 16.58 9.82 -21.39
CA ILE A 707 16.65 10.63 -22.60
C ILE A 707 15.74 11.83 -22.39
N ILE A 708 16.26 12.86 -21.72
CA ILE A 708 15.50 14.05 -21.36
C ILE A 708 16.22 15.25 -21.94
N LEU A 709 15.50 16.05 -22.71
CA LEU A 709 16.04 17.25 -23.33
C LEU A 709 15.59 18.46 -22.54
N ASN A 710 16.54 19.35 -22.24
CA ASN A 710 16.25 20.59 -21.52
C ASN A 710 16.61 21.77 -22.39
N SER A 711 15.87 22.86 -22.25
CA SER A 711 16.16 24.05 -23.02
C SER A 711 17.41 24.74 -22.51
N TYR A 712 18.00 25.55 -23.37
CA TYR A 712 19.22 26.26 -23.04
C TYR A 712 18.89 27.64 -22.45
N GLU A 713 19.82 28.17 -21.65
CA GLU A 713 19.63 29.47 -21.02
C GLU A 713 19.78 30.58 -22.07
N GLU A 714 18.77 30.77 -22.89
CA GLU A 714 18.87 31.60 -24.09
C GLU A 714 18.36 33.03 -23.90
N GLU A 715 18.50 33.62 -22.72
CA GLU A 715 18.20 35.03 -22.57
C GLU A 715 19.14 35.66 -21.54
N GLY A 716 19.49 36.91 -21.78
CA GLY A 716 20.50 37.59 -20.98
C GLY A 716 21.89 37.41 -21.55
N VAL A 717 22.85 38.04 -20.88
CA VAL A 717 24.26 37.94 -21.26
C VAL A 717 25.06 37.49 -20.05
N ASN A 718 26.23 36.91 -20.32
CA ASN A 718 27.08 36.43 -19.25
C ASN A 718 27.79 37.59 -18.55
N ILE A 719 28.29 37.33 -17.35
CA ILE A 719 28.87 38.39 -16.53
C ILE A 719 30.39 38.33 -16.44
N VAL A 720 31.01 37.19 -16.70
CA VAL A 720 32.46 37.03 -16.66
C VAL A 720 33.01 37.29 -18.06
N LYS A 721 33.98 38.19 -18.16
CA LYS A 721 34.58 38.55 -19.43
C LYS A 721 36.09 38.64 -19.30
N GLU A 722 36.78 38.13 -20.31
CA GLU A 722 38.22 38.32 -20.47
C GLU A 722 38.42 39.26 -21.65
N SER A 723 38.70 40.53 -21.36
CA SER A 723 38.77 41.56 -22.39
C SER A 723 37.42 41.71 -23.09
N HIS A 724 37.12 40.80 -24.03
CA HIS A 724 35.86 40.86 -24.76
C HIS A 724 35.22 39.49 -24.99
N LYS A 725 35.77 38.43 -24.42
CA LYS A 725 35.23 37.08 -24.60
C LYS A 725 34.37 36.72 -23.38
N ASP A 726 33.20 36.18 -23.64
CA ASP A 726 32.29 35.80 -22.56
C ASP A 726 32.61 34.39 -22.07
N TYR A 727 32.45 34.20 -20.76
CA TYR A 727 32.59 32.90 -20.11
C TYR A 727 31.32 32.58 -19.36
N ILE A 728 30.92 31.30 -19.37
CA ILE A 728 29.78 30.87 -18.60
C ILE A 728 30.19 30.64 -17.15
N CYS A 729 29.43 31.21 -16.21
CA CYS A 729 29.80 31.25 -14.81
C CYS A 729 28.70 30.69 -13.95
N GLU A 730 29.10 30.00 -12.87
CA GLU A 730 28.18 29.42 -11.90
C GLU A 730 28.63 29.76 -10.49
N LEU A 731 27.69 30.05 -9.62
CA LEU A 731 27.95 30.43 -8.23
C LEU A 731 27.38 29.39 -7.29
N VAL A 732 28.08 29.13 -6.19
CA VAL A 732 27.60 28.29 -5.12
C VAL A 732 27.53 29.14 -3.86
N ILE A 733 26.31 29.33 -3.35
CA ILE A 733 26.01 30.30 -2.28
C ILE A 733 25.67 29.52 -1.02
N PRO A 734 26.56 29.44 -0.03
CA PRO A 734 26.17 28.80 1.23
C PRO A 734 25.46 29.76 2.17
N LEU A 735 24.39 29.31 2.81
CA LEU A 735 23.57 30.14 3.69
C LEU A 735 23.38 29.45 5.02
N THR A 736 23.14 30.26 6.06
CA THR A 736 22.91 29.76 7.41
C THR A 736 21.67 30.40 8.00
N LYS A 737 21.02 29.66 8.88
CA LYS A 737 19.77 30.08 9.49
C LYS A 737 19.98 31.19 10.50
N ILE A 738 18.98 32.05 10.65
CA ILE A 738 19.04 33.11 11.65
C ILE A 738 18.30 32.66 12.90
N LYS A 739 18.92 32.88 14.06
CA LYS A 739 18.41 32.33 15.31
C LYS A 739 17.24 33.14 15.85
N GLN A 740 16.23 32.43 16.35
CA GLN A 740 15.11 33.02 17.06
C GLN A 740 14.98 32.31 18.40
N GLU A 741 14.87 33.09 19.49
CA GLU A 741 14.86 32.50 20.82
C GLU A 741 13.51 31.87 21.13
N MET A 751 15.58 8.10 32.98
CA MET A 751 15.17 6.72 32.87
C MET A 751 15.75 6.03 31.64
N LEU A 752 16.24 6.80 30.65
CA LEU A 752 16.82 6.19 29.47
C LEU A 752 18.18 5.56 29.75
N SER A 753 18.76 5.80 30.93
CA SER A 753 20.06 5.26 31.30
C SER A 753 19.99 3.81 31.79
N SER A 754 18.88 3.12 31.57
CA SER A 754 18.73 1.75 32.05
C SER A 754 19.82 0.85 31.49
N ASP A 755 20.37 -0.01 32.35
CA ASP A 755 21.44 -0.93 31.98
C ASP A 755 20.96 -2.35 31.70
N ILE A 756 19.66 -2.59 31.69
CA ILE A 756 19.15 -3.93 31.44
C ILE A 756 19.24 -4.22 29.96
N SER A 757 19.88 -5.34 29.61
CA SER A 757 20.05 -5.70 28.21
C SER A 757 18.72 -6.17 27.63
N SER A 758 18.70 -6.35 26.29
CA SER A 758 17.47 -6.70 25.61
C SER A 758 17.05 -8.14 25.86
N LEU A 759 17.98 -9.04 26.17
CA LEU A 759 17.67 -10.44 26.45
C LEU A 759 17.96 -10.80 27.90
N SER A 760 17.99 -9.81 28.79
CA SER A 760 18.24 -10.08 30.20
C SER A 760 17.14 -10.95 30.79
N LYS A 761 17.52 -11.80 31.74
CA LYS A 761 16.53 -12.65 32.39
C LYS A 761 15.48 -11.86 33.15
N GLU A 762 15.78 -10.61 33.49
CA GLU A 762 14.79 -9.77 34.15
C GLU A 762 13.73 -9.26 33.18
N ARG A 763 14.04 -9.22 31.89
CA ARG A 763 13.17 -8.60 30.91
C ARG A 763 12.29 -9.61 30.17
N VAL A 764 12.91 -10.64 29.59
CA VAL A 764 12.19 -11.62 28.78
C VAL A 764 12.04 -12.90 29.59
N LYS A 765 10.79 -13.35 29.72
CA LYS A 765 10.46 -14.55 30.49
C LYS A 765 9.99 -15.64 29.54
N ASP A 766 10.68 -16.77 29.53
CA ASP A 766 10.30 -17.87 28.66
C ASP A 766 9.00 -18.50 29.16
N PRO A 767 8.28 -19.21 28.30
CA PRO A 767 7.04 -19.86 28.75
C PRO A 767 7.26 -20.71 29.98
N PHE A 768 6.38 -20.54 30.98
CA PHE A 768 6.42 -21.17 32.29
C PHE A 768 7.60 -20.71 33.14
N ASP A 769 8.23 -19.58 32.80
CA ASP A 769 9.34 -19.04 33.58
C ASP A 769 8.78 -18.02 34.58
N GLU A 770 8.06 -18.56 35.57
CA GLU A 770 7.39 -17.78 36.61
C GLU A 770 6.15 -17.07 36.10
N TRP A 771 5.92 -17.11 34.79
CA TRP A 771 4.78 -16.46 34.17
C TRP A 771 4.23 -17.37 33.09
N LEU A 772 2.91 -17.51 33.06
CA LEU A 772 2.21 -18.23 32.00
C LEU A 772 1.40 -17.21 31.22
N TYR A 773 1.75 -17.02 29.96
CA TYR A 773 1.20 -15.98 29.10
C TYR A 773 0.43 -16.66 27.98
N ILE A 774 -0.89 -16.44 27.94
CA ILE A 774 -1.79 -17.13 27.03
C ILE A 774 -2.52 -16.09 26.17
N LYS A 775 -2.70 -16.41 24.90
CA LYS A 775 -3.42 -15.54 23.98
C LYS A 775 -4.61 -16.30 23.41
N LEU A 776 -5.80 -15.73 23.55
CA LEU A 776 -7.04 -16.38 23.17
C LEU A 776 -7.59 -15.70 21.92
N TYR A 777 -7.82 -16.47 20.86
CA TYR A 777 -8.25 -15.94 19.58
C TYR A 777 -9.71 -16.30 19.31
N GLY A 778 -10.35 -15.49 18.47
CA GLY A 778 -11.73 -15.75 18.11
C GLY A 778 -12.74 -15.32 19.14
N ILE A 779 -12.43 -14.30 19.95
CA ILE A 779 -13.30 -13.89 21.05
C ILE A 779 -14.03 -12.58 20.78
N SER A 780 -14.07 -12.12 19.54
CA SER A 780 -14.47 -10.74 19.26
C SER A 780 -15.89 -10.46 19.73
N SER A 781 -16.83 -11.38 19.49
CA SER A 781 -18.23 -11.06 19.67
C SER A 781 -18.71 -11.27 21.10
N ASN A 782 -18.05 -12.14 21.87
CA ASN A 782 -18.54 -12.53 23.19
C ASN A 782 -17.70 -11.97 24.33
N VAL A 783 -16.83 -11.00 24.08
CA VAL A 783 -16.13 -10.37 25.19
C VAL A 783 -17.17 -9.66 26.07
N ASP A 784 -16.76 -9.39 27.32
CA ASP A 784 -17.64 -8.85 28.36
C ASP A 784 -18.58 -9.91 28.91
N ASP A 785 -18.60 -11.09 28.30
CA ASP A 785 -19.22 -12.25 28.91
C ASP A 785 -18.15 -13.27 29.29
N LEU A 786 -17.22 -13.51 28.37
CA LEU A 786 -16.03 -14.28 28.70
C LEU A 786 -15.30 -13.66 29.89
N ILE A 787 -15.00 -12.38 29.83
CA ILE A 787 -14.28 -11.71 30.90
C ILE A 787 -15.12 -11.68 32.18
N ALA A 788 -16.39 -11.33 32.05
CA ALA A 788 -17.22 -11.13 33.24
C ALA A 788 -17.44 -12.44 33.99
N TYR A 789 -17.67 -13.54 33.26
CA TYR A 789 -18.19 -14.75 33.87
C TYR A 789 -17.19 -15.91 33.87
N TYR A 790 -16.40 -16.10 32.81
CA TYR A 790 -15.58 -17.30 32.70
C TYR A 790 -14.17 -17.07 33.22
N ILE A 791 -13.47 -16.08 32.66
CA ILE A 791 -12.10 -15.80 33.13
C ILE A 791 -12.11 -15.47 34.61
N SER A 792 -13.06 -14.64 35.03
CA SER A 792 -13.12 -14.20 36.41
C SER A 792 -13.18 -15.37 37.37
N GLU A 793 -14.13 -16.28 37.17
CA GLU A 793 -14.38 -17.35 38.13
C GLU A 793 -13.24 -18.35 38.18
N PHE A 794 -12.65 -18.68 37.03
CA PHE A 794 -11.54 -19.64 37.04
C PHE A 794 -10.30 -19.04 37.67
N CYS A 795 -9.95 -17.82 37.28
CA CYS A 795 -8.70 -17.24 37.77
C CYS A 795 -8.78 -16.89 39.24
N ASN A 796 -9.92 -16.36 39.71
CA ASN A 796 -10.06 -16.07 41.13
C ASN A 796 -10.04 -17.34 41.95
N GLU A 797 -10.63 -18.43 41.43
CA GLU A 797 -10.55 -19.71 42.11
C GLU A 797 -9.11 -20.18 42.23
N LEU A 798 -8.32 -20.02 41.16
CA LEU A 798 -6.91 -20.36 41.26
C LEU A 798 -6.20 -19.51 42.30
N VAL A 799 -6.50 -18.23 42.35
CA VAL A 799 -5.83 -17.34 43.31
C VAL A 799 -6.17 -17.75 44.74
N GLU A 800 -7.43 -18.07 45.01
CA GLU A 800 -7.83 -18.46 46.36
C GLU A 800 -7.17 -19.77 46.79
N GLU A 801 -7.07 -20.74 45.88
CA GLU A 801 -6.39 -22.00 46.19
C GLU A 801 -4.89 -21.85 46.33
N GLU A 802 -4.34 -20.68 46.00
CA GLU A 802 -2.91 -20.40 46.13
C GLU A 802 -2.08 -21.17 45.12
N ILE A 803 -2.65 -21.43 43.94
CA ILE A 803 -1.87 -22.00 42.85
C ILE A 803 -1.14 -20.89 42.10
N ILE A 804 -1.72 -19.70 42.03
CA ILE A 804 -1.07 -18.52 41.44
C ILE A 804 -1.22 -17.38 42.42
N SER A 805 -0.31 -16.41 42.33
CA SER A 805 -0.34 -15.27 43.23
C SER A 805 -1.12 -14.08 42.66
N LYS A 806 -1.14 -13.91 41.35
CA LYS A 806 -1.90 -12.83 40.75
C LYS A 806 -2.01 -13.04 39.25
N TYR A 807 -2.88 -12.27 38.62
CA TYR A 807 -3.11 -12.34 37.18
C TYR A 807 -3.60 -10.98 36.69
N PHE A 808 -3.47 -10.75 35.39
CA PHE A 808 -4.11 -9.60 34.76
C PHE A 808 -4.25 -9.87 33.28
N PHE A 809 -5.11 -9.09 32.63
CA PHE A 809 -5.41 -9.28 31.22
C PHE A 809 -5.50 -7.94 30.51
N MET A 810 -5.51 -8.01 29.17
CA MET A 810 -5.71 -6.84 28.32
C MET A 810 -6.14 -7.32 26.95
N ARG A 811 -6.63 -6.39 26.14
CA ARG A 811 -7.06 -6.69 24.78
C ARG A 811 -6.09 -6.06 23.79
N TYR A 812 -5.77 -6.79 22.72
CA TYR A 812 -4.82 -6.31 21.74
C TYR A 812 -5.24 -6.78 20.35
N VAL A 813 -4.45 -6.38 19.35
CA VAL A 813 -4.67 -6.75 17.96
C VAL A 813 -3.32 -6.95 17.29
N ASP A 814 -2.98 -8.21 17.00
CA ASP A 814 -1.93 -8.56 16.05
C ASP A 814 -2.67 -9.13 14.84
N PRO A 815 -2.71 -8.41 13.73
CA PRO A 815 -3.85 -8.51 12.83
C PRO A 815 -5.15 -8.87 13.52
N GLU A 816 -5.28 -10.09 14.03
CA GLU A 816 -6.53 -10.56 14.60
C GLU A 816 -6.65 -10.18 16.07
N GLN A 817 -7.88 -9.97 16.52
CA GLN A 817 -8.12 -9.57 17.90
C GLN A 817 -8.03 -10.75 18.85
N HIS A 818 -7.51 -10.51 20.05
CA HIS A 818 -7.34 -11.56 21.04
C HIS A 818 -7.27 -10.96 22.43
N ILE A 819 -7.26 -11.84 23.42
CA ILE A 819 -7.11 -11.47 24.83
C ILE A 819 -5.78 -12.02 25.32
N ARG A 820 -5.03 -11.21 26.03
CA ARG A 820 -3.76 -11.62 26.62
C ARG A 820 -3.94 -11.80 28.12
N LEU A 821 -3.71 -13.02 28.60
CA LEU A 821 -3.93 -13.37 30.01
C LEU A 821 -2.62 -13.89 30.59
N ARG A 822 -2.18 -13.30 31.69
CA ARG A 822 -0.89 -13.61 32.29
C ARG A 822 -1.08 -14.06 33.73
N LEU A 823 -0.57 -15.25 34.05
CA LEU A 823 -0.68 -15.84 35.37
C LEU A 823 0.70 -15.93 36.01
N ASN A 824 0.80 -15.64 37.30
CA ASN A 824 2.07 -15.57 38.01
C ASN A 824 2.12 -16.65 39.07
N SER A 825 3.17 -17.46 39.03
CA SER A 825 3.41 -18.51 40.01
C SER A 825 4.76 -19.13 39.68
N SER A 826 5.16 -20.12 40.47
CA SER A 826 6.41 -20.82 40.20
C SER A 826 6.24 -21.78 39.03
N GLN A 827 7.38 -22.18 38.45
CA GLN A 827 7.33 -23.06 37.28
C GLN A 827 6.66 -24.39 37.62
N GLU A 828 6.94 -24.93 38.80
CA GLU A 828 6.40 -26.24 39.16
C GLU A 828 4.88 -26.19 39.23
N LYS A 829 4.32 -25.19 39.89
CA LYS A 829 2.86 -25.08 39.98
C LYS A 829 2.24 -24.81 38.61
N LEU A 830 2.91 -24.01 37.78
CA LEU A 830 2.38 -23.72 36.46
C LEU A 830 2.35 -24.96 35.58
N LEU A 831 3.36 -25.83 35.71
CA LEU A 831 3.34 -27.08 34.95
C LEU A 831 2.38 -28.10 35.56
N MET A 832 2.13 -28.01 36.87
CA MET A 832 1.21 -28.94 37.51
C MET A 832 -0.24 -28.59 37.21
N ILE A 833 -0.54 -27.30 37.06
CA ILE A 833 -1.93 -26.88 36.86
C ILE A 833 -2.32 -26.78 35.39
N TYR A 834 -1.36 -26.86 34.48
CA TYR A 834 -1.68 -26.71 33.06
C TYR A 834 -2.69 -27.74 32.55
N PRO A 835 -2.62 -29.02 32.93
CA PRO A 835 -3.62 -29.97 32.41
C PRO A 835 -5.06 -29.54 32.70
N LYS A 836 -5.30 -28.87 33.83
CA LYS A 836 -6.65 -28.39 34.12
C LYS A 836 -7.00 -27.16 33.29
N ILE A 837 -6.00 -26.36 32.90
CA ILE A 837 -6.27 -25.21 32.06
C ILE A 837 -6.73 -25.63 30.68
N ARG A 838 -6.15 -26.72 30.15
CA ARG A 838 -6.58 -27.22 28.84
C ARG A 838 -8.04 -27.63 28.85
N GLU A 839 -8.48 -28.31 29.92
CA GLU A 839 -9.89 -28.69 30.03
C GLU A 839 -10.79 -27.46 30.05
N TRP A 840 -10.38 -26.44 30.81
CA TRP A 840 -11.14 -25.20 30.87
C TRP A 840 -11.28 -24.57 29.49
N LEU A 841 -10.17 -24.48 28.76
CA LEU A 841 -10.21 -23.84 27.45
C LEU A 841 -10.99 -24.67 26.43
N SER A 842 -10.92 -26.00 26.54
CA SER A 842 -11.75 -26.84 25.68
C SER A 842 -13.23 -26.63 25.96
N MET A 843 -13.60 -26.53 27.22
CA MET A 843 -14.99 -26.25 27.57
C MET A 843 -15.42 -24.89 27.02
N ILE A 844 -14.55 -23.89 27.13
CA ILE A 844 -14.88 -22.57 26.59
C ILE A 844 -15.08 -22.63 25.08
N ARG A 845 -14.20 -23.35 24.38
CA ARG A 845 -14.31 -23.47 22.93
C ARG A 845 -15.60 -24.18 22.53
N LYS A 846 -15.96 -25.24 23.25
CA LYS A 846 -17.13 -26.03 22.87
C LYS A 846 -18.39 -25.17 22.84
N LYS A 847 -18.42 -24.09 23.61
CA LYS A 847 -19.57 -23.19 23.60
C LYS A 847 -19.47 -22.12 22.52
N GLY A 848 -18.43 -22.13 21.71
CA GLY A 848 -18.27 -21.14 20.67
C GLY A 848 -17.70 -19.82 21.13
N LEU A 849 -17.16 -19.75 22.34
CA LEU A 849 -16.64 -18.51 22.87
C LEU A 849 -15.23 -18.18 22.37
N MET A 850 -14.43 -19.17 22.00
CA MET A 850 -13.11 -18.93 21.44
C MET A 850 -12.81 -20.02 20.42
N THR A 851 -11.67 -19.86 19.74
CA THR A 851 -11.26 -20.76 18.67
C THR A 851 -9.99 -21.52 19.03
N TYR A 852 -8.89 -20.82 19.33
CA TYR A 852 -7.63 -21.48 19.65
C TYR A 852 -6.76 -20.50 20.42
N PHE A 853 -5.66 -21.01 20.99
CA PHE A 853 -4.79 -20.19 21.82
C PHE A 853 -3.33 -20.59 21.60
N SER A 854 -2.44 -19.77 22.17
CA SER A 854 -1.00 -19.98 22.11
C SER A 854 -0.38 -19.55 23.42
N ILE A 855 0.82 -20.05 23.68
CA ILE A 855 1.61 -19.68 24.85
C ILE A 855 2.84 -18.94 24.35
N ASP A 856 3.10 -17.76 24.91
CA ASP A 856 4.08 -16.84 24.36
C ASP A 856 5.06 -16.39 25.44
N SER A 857 6.06 -15.62 25.02
CA SER A 857 7.06 -15.08 25.93
C SER A 857 6.63 -13.72 26.45
N TYR A 858 6.86 -13.48 27.73
CA TYR A 858 6.46 -12.23 28.38
C TYR A 858 7.65 -11.27 28.36
N ASP A 859 7.47 -10.15 27.69
CA ASP A 859 8.49 -9.12 27.54
C ASP A 859 8.06 -7.93 28.39
N ARG A 860 8.74 -7.76 29.53
CA ARG A 860 8.31 -6.77 30.52
C ARG A 860 8.77 -5.38 30.13
N GLU A 861 7.91 -4.38 30.39
CA GLU A 861 8.22 -2.99 30.12
C GLU A 861 8.81 -2.33 31.37
N ILE A 862 10.09 -2.60 31.60
CA ILE A 862 10.74 -2.20 32.85
C ILE A 862 10.84 -0.68 32.95
N GLU A 863 11.31 -0.04 31.88
CA GLU A 863 11.58 1.39 31.95
C GLU A 863 10.29 2.21 31.92
N ARG A 864 9.21 1.65 31.38
CA ARG A 864 7.98 2.43 31.23
C ARG A 864 7.30 2.66 32.56
N TYR A 865 7.47 1.75 33.54
CA TYR A 865 6.75 1.80 34.79
C TYR A 865 7.66 2.07 35.98
N GLY A 866 8.80 2.72 35.76
CA GLY A 866 9.62 3.23 36.84
C GLY A 866 10.85 2.44 37.18
N GLY A 867 11.21 1.43 36.39
CA GLY A 867 12.43 0.69 36.65
C GLY A 867 12.18 -0.69 37.20
N ILE A 868 13.25 -1.29 37.71
CA ILE A 868 13.20 -2.68 38.13
C ILE A 868 12.59 -2.84 39.51
N GLU A 869 12.50 -1.76 40.29
CA GLU A 869 11.92 -1.86 41.63
C GLU A 869 10.44 -1.54 41.64
N LEU A 870 9.96 -0.76 40.68
CA LEU A 870 8.56 -0.34 40.66
C LEU A 870 7.69 -1.17 39.73
N ILE A 871 8.29 -1.92 38.80
CA ILE A 871 7.50 -2.76 37.91
C ILE A 871 6.74 -3.79 38.73
N ASN A 872 7.36 -4.31 39.79
CA ASN A 872 6.72 -5.31 40.64
C ASN A 872 5.47 -4.78 41.33
N ILE A 873 5.31 -3.47 41.44
CA ILE A 873 4.11 -2.89 42.03
C ILE A 873 3.09 -2.52 40.96
N ALA A 874 3.57 -2.14 39.78
CA ALA A 874 2.66 -1.93 38.66
C ALA A 874 1.92 -3.21 38.33
N GLU A 875 2.58 -4.36 38.52
CA GLU A 875 1.93 -5.62 38.22
C GLU A 875 0.90 -6.03 39.28
N LYS A 876 0.88 -5.38 40.44
CA LYS A 876 -0.22 -5.55 41.38
C LYS A 876 -1.34 -4.53 41.10
N VAL A 877 -0.96 -3.34 40.69
CA VAL A 877 -1.95 -2.37 40.23
C VAL A 877 -2.79 -2.98 39.11
N PHE A 878 -2.13 -3.66 38.17
CA PHE A 878 -2.85 -4.32 37.08
C PHE A 878 -3.78 -5.41 37.59
N PHE A 879 -3.35 -6.17 38.58
CA PHE A 879 -4.18 -7.24 39.14
C PHE A 879 -5.47 -6.70 39.74
N PHE A 880 -5.34 -5.70 40.61
CA PHE A 880 -6.55 -5.13 41.23
C PHE A 880 -7.42 -4.42 40.21
N ASP A 881 -6.82 -3.76 39.22
CA ASP A 881 -7.61 -3.14 38.17
C ASP A 881 -8.38 -4.17 37.36
N SER A 882 -7.78 -5.33 37.08
CA SER A 882 -8.50 -6.38 36.37
C SER A 882 -9.69 -6.88 37.19
N ILE A 883 -9.50 -7.07 38.49
CA ILE A 883 -10.63 -7.48 39.33
C ILE A 883 -11.75 -6.46 39.25
N VAL A 884 -11.41 -5.17 39.36
CA VAL A 884 -12.43 -4.13 39.33
C VAL A 884 -13.14 -4.10 37.98
N THR A 885 -12.39 -4.28 36.89
CA THR A 885 -13.01 -4.31 35.57
C THR A 885 -14.01 -5.45 35.45
N GLU A 886 -13.64 -6.63 35.93
CA GLU A 886 -14.56 -7.76 35.89
C GLU A 886 -15.82 -7.45 36.66
N ASP A 887 -15.68 -6.89 37.86
CA ASP A 887 -16.85 -6.57 38.67
C ASP A 887 -17.76 -5.56 37.98
N ILE A 888 -17.17 -4.52 37.39
CA ILE A 888 -17.98 -3.51 36.72
C ILE A 888 -18.74 -4.11 35.54
N LEU A 889 -18.06 -4.91 34.73
CA LEU A 889 -18.75 -5.52 33.59
C LEU A 889 -19.88 -6.42 34.05
N ARG A 890 -19.63 -7.24 35.08
CA ARG A 890 -20.66 -8.14 35.56
C ARG A 890 -21.86 -7.38 36.10
N ALA A 891 -21.61 -6.32 36.87
CA ALA A 891 -22.72 -5.53 37.40
C ALA A 891 -23.49 -4.83 36.29
N LYS A 892 -22.78 -4.34 35.27
CA LYS A 892 -23.45 -3.69 34.16
C LYS A 892 -24.35 -4.66 33.39
N ARG A 893 -23.90 -5.89 33.20
CA ARG A 893 -24.73 -6.87 32.50
C ARG A 893 -25.88 -7.39 33.36
N GLU A 894 -25.65 -7.60 34.65
CA GLU A 894 -26.71 -8.04 35.54
C GLU A 894 -27.79 -6.97 35.71
N GLY A 895 -27.51 -5.73 35.35
CA GLY A 895 -28.49 -4.66 35.49
C GLY A 895 -28.46 -3.95 36.83
N SER A 896 -27.36 -4.05 37.58
CA SER A 896 -27.28 -3.36 38.86
C SER A 896 -27.29 -1.85 38.70
N PHE A 897 -26.63 -1.31 37.68
CA PHE A 897 -26.71 0.11 37.37
C PHE A 897 -26.72 0.27 35.86
N ASP A 898 -27.17 1.45 35.42
CA ASP A 898 -27.40 1.70 34.00
C ASP A 898 -26.61 2.88 33.46
N PHE A 899 -25.51 3.26 34.09
CA PHE A 899 -24.72 4.39 33.62
C PHE A 899 -24.22 4.14 32.22
N CYS A 900 -24.13 5.21 31.44
CA CYS A 900 -23.59 5.11 30.09
C CYS A 900 -22.09 4.80 30.15
N ASP A 901 -21.52 4.46 28.99
CA ASP A 901 -20.09 4.19 28.93
C ASP A 901 -19.29 5.44 29.26
N GLU A 902 -19.72 6.60 28.75
CA GLU A 902 -18.97 7.83 28.98
C GLU A 902 -18.90 8.17 30.46
N ILE A 903 -20.01 8.02 31.18
CA ILE A 903 -20.01 8.36 32.59
C ILE A 903 -19.08 7.44 33.37
N ILE A 904 -19.09 6.15 33.04
CA ILE A 904 -18.20 5.21 33.72
C ILE A 904 -16.74 5.57 33.44
N GLY A 905 -16.42 5.87 32.18
CA GLY A 905 -15.05 6.25 31.85
C GLY A 905 -14.61 7.49 32.61
N MET A 906 -15.49 8.50 32.69
CA MET A 906 -15.15 9.73 33.38
C MET A 906 -14.94 9.50 34.86
N ILE A 907 -15.83 8.73 35.49
CA ILE A 907 -15.67 8.44 36.92
C ILE A 907 -14.37 7.69 37.16
N SER A 908 -14.05 6.75 36.28
CA SER A 908 -12.82 5.97 36.45
C SER A 908 -11.59 6.85 36.33
N VAL A 909 -11.56 7.75 35.33
CA VAL A 909 -10.40 8.63 35.15
C VAL A 909 -10.24 9.54 36.36
N VAL A 910 -11.35 10.14 36.82
CA VAL A 910 -11.27 11.05 37.96
C VAL A 910 -10.82 10.30 39.21
N HIS A 911 -11.34 9.09 39.43
CA HIS A 911 -10.94 8.29 40.58
C HIS A 911 -9.44 7.98 40.53
N TYR A 912 -8.95 7.61 39.35
CA TYR A 912 -7.52 7.32 39.21
C TYR A 912 -6.68 8.53 39.57
N MET A 913 -7.00 9.69 39.00
CA MET A 913 -6.19 10.88 39.27
C MET A 913 -6.27 11.26 40.74
N GLU A 914 -7.45 11.16 41.35
CA GLU A 914 -7.59 11.55 42.75
C GLU A 914 -6.79 10.63 43.66
N SER A 915 -6.86 9.32 43.42
CA SER A 915 -6.17 8.36 44.30
C SER A 915 -4.67 8.33 44.08
N PHE A 916 -4.19 8.58 42.86
CA PHE A 916 -2.76 8.60 42.63
C PHE A 916 -2.09 9.69 43.45
N GLY A 917 -2.70 10.86 43.53
CA GLY A 917 -2.20 11.93 44.40
C GLY A 917 -2.03 13.26 43.71
N LEU A 918 -2.66 13.45 42.56
CA LEU A 918 -2.59 14.75 41.89
C LEU A 918 -3.50 15.75 42.61
N PRO A 919 -3.00 16.93 43.00
CA PRO A 919 -3.90 17.96 43.50
C PRO A 919 -4.74 18.53 42.37
N TYR A 920 -5.93 19.04 42.73
CA TYR A 920 -6.86 19.51 41.73
C TYR A 920 -6.23 20.58 40.83
N ALA A 921 -5.30 21.36 41.38
CA ALA A 921 -4.69 22.42 40.59
C ALA A 921 -4.01 21.89 39.34
N LYS A 922 -3.51 20.66 39.39
CA LYS A 922 -2.77 20.08 38.27
C LYS A 922 -3.64 19.20 37.38
N GLN A 923 -4.80 18.74 37.88
CA GLN A 923 -5.57 17.75 37.14
C GLN A 923 -6.05 18.27 35.80
N VAL A 924 -6.53 19.52 35.76
CA VAL A 924 -7.05 20.06 34.51
C VAL A 924 -5.93 20.22 33.49
N GLU A 925 -4.73 20.60 33.94
CA GLU A 925 -3.60 20.72 33.02
C GLU A 925 -3.12 19.35 32.56
N PHE A 926 -3.20 18.35 33.44
CA PHE A 926 -2.65 17.04 33.12
C PHE A 926 -3.33 16.42 31.90
N LEU A 927 -4.60 16.77 31.67
CA LEU A 927 -5.36 16.09 30.62
C LEU A 927 -5.00 16.62 29.24
N ARG A 928 -3.71 16.54 28.90
CA ARG A 928 -3.23 16.80 27.54
C ARG A 928 -3.71 18.15 27.02
N SER A 929 -3.24 19.23 27.63
CA SER A 929 -3.60 20.57 27.19
C SER A 929 -3.51 20.70 25.67
N GLN A 930 -4.41 21.50 25.11
CA GLN A 930 -4.52 21.75 23.67
C GLN A 930 -4.54 20.46 22.86
N VAL A 931 -4.89 19.33 23.49
CA VAL A 931 -5.07 18.06 22.80
C VAL A 931 -6.44 17.51 23.17
N SER A 932 -6.68 17.37 24.47
CA SER A 932 -7.99 16.98 24.98
C SER A 932 -8.53 18.06 25.91
N SER A 933 -7.67 18.57 26.78
CA SER A 933 -8.03 19.65 27.68
C SER A 933 -8.05 20.95 26.90
N SER A 934 -9.14 21.19 26.17
CA SER A 934 -9.27 22.36 25.32
C SER A 934 -10.73 22.46 24.90
N GLU A 935 -11.00 23.39 23.98
CA GLU A 935 -12.36 23.66 23.52
C GLU A 935 -12.92 22.55 22.63
N TYR A 936 -12.25 21.40 22.51
CA TYR A 936 -12.78 20.31 21.71
C TYR A 936 -13.94 19.65 22.43
N ARG A 937 -14.98 19.30 21.66
CA ARG A 937 -16.20 18.68 22.19
C ARG A 937 -16.85 19.51 23.28
N GLU A 938 -16.59 20.83 23.28
CA GLU A 938 -17.28 21.70 24.22
C GLU A 938 -18.77 21.76 23.92
N ASP A 939 -19.24 21.20 22.82
CA ASP A 939 -20.72 21.15 22.60
C ASP A 939 -21.49 19.91 23.10
N PHE A 940 -20.86 18.72 23.28
CA PHE A 940 -21.45 17.38 23.60
C PHE A 940 -21.73 17.38 25.01
N LYS A 941 -21.16 18.33 25.66
CA LYS A 941 -21.66 18.65 26.97
C LYS A 941 -22.78 19.73 26.73
N GLN A 942 -22.54 21.01 26.35
CA GLN A 942 -23.46 22.12 26.53
C GLN A 942 -24.25 21.91 27.82
N LYS A 943 -23.74 21.04 28.69
CA LYS A 943 -24.53 20.46 29.76
C LYS A 943 -23.77 20.48 31.08
N ARG A 944 -24.20 21.33 32.00
CA ARG A 944 -23.75 21.25 33.37
C ARG A 944 -24.59 20.20 34.09
N THR A 945 -24.39 20.09 35.41
CA THR A 945 -25.16 19.20 36.27
C THR A 945 -25.08 17.76 35.77
N GLU A 946 -25.51 16.81 36.59
CA GLU A 946 -25.35 15.40 36.28
C GLU A 946 -23.86 15.08 36.19
N TYR A 947 -23.20 15.54 35.14
CA TYR A 947 -21.75 15.43 35.08
C TYR A 947 -21.10 16.11 36.28
N MET A 948 -21.55 17.33 36.59
CA MET A 948 -20.91 18.09 37.66
C MET A 948 -21.08 17.42 39.01
N LYS A 949 -22.26 16.87 39.28
CA LYS A 949 -22.49 16.24 40.58
C LYS A 949 -21.82 14.86 40.65
N LEU A 950 -21.73 14.16 39.53
CA LEU A 950 -21.13 12.82 39.53
C LEU A 950 -19.61 12.89 39.64
N CYS A 951 -18.98 13.84 38.93
CA CYS A 951 -17.52 13.92 38.90
C CYS A 951 -16.95 14.71 40.06
N ASN A 952 -17.79 15.20 40.97
CA ASN A 952 -17.30 15.90 42.17
C ASN A 952 -17.02 14.88 43.25
N SER A 953 -15.81 14.91 43.81
CA SER A 953 -15.38 13.92 44.79
C SER A 953 -15.35 14.45 46.21
N ASN A 954 -15.96 15.60 46.48
CA ASN A 954 -15.89 16.18 47.81
C ASN A 954 -16.49 15.25 48.85
N LYS A 955 -16.17 15.53 50.12
CA LYS A 955 -16.56 14.66 51.22
C LYS A 955 -16.09 13.23 50.92
N ASP A 956 -17.00 12.40 50.41
CA ASP A 956 -16.59 11.15 49.77
C ASP A 956 -17.58 10.83 48.67
N TRP A 957 -17.30 11.32 47.46
CA TRP A 957 -18.19 11.16 46.32
C TRP A 957 -19.65 11.31 46.74
N GLU A 958 -19.92 12.31 47.58
CA GLU A 958 -21.24 12.46 48.17
C GLU A 958 -22.31 12.71 47.12
N GLY A 959 -21.95 13.38 46.02
CA GLY A 959 -22.88 13.55 44.93
C GLY A 959 -23.18 12.28 44.16
N LEU A 960 -22.29 11.29 44.23
CA LEU A 960 -22.51 10.02 43.55
C LEU A 960 -23.28 9.04 44.42
N ARG A 961 -23.08 9.11 45.74
CA ARG A 961 -23.75 8.19 46.65
C ARG A 961 -25.22 8.54 46.89
N GLU A 962 -25.76 9.54 46.20
CA GLU A 962 -27.16 9.91 46.38
C GLU A 962 -28.11 8.82 45.90
N SER A 963 -27.64 7.90 45.07
CA SER A 963 -28.48 6.86 44.50
C SER A 963 -27.84 5.49 44.74
N GLU A 964 -28.69 4.45 44.70
CA GLU A 964 -28.19 3.09 44.90
C GLU A 964 -27.20 2.70 43.82
N GLU A 965 -27.50 3.05 42.56
CA GLU A 965 -26.59 2.71 41.47
C GLU A 965 -25.23 3.36 41.67
N GLY A 966 -25.22 4.65 42.01
CA GLY A 966 -23.95 5.32 42.26
C GLY A 966 -23.22 4.75 43.46
N ASN A 967 -23.95 4.37 44.51
CA ASN A 967 -23.30 3.77 45.67
C ASN A 967 -22.63 2.46 45.30
N ILE A 968 -23.30 1.62 44.51
CA ILE A 968 -22.69 0.37 44.06
C ILE A 968 -21.46 0.65 43.22
N LEU A 969 -21.57 1.61 42.30
CA LEU A 969 -20.45 1.91 41.41
C LEU A 969 -19.24 2.39 42.21
N ILE A 970 -19.46 3.24 43.21
CA ILE A 970 -18.33 3.77 43.96
C ILE A 970 -17.78 2.72 44.92
N GLU A 971 -18.61 1.78 45.38
CA GLU A 971 -18.09 0.71 46.22
C GLU A 971 -17.25 -0.27 45.41
N ILE A 972 -17.58 -0.48 44.13
CA ILE A 972 -16.78 -1.37 43.30
C ILE A 972 -15.39 -0.80 43.10
N LEU A 973 -15.29 0.52 42.94
CA LEU A 973 -14.03 1.14 42.54
C LEU A 973 -13.03 1.17 43.70
N ASN A 974 -13.52 1.25 44.93
CA ASN A 974 -12.62 1.46 46.07
C ASN A 974 -11.71 0.27 46.35
N LYS A 975 -11.94 -0.88 45.74
CA LYS A 975 -10.99 -1.98 45.87
C LYS A 975 -9.63 -1.62 45.31
N ARG A 976 -9.61 -0.63 44.42
CA ARG A 976 -8.44 -0.27 43.62
C ARG A 976 -7.63 0.87 44.22
N ARG A 977 -8.01 1.38 45.39
CA ARG A 977 -7.51 2.66 45.85
C ARG A 977 -6.17 2.53 46.56
N LYS A 978 -6.08 1.64 47.55
CA LYS A 978 -4.89 1.60 48.39
C LYS A 978 -3.65 1.25 47.60
N ILE A 979 -3.74 0.32 46.65
CA ILE A 979 -2.58 -0.05 45.87
C ILE A 979 -2.10 1.12 45.01
N ILE A 980 -3.05 1.90 44.46
CA ILE A 980 -2.65 3.04 43.65
C ILE A 980 -2.02 4.12 44.51
N GLU A 981 -2.54 4.33 45.72
CA GLU A 981 -1.91 5.29 46.63
C GLU A 981 -0.48 4.86 46.96
N TYR A 982 -0.29 3.58 47.26
CA TYR A 982 1.04 3.07 47.57
C TYR A 982 1.98 3.24 46.39
N TYR A 983 1.50 2.91 45.19
CA TYR A 983 2.32 3.04 43.99
C TYR A 983 2.71 4.49 43.73
N GLY A 984 1.77 5.41 43.91
CA GLY A 984 2.09 6.81 43.71
C GLY A 984 3.09 7.33 44.73
N ASN A 985 2.93 6.93 45.99
CA ASN A 985 3.88 7.34 47.01
C ASN A 985 5.28 6.82 46.70
N LYS A 986 5.38 5.57 46.25
CA LYS A 986 6.69 5.02 45.90
C LYS A 986 7.26 5.68 44.65
N VAL A 987 6.41 6.06 43.70
CA VAL A 987 6.91 6.70 42.48
C VAL A 987 7.47 8.08 42.81
N ARG A 988 6.74 8.87 43.59
CA ARG A 988 7.21 10.22 43.90
C ARG A 988 8.36 10.19 44.90
N GLU A 989 8.53 9.08 45.62
CA GLU A 989 9.69 8.94 46.51
C GLU A 989 10.98 8.75 45.73
N ASN A 990 10.92 8.07 44.59
CA ASN A 990 12.11 7.87 43.76
C ASN A 990 12.57 9.20 43.17
N GLU A 991 13.88 9.45 43.23
CA GLU A 991 14.47 10.61 42.61
C GLU A 991 14.92 10.34 41.18
N GLU A 992 15.21 9.08 40.85
CA GLU A 992 15.56 8.72 39.48
C GLU A 992 14.37 8.94 38.55
N VAL A 993 13.16 8.65 39.02
CA VAL A 993 11.96 8.74 38.19
C VAL A 993 11.52 10.21 38.16
N SER A 994 11.66 10.83 37.00
CA SER A 994 11.20 12.21 36.83
C SER A 994 9.90 12.23 36.03
N THR A 995 9.11 13.28 36.24
CA THR A 995 7.86 13.44 35.51
C THR A 995 6.95 12.24 35.73
N ASP A 996 6.51 12.04 36.97
CA ASP A 996 5.61 10.94 37.27
C ASP A 996 4.35 10.99 36.43
N LEU A 997 4.05 12.15 35.83
CA LEU A 997 2.87 12.26 34.99
C LEU A 997 2.94 11.33 33.78
N SER A 998 4.14 10.89 33.42
CA SER A 998 4.24 9.90 32.36
C SER A 998 3.73 8.55 32.81
N ILE A 999 4.00 8.16 34.05
CA ILE A 999 3.52 6.88 34.57
C ILE A 999 2.01 6.94 34.80
N LEU A 1000 1.52 8.02 35.40
CA LEU A 1000 0.08 8.13 35.64
C LEU A 1000 -0.70 8.09 34.35
N ASP A 1001 -0.14 8.62 33.26
CA ASP A 1001 -0.82 8.53 31.98
C ASP A 1001 -0.86 7.11 31.47
N SER A 1002 0.18 6.33 31.74
CA SER A 1002 0.26 4.97 31.20
C SER A 1002 -0.77 4.05 31.83
N ILE A 1003 -0.96 4.16 33.15
CA ILE A 1003 -1.88 3.26 33.82
C ILE A 1003 -3.33 3.64 33.53
N ILE A 1004 -3.58 4.84 32.99
CA ILE A 1004 -4.94 5.24 32.67
C ILE A 1004 -5.34 4.74 31.30
N HIS A 1005 -4.37 4.58 30.38
CA HIS A 1005 -4.68 3.97 29.10
C HIS A 1005 -5.11 2.52 29.26
N LEU A 1006 -4.49 1.81 30.20
CA LEU A 1006 -4.78 0.39 30.38
C LEU A 1006 -6.21 0.15 30.85
N ASN A 1007 -6.73 1.00 31.75
CA ASN A 1007 -8.10 0.82 32.21
C ASN A 1007 -9.09 0.98 31.07
N CYS A 1008 -8.89 2.00 30.23
CA CYS A 1008 -9.74 2.18 29.08
C CYS A 1008 -9.63 1.00 28.12
N ASN A 1009 -8.41 0.50 27.92
CA ASN A 1009 -8.24 -0.67 27.06
C ASN A 1009 -9.00 -1.87 27.60
N ARG A 1010 -8.92 -2.10 28.91
CA ARG A 1010 -9.61 -3.26 29.51
C ARG A 1010 -11.11 -3.11 29.41
N MET A 1011 -11.65 -1.92 29.73
CA MET A 1011 -13.09 -1.76 29.79
C MET A 1011 -13.73 -1.67 28.40
N PHE A 1012 -13.11 -0.94 27.47
CA PHE A 1012 -13.73 -0.63 26.19
C PHE A 1012 -12.97 -1.12 24.98
N GLY A 1013 -11.78 -1.71 25.14
CA GLY A 1013 -11.05 -2.21 24.00
C GLY A 1013 -10.26 -1.13 23.28
N ILE A 1014 -9.89 -1.43 22.04
CA ILE A 1014 -9.07 -0.51 21.24
C ILE A 1014 -10.03 0.47 20.56
N ASP A 1015 -10.13 1.67 21.11
CA ASP A 1015 -10.96 2.73 20.52
C ASP A 1015 -10.33 4.07 20.93
N ARG A 1016 -9.51 4.63 20.04
CA ARG A 1016 -8.82 5.87 20.37
C ARG A 1016 -9.80 7.03 20.53
N GLU A 1017 -10.77 7.12 19.63
CA GLU A 1017 -11.70 8.26 19.67
C GLU A 1017 -12.51 8.27 20.96
N PHE A 1018 -12.95 7.10 21.42
CA PHE A 1018 -13.72 7.06 22.66
C PHE A 1018 -12.88 7.53 23.85
N GLU A 1019 -11.63 7.10 23.92
CA GLU A 1019 -10.76 7.53 25.01
C GLU A 1019 -10.53 9.04 24.95
N LYS A 1020 -10.32 9.58 23.75
CA LYS A 1020 -10.16 11.03 23.62
C LYS A 1020 -11.41 11.76 24.10
N LYS A 1021 -12.58 11.26 23.71
CA LYS A 1021 -13.83 11.87 24.15
C LYS A 1021 -13.96 11.84 25.67
N VAL A 1022 -13.63 10.70 26.27
CA VAL A 1022 -13.76 10.57 27.72
C VAL A 1022 -12.83 11.56 28.42
N ARG A 1023 -11.58 11.65 27.95
CA ARG A 1023 -10.65 12.59 28.55
C ARG A 1023 -11.14 14.04 28.42
N ALA A 1024 -11.66 14.39 27.24
CA ALA A 1024 -12.14 15.75 27.02
C ALA A 1024 -13.32 16.08 27.94
N LEU A 1025 -14.27 15.16 28.04
CA LEU A 1025 -15.43 15.39 28.90
C LEU A 1025 -15.01 15.49 30.36
N ALA A 1026 -14.06 14.66 30.78
CA ALA A 1026 -13.58 14.74 32.16
C ALA A 1026 -12.91 16.09 32.42
N SER A 1027 -12.11 16.57 31.47
CA SER A 1027 -11.48 17.87 31.65
C SER A 1027 -12.51 18.97 31.76
N HIS A 1028 -13.53 18.94 30.90
CA HIS A 1028 -14.58 19.95 30.97
C HIS A 1028 -15.30 19.90 32.32
N ALA A 1029 -15.65 18.70 32.77
CA ALA A 1029 -16.37 18.58 34.04
C ALA A 1029 -15.53 19.08 35.20
N LEU A 1030 -14.24 18.75 35.22
CA LEU A 1030 -13.38 19.25 36.28
C LEU A 1030 -13.23 20.76 36.22
N TYR A 1031 -13.15 21.30 35.01
CA TYR A 1031 -12.98 22.75 34.86
C TYR A 1031 -14.17 23.51 35.42
N ALA A 1032 -15.38 23.02 35.19
CA ALA A 1032 -16.57 23.72 35.66
C ALA A 1032 -16.68 23.71 37.17
N LEU A 1033 -16.05 22.74 37.84
CA LEU A 1033 -16.12 22.63 39.29
C LEU A 1033 -15.08 23.49 40.00
N LYS A 1034 -14.57 24.53 39.32
CA LYS A 1034 -13.48 25.31 39.89
C LYS A 1034 -13.85 25.91 41.23
N HIS A 1035 -15.14 26.14 41.48
CA HIS A 1035 -15.58 26.73 42.73
C HIS A 1035 -15.57 25.73 43.89
N PHE A 1036 -15.48 24.43 43.59
CA PHE A 1036 -15.47 23.40 44.62
C PHE A 1036 -14.20 22.58 44.65
N LYS A 1037 -13.46 22.48 43.54
CA LYS A 1037 -12.29 21.62 43.43
C LYS A 1037 -12.68 20.16 43.65
N ARG B 2 -13.85 -11.43 -35.87
CA ARG B 2 -14.99 -12.38 -35.65
C ARG B 2 -15.93 -11.85 -34.57
N ASP B 3 -17.21 -12.15 -34.72
CA ASP B 3 -18.21 -11.67 -33.78
C ASP B 3 -18.25 -12.57 -32.54
N LEU B 4 -18.26 -11.94 -31.36
CA LEU B 4 -18.28 -12.67 -30.11
C LEU B 4 -19.68 -12.89 -29.56
N TYR B 5 -20.63 -12.03 -29.90
CA TYR B 5 -21.93 -11.99 -29.26
C TYR B 5 -23.05 -12.05 -30.29
N ARG B 6 -24.17 -12.61 -29.89
CA ARG B 6 -25.35 -12.74 -30.72
C ARG B 6 -26.55 -12.13 -30.01
N ASN B 7 -27.51 -11.65 -30.79
CA ASN B 7 -28.67 -10.98 -30.23
C ASN B 7 -29.69 -12.00 -29.72
N THR B 8 -30.54 -11.54 -28.81
CA THR B 8 -31.69 -12.32 -28.36
C THR B 8 -32.87 -12.00 -29.27
N ASN B 9 -34.07 -12.39 -28.86
CA ASN B 9 -35.23 -12.26 -29.72
C ASN B 9 -35.85 -10.86 -29.67
N THR B 10 -35.50 -10.03 -28.69
CA THR B 10 -36.20 -8.77 -28.50
C THR B 10 -35.32 -7.78 -27.75
N PHE B 11 -35.72 -6.51 -27.80
CA PHE B 11 -35.06 -5.43 -27.09
C PHE B 11 -36.11 -4.50 -26.49
N MET B 12 -35.65 -3.48 -25.78
CA MET B 12 -36.52 -2.55 -25.07
C MET B 12 -36.41 -1.16 -25.67
N ILE B 13 -37.52 -0.43 -25.67
CA ILE B 13 -37.58 0.94 -26.16
C ILE B 13 -38.10 1.83 -25.03
N ARG B 14 -37.46 2.98 -24.83
CA ARG B 14 -37.85 3.94 -23.82
C ARG B 14 -38.03 5.30 -24.45
N THR B 15 -39.07 6.03 -24.03
CA THR B 15 -39.36 7.34 -24.59
C THR B 15 -40.10 8.18 -23.57
N PRO B 16 -39.76 9.46 -23.40
CA PRO B 16 -40.54 10.31 -22.49
C PRO B 16 -41.94 10.57 -23.03
N ILE B 17 -42.75 11.24 -22.22
CA ILE B 17 -44.16 11.38 -22.55
C ILE B 17 -44.41 12.59 -23.45
N PHE B 18 -43.53 13.58 -23.43
CA PHE B 18 -43.64 14.75 -24.28
C PHE B 18 -42.57 14.74 -25.36
N SER B 19 -42.85 15.43 -26.46
CA SER B 19 -41.86 15.57 -27.52
C SER B 19 -40.90 16.71 -27.19
N ILE B 20 -39.75 16.70 -27.87
CA ILE B 20 -38.74 17.71 -27.63
C ILE B 20 -39.21 19.09 -28.07
N ASP B 21 -40.30 19.17 -28.83
CA ASP B 21 -40.86 20.47 -29.19
C ASP B 21 -41.35 21.22 -27.96
N ASN B 22 -41.98 20.52 -27.01
CA ASN B 22 -42.46 21.16 -25.80
C ASN B 22 -41.34 21.76 -24.98
N TYR B 23 -40.10 21.32 -25.19
CA TYR B 23 -38.98 21.87 -24.44
C TYR B 23 -38.52 23.19 -25.04
N TYR B 24 -38.37 23.24 -26.36
CA TYR B 24 -37.93 24.46 -27.02
C TYR B 24 -39.02 25.52 -27.02
N GLU B 25 -40.29 25.11 -27.06
CA GLU B 25 -41.38 26.07 -27.02
C GLU B 25 -41.49 26.73 -25.65
N PHE B 26 -41.17 26.01 -24.58
CA PHE B 26 -41.33 26.54 -23.23
C PHE B 26 -40.18 27.44 -22.81
N PHE B 27 -38.99 27.24 -23.39
CA PHE B 27 -37.84 28.04 -23.03
C PHE B 27 -37.60 29.11 -24.10
N ARG B 28 -38.69 29.61 -24.68
CA ARG B 28 -38.67 30.72 -25.62
C ARG B 28 -37.58 30.53 -26.68
N LYS B 29 -37.45 29.31 -27.19
CA LYS B 29 -36.56 29.04 -28.32
C LYS B 29 -37.33 29.12 -29.64
N ASP B 30 -38.50 28.48 -29.70
CA ASP B 30 -39.41 28.61 -30.82
C ASP B 30 -40.24 29.88 -30.73
N GLY B 31 -40.12 30.64 -29.64
CA GLY B 31 -40.80 31.91 -29.49
C GLY B 31 -39.95 32.88 -28.71
N GLU B 32 -39.83 34.12 -29.21
CA GLU B 32 -38.89 35.06 -28.60
C GLU B 32 -39.43 35.68 -27.32
N SER B 33 -40.73 35.55 -27.05
CA SER B 33 -41.31 36.19 -25.88
C SER B 33 -40.75 35.59 -24.59
N ASP B 34 -40.48 36.44 -23.60
CA ASP B 34 -39.94 36.03 -22.31
C ASP B 34 -40.88 36.52 -21.22
N LYS B 35 -41.29 35.61 -20.33
CA LYS B 35 -42.11 35.97 -19.19
C LYS B 35 -42.15 34.81 -18.21
N ILE B 36 -42.14 35.14 -16.92
CA ILE B 36 -42.12 34.12 -15.88
C ILE B 36 -43.45 33.38 -15.83
N LYS B 37 -44.54 34.10 -15.55
CA LYS B 37 -45.87 33.53 -15.53
C LYS B 37 -46.39 33.40 -16.94
N ASP B 38 -47.70 33.18 -17.10
CA ASP B 38 -48.31 32.90 -18.40
C ASP B 38 -47.94 31.48 -18.82
N ARG B 39 -46.69 31.27 -19.24
CA ARG B 39 -46.25 29.91 -19.53
C ARG B 39 -46.42 29.01 -18.31
N LEU B 40 -46.16 29.55 -17.12
CA LEU B 40 -46.38 28.77 -15.90
C LEU B 40 -47.86 28.44 -15.72
N LEU B 41 -48.75 29.39 -16.01
CA LEU B 41 -50.18 29.09 -15.96
C LEU B 41 -50.59 28.21 -17.12
N GLU B 42 -50.00 28.42 -18.30
CA GLU B 42 -50.35 27.60 -19.46
C GLU B 42 -49.97 26.14 -19.35
N ILE B 43 -49.03 25.79 -18.47
CA ILE B 43 -48.62 24.41 -18.26
C ILE B 43 -49.31 23.81 -17.04
N CYS B 44 -49.42 24.58 -15.95
CA CYS B 44 -50.04 24.07 -14.74
C CYS B 44 -51.50 23.69 -14.97
N ASN B 45 -52.12 24.19 -16.04
CA ASN B 45 -53.48 23.80 -16.40
C ASN B 45 -53.51 22.64 -17.40
N ASN B 46 -52.37 22.04 -17.71
CA ASN B 46 -52.33 20.87 -18.57
C ASN B 46 -52.75 19.64 -17.77
N SER B 47 -53.64 18.83 -18.34
CA SER B 47 -54.14 17.66 -17.62
C SER B 47 -53.07 16.60 -17.46
N VAL B 48 -52.34 16.30 -18.53
CA VAL B 48 -51.31 15.26 -18.45
C VAL B 48 -50.25 15.63 -17.44
N PHE B 49 -49.82 16.90 -17.45
CA PHE B 49 -48.83 17.35 -16.49
C PHE B 49 -49.36 17.23 -15.06
N ARG B 50 -50.61 17.62 -14.85
CA ARG B 50 -51.20 17.56 -13.51
C ARG B 50 -51.24 16.13 -13.00
N GLU B 51 -51.67 15.19 -13.84
CA GLU B 51 -51.74 13.81 -13.39
C GLU B 51 -50.34 13.23 -13.18
N ALA B 52 -49.40 13.51 -14.08
CA ALA B 52 -48.05 13.00 -13.89
C ALA B 52 -47.47 13.49 -12.58
N ILE B 53 -47.76 14.74 -12.20
CA ILE B 53 -47.28 15.24 -10.91
C ILE B 53 -48.01 14.58 -9.76
N LEU B 54 -49.32 14.36 -9.91
CA LEU B 54 -50.10 13.77 -8.82
C LEU B 54 -49.56 12.39 -8.45
N VAL B 55 -49.29 11.55 -9.44
CA VAL B 55 -48.84 10.20 -9.20
C VAL B 55 -47.49 10.18 -8.50
N SER B 56 -46.71 11.24 -8.64
CA SER B 56 -45.34 11.26 -8.13
C SER B 56 -45.19 12.04 -6.84
N SER B 57 -45.77 13.24 -6.75
CA SER B 57 -45.62 14.10 -5.58
C SER B 57 -46.96 14.77 -5.31
N LYS B 58 -47.60 14.38 -4.21
CA LYS B 58 -48.93 14.90 -3.90
C LYS B 58 -48.85 16.32 -3.34
N SER B 59 -47.81 16.64 -2.57
CA SER B 59 -47.67 17.98 -2.02
C SER B 59 -47.57 19.02 -3.13
N LEU B 60 -46.74 18.76 -4.13
CA LEU B 60 -46.62 19.68 -5.25
C LEU B 60 -47.94 19.78 -6.01
N TYR B 61 -48.71 18.70 -6.05
CA TYR B 61 -50.02 18.75 -6.68
C TYR B 61 -50.95 19.70 -5.94
N SER B 62 -50.97 19.62 -4.61
CA SER B 62 -51.79 20.53 -3.84
C SER B 62 -51.36 21.97 -4.05
N THR B 63 -50.04 22.21 -4.07
CA THR B 63 -49.54 23.57 -4.30
C THR B 63 -49.94 24.06 -5.69
N ILE B 64 -49.90 23.19 -6.70
CA ILE B 64 -50.31 23.58 -8.04
C ILE B 64 -51.78 23.95 -8.05
N ILE B 65 -52.61 23.18 -7.34
CA ILE B 65 -54.03 23.49 -7.28
C ILE B 65 -54.25 24.86 -6.64
N ASP B 66 -53.55 25.13 -5.54
CA ASP B 66 -53.67 26.43 -4.89
C ASP B 66 -53.24 27.55 -5.84
N PHE B 67 -52.12 27.36 -6.53
CA PHE B 67 -51.65 28.37 -7.47
C PHE B 67 -52.67 28.63 -8.58
N CYS B 68 -53.27 27.57 -9.11
CA CYS B 68 -54.28 27.74 -10.15
C CYS B 68 -55.52 28.43 -9.60
N ASP B 69 -55.83 28.23 -8.32
CA ASP B 69 -56.94 28.96 -7.70
C ASP B 69 -56.64 30.43 -7.51
N GLY B 70 -55.40 30.87 -7.72
CA GLY B 70 -55.05 32.26 -7.50
C GLY B 70 -54.67 32.60 -6.08
N LYS B 71 -54.46 31.59 -5.23
CA LYS B 71 -54.11 31.85 -3.85
C LYS B 71 -52.64 32.25 -3.73
N GLU B 72 -52.25 32.62 -2.52
CA GLU B 72 -50.91 33.12 -2.24
C GLU B 72 -49.96 31.95 -2.07
N ILE B 73 -49.02 31.80 -3.01
CA ILE B 73 -47.96 30.81 -2.87
C ILE B 73 -46.88 31.39 -1.97
N LYS B 74 -46.49 30.64 -0.94
CA LYS B 74 -45.56 31.15 0.07
C LYS B 74 -44.19 31.40 -0.53
N LYS B 75 -43.56 30.36 -1.07
CA LYS B 75 -42.20 30.51 -1.59
C LYS B 75 -42.21 31.07 -3.01
N PHE B 76 -42.75 30.30 -3.95
CA PHE B 76 -42.81 30.69 -5.35
C PHE B 76 -41.44 30.69 -6.01
N ASP B 77 -40.38 30.38 -5.26
CA ASP B 77 -39.09 30.12 -5.86
C ASP B 77 -38.83 28.63 -5.96
N TYR B 78 -38.88 27.94 -4.81
CA TYR B 78 -38.84 26.48 -4.81
C TYR B 78 -39.92 25.91 -5.72
N PHE B 79 -41.10 26.54 -5.73
CA PHE B 79 -42.17 26.11 -6.62
C PHE B 79 -41.74 26.16 -8.08
N LEU B 80 -41.16 27.29 -8.50
CA LEU B 80 -40.73 27.43 -9.88
C LEU B 80 -39.64 26.44 -10.23
N GLN B 81 -38.68 26.26 -9.32
CA GLN B 81 -37.60 25.31 -9.60
C GLN B 81 -38.14 23.90 -9.78
N SER B 82 -39.07 23.49 -8.91
CA SER B 82 -39.65 22.16 -9.03
C SER B 82 -40.41 22.00 -10.33
N ILE B 83 -41.20 23.00 -10.70
CA ILE B 83 -41.96 22.91 -11.94
C ILE B 83 -41.03 22.80 -13.14
N TYR B 84 -39.98 23.62 -13.17
CA TYR B 84 -39.04 23.58 -14.29
C TYR B 84 -38.36 22.22 -14.38
N LYS B 85 -37.92 21.69 -13.24
CA LYS B 85 -37.22 20.41 -13.26
C LYS B 85 -38.12 19.29 -13.75
N TYR B 86 -39.38 19.27 -13.30
CA TYR B 86 -40.28 18.22 -13.74
C TYR B 86 -40.64 18.36 -15.22
N LEU B 87 -40.83 19.58 -15.72
CA LEU B 87 -41.10 19.75 -17.14
C LEU B 87 -39.93 19.27 -17.98
N ILE B 88 -38.71 19.62 -17.58
CA ILE B 88 -37.53 19.17 -18.31
C ILE B 88 -37.44 17.66 -18.30
N ARG B 89 -37.68 17.04 -17.13
CA ARG B 89 -37.63 15.58 -17.06
C ARG B 89 -38.66 14.94 -17.96
N MET B 90 -39.89 15.44 -17.96
CA MET B 90 -40.93 14.89 -18.81
C MET B 90 -40.65 15.07 -20.29
N SER B 91 -39.85 16.06 -20.67
CA SER B 91 -39.55 16.28 -22.08
C SER B 91 -38.29 15.61 -22.59
N MET B 92 -37.28 15.38 -21.73
CA MET B 92 -35.95 15.06 -22.24
C MET B 92 -35.26 13.85 -21.62
N ARG B 93 -35.82 13.21 -20.60
CA ARG B 93 -35.15 12.08 -19.95
C ARG B 93 -35.85 10.77 -20.25
N PRO B 94 -35.26 9.86 -21.02
CA PRO B 94 -35.97 8.61 -21.36
C PRO B 94 -36.20 7.68 -20.17
N THR B 95 -35.31 7.68 -19.18
CA THR B 95 -35.37 6.70 -18.10
C THR B 95 -36.79 6.58 -17.54
N PRO B 96 -37.37 5.37 -17.50
CA PRO B 96 -38.79 5.24 -17.15
C PRO B 96 -39.02 5.38 -15.66
N PHE B 97 -39.99 6.22 -15.29
CA PHE B 97 -40.37 6.41 -13.90
C PHE B 97 -41.74 7.07 -13.85
N GLY B 98 -42.68 6.43 -13.14
CA GLY B 98 -44.01 7.00 -13.02
C GLY B 98 -44.66 7.16 -14.37
N LEU B 99 -45.41 8.24 -14.53
CA LEU B 99 -46.01 8.61 -15.81
C LEU B 99 -45.13 9.58 -16.60
N PHE B 100 -43.91 9.86 -16.13
CA PHE B 100 -43.01 10.71 -16.88
C PHE B 100 -42.54 10.04 -18.16
N SER B 101 -42.31 8.73 -18.13
CA SER B 101 -41.76 8.02 -19.28
C SER B 101 -42.26 6.59 -19.28
N GLY B 102 -42.20 5.95 -20.46
CA GLY B 102 -42.75 4.63 -20.63
C GLY B 102 -41.77 3.70 -21.31
N VAL B 103 -42.20 2.44 -21.46
CA VAL B 103 -41.36 1.36 -21.99
C VAL B 103 -42.16 0.54 -22.98
N ASP B 104 -41.46 -0.10 -23.91
CA ASP B 104 -42.06 -1.04 -24.84
C ASP B 104 -40.98 -1.98 -25.34
N PHE B 105 -41.40 -3.04 -26.03
CA PHE B 105 -40.50 -4.12 -26.45
C PHE B 105 -40.66 -4.35 -27.94
N GLY B 106 -39.54 -4.29 -28.67
CA GLY B 106 -39.54 -4.36 -30.12
C GLY B 106 -38.95 -5.66 -30.66
N LYS B 107 -38.70 -5.64 -31.97
CA LYS B 107 -38.18 -6.80 -32.68
C LYS B 107 -37.20 -6.35 -33.76
N TYR B 108 -36.31 -7.25 -34.15
CA TYR B 108 -35.34 -6.97 -35.21
C TYR B 108 -35.94 -7.26 -36.57
N ALA B 109 -35.51 -6.49 -37.56
CA ALA B 109 -36.00 -6.64 -38.93
C ALA B 109 -34.97 -6.06 -39.87
N GLU B 110 -35.34 -5.97 -41.16
CA GLU B 110 -34.43 -5.47 -42.18
C GLU B 110 -34.41 -3.96 -42.28
N GLU B 111 -35.39 -3.27 -41.70
CA GLU B 111 -35.47 -1.82 -41.80
C GLU B 111 -35.96 -1.25 -40.49
N THR B 112 -35.63 0.02 -40.25
CA THR B 112 -35.97 0.69 -39.01
C THR B 112 -37.22 1.54 -39.22
N VAL B 113 -38.28 1.22 -38.47
CA VAL B 113 -39.48 2.04 -38.46
C VAL B 113 -40.11 1.97 -37.08
N ILE B 114 -40.18 3.12 -36.38
CA ILE B 114 -40.80 3.20 -35.07
C ILE B 114 -41.79 4.35 -35.09
N SER B 115 -43.04 4.07 -34.75
CA SER B 115 -44.12 5.03 -34.90
C SER B 115 -45.06 4.94 -33.70
N TYR B 116 -45.82 6.01 -33.47
CA TYR B 116 -46.75 6.06 -32.34
C TYR B 116 -48.18 5.81 -32.79
N GLU B 117 -48.90 5.03 -31.99
CA GLU B 117 -50.30 4.75 -32.22
C GLU B 117 -51.16 5.85 -31.59
N ASN B 118 -52.44 5.90 -31.98
CA ASN B 118 -53.33 6.90 -31.41
C ASN B 118 -53.55 6.67 -29.91
N ASP B 119 -53.73 5.42 -29.51
CA ASP B 119 -54.04 5.08 -28.12
C ASP B 119 -52.76 4.76 -27.33
N ASN B 120 -51.98 5.79 -27.02
CA ASN B 120 -50.71 5.58 -26.35
C ASN B 120 -50.90 5.46 -24.84
N PHE B 121 -49.83 5.06 -24.17
CA PHE B 121 -49.68 5.27 -22.74
C PHE B 121 -50.78 4.58 -21.93
N LYS B 122 -50.76 3.26 -21.95
CA LYS B 122 -51.57 2.48 -21.01
C LYS B 122 -50.99 2.64 -19.61
N LYS B 123 -51.82 2.45 -18.60
CA LYS B 123 -51.39 2.51 -17.21
C LYS B 123 -51.32 1.12 -16.60
N PHE B 124 -50.32 0.93 -15.73
CA PHE B 124 -50.15 -0.31 -14.96
C PHE B 124 -49.94 0.08 -13.50
N ALA B 125 -51.02 0.24 -12.76
CA ALA B 125 -50.94 0.58 -11.35
C ALA B 125 -51.04 -0.66 -10.48
N ARG B 126 -50.22 -0.72 -9.44
CA ARG B 126 -50.18 -1.86 -8.53
C ARG B 126 -49.87 -1.34 -7.14
N PRO B 127 -50.37 -1.99 -6.09
CA PRO B 127 -50.06 -1.53 -4.74
C PRO B 127 -48.57 -1.59 -4.44
N ASP B 128 -48.13 -0.69 -3.56
CA ASP B 128 -46.73 -0.65 -3.18
C ASP B 128 -46.40 -1.81 -2.24
N LEU B 129 -45.12 -2.12 -2.11
CA LEU B 129 -44.72 -3.21 -1.21
C LEU B 129 -44.82 -2.79 0.25
N GLU B 130 -44.55 -1.53 0.55
CA GLU B 130 -44.64 -1.07 1.93
C GLU B 130 -46.06 -1.24 2.47
N TRP B 131 -47.06 -0.89 1.66
CA TRP B 131 -48.45 -1.04 2.06
C TRP B 131 -48.77 -2.50 2.35
N ILE B 132 -48.39 -3.41 1.45
CA ILE B 132 -48.69 -4.82 1.62
C ILE B 132 -48.02 -5.36 2.88
N ILE B 133 -46.77 -4.97 3.10
CA ILE B 133 -46.05 -5.49 4.26
C ILE B 133 -46.63 -4.94 5.56
N LYS B 134 -47.07 -3.68 5.56
CA LYS B 134 -47.76 -3.15 6.74
C LYS B 134 -49.01 -3.98 7.04
N ILE B 135 -49.81 -4.27 6.01
CA ILE B 135 -51.03 -5.06 6.23
C ILE B 135 -50.68 -6.44 6.75
N VAL B 136 -49.67 -7.08 6.16
CA VAL B 136 -49.30 -8.44 6.56
C VAL B 136 -48.84 -8.44 8.01
N LYS B 137 -48.00 -7.47 8.39
CA LYS B 137 -47.52 -7.43 9.76
C LYS B 137 -48.65 -7.21 10.74
N GLU B 138 -49.59 -6.33 10.42
CA GLU B 138 -50.75 -6.15 11.31
C GLU B 138 -51.54 -7.45 11.46
N LEU B 139 -51.82 -8.12 10.33
CA LEU B 139 -52.60 -9.35 10.39
C LEU B 139 -51.91 -10.39 11.25
N GLU B 140 -50.63 -10.64 11.01
CA GLU B 140 -49.93 -11.67 11.77
C GLU B 140 -49.65 -11.25 13.20
N ASP B 141 -49.72 -9.96 13.51
CA ASP B 141 -49.61 -9.52 14.90
C ASP B 141 -50.90 -9.75 15.66
N ASN B 142 -52.04 -9.62 14.98
CA ASN B 142 -53.32 -9.80 15.66
C ASN B 142 -53.84 -11.24 15.62
N HIS B 143 -53.77 -11.89 14.46
CA HIS B 143 -54.39 -13.20 14.27
C HIS B 143 -53.37 -14.31 14.05
N TYR B 144 -52.27 -14.29 14.79
CA TYR B 144 -51.21 -15.28 14.58
C TYR B 144 -51.71 -16.70 14.81
N LYS B 145 -52.77 -16.87 15.59
CA LYS B 145 -53.22 -18.21 15.95
C LYS B 145 -53.79 -18.98 14.76
N ASN B 146 -54.18 -18.30 13.68
CA ASN B 146 -54.75 -18.96 12.52
C ASN B 146 -53.76 -19.21 11.40
N LEU B 147 -52.49 -18.86 11.58
CA LEU B 147 -51.52 -18.87 10.51
C LEU B 147 -50.64 -20.12 10.55
N THR B 148 -49.97 -20.37 9.44
CA THR B 148 -48.96 -21.41 9.33
C THR B 148 -47.59 -20.76 9.20
N PHE B 149 -46.61 -21.26 9.95
CA PHE B 149 -45.30 -20.65 10.05
C PHE B 149 -44.22 -21.59 9.56
N LYS B 150 -43.10 -21.01 9.14
CA LYS B 150 -41.99 -21.74 8.56
C LYS B 150 -40.68 -21.10 9.00
N ILE B 151 -39.60 -21.86 8.93
CA ILE B 151 -38.32 -21.39 9.43
C ILE B 151 -37.64 -20.50 8.39
N ASN B 152 -36.96 -19.47 8.87
CA ASN B 152 -36.23 -18.56 7.99
C ASN B 152 -35.05 -19.27 7.36
N ASP B 153 -34.76 -18.95 6.10
CA ASP B 153 -33.70 -19.62 5.34
C ASP B 153 -32.32 -19.01 5.55
N SER B 154 -32.21 -17.87 6.23
CA SER B 154 -30.92 -17.24 6.46
C SER B 154 -30.36 -17.51 7.85
N ILE B 155 -30.95 -18.44 8.60
CA ILE B 155 -30.52 -18.69 9.97
C ILE B 155 -29.20 -19.45 9.99
N PHE B 156 -28.36 -19.13 10.97
CA PHE B 156 -27.04 -19.71 11.12
C PHE B 156 -26.79 -20.00 12.59
N ILE B 157 -26.41 -21.23 12.90
CA ILE B 157 -26.23 -21.68 14.27
C ILE B 157 -24.73 -21.79 14.54
N LYS B 158 -24.25 -20.98 15.48
CA LYS B 158 -22.82 -20.87 15.78
C LYS B 158 -22.61 -21.21 17.26
N GLY B 159 -22.28 -22.47 17.53
CA GLY B 159 -22.10 -22.88 18.91
C GLY B 159 -23.44 -23.00 19.61
N GLU B 160 -23.69 -22.09 20.55
CA GLU B 160 -24.92 -22.08 21.32
C GLU B 160 -25.79 -20.86 21.05
N ARG B 161 -25.60 -20.18 19.91
CA ARG B 161 -26.40 -19.04 19.50
C ARG B 161 -26.87 -19.26 18.07
N ALA B 162 -28.02 -18.69 17.73
CA ALA B 162 -28.54 -18.70 16.37
C ALA B 162 -28.66 -17.27 15.88
N LEU B 163 -28.28 -17.04 14.62
CA LEU B 163 -28.13 -15.68 14.10
C LEU B 163 -28.90 -15.51 12.80
N LEU B 164 -29.20 -14.25 12.49
CA LEU B 164 -29.74 -13.83 11.20
C LEU B 164 -28.81 -12.81 10.57
N ILE B 165 -28.78 -12.77 9.24
CA ILE B 165 -27.89 -11.85 8.55
C ILE B 165 -28.27 -10.40 8.77
N HIS B 166 -29.56 -10.09 8.79
CA HIS B 166 -30.01 -8.76 9.15
C HIS B 166 -31.43 -8.88 9.70
N SER B 167 -32.09 -7.75 9.91
CA SER B 167 -33.48 -7.74 10.34
C SER B 167 -34.28 -6.80 9.44
N THR B 168 -35.53 -7.17 9.17
CA THR B 168 -36.42 -6.29 8.44
C THR B 168 -36.83 -5.09 9.30
N ASP B 169 -36.94 -5.28 10.60
CA ASP B 169 -37.27 -4.19 11.52
C ASP B 169 -36.05 -3.33 11.79
N LYS B 170 -36.22 -2.34 12.65
CA LYS B 170 -35.17 -1.39 12.99
C LYS B 170 -35.05 -1.26 14.50
N GLU B 171 -33.83 -1.01 14.96
CA GLU B 171 -33.54 -0.78 16.37
C GLU B 171 -33.55 0.72 16.62
N ASP B 172 -34.57 1.19 17.35
CA ASP B 172 -34.76 2.62 17.57
C ASP B 172 -34.82 3.33 16.22
N ASN B 173 -33.70 3.90 15.77
CA ASN B 173 -33.62 4.57 14.48
C ASN B 173 -32.42 4.10 13.68
N ASN B 174 -31.88 2.93 14.00
CA ASN B 174 -30.72 2.37 13.32
C ASN B 174 -31.05 0.97 12.82
N ARG B 175 -30.38 0.58 11.74
CA ARG B 175 -30.56 -0.76 11.21
C ARG B 175 -30.07 -1.79 12.23
N ILE B 176 -30.44 -3.04 11.99
CA ILE B 176 -30.00 -4.17 12.82
C ILE B 176 -29.07 -5.02 11.97
N GLY B 177 -27.82 -5.15 12.41
CA GLY B 177 -26.84 -5.89 11.65
C GLY B 177 -26.68 -7.33 12.07
N GLU B 178 -27.25 -7.68 13.23
CA GLU B 178 -27.18 -9.05 13.72
C GLU B 178 -28.13 -9.19 14.89
N ILE B 179 -28.95 -10.24 14.86
CA ILE B 179 -29.75 -10.65 16.01
C ILE B 179 -29.35 -12.07 16.37
N SER B 180 -29.01 -12.28 17.63
CA SER B 180 -28.64 -13.61 18.10
C SER B 180 -29.46 -13.97 19.32
N ILE B 181 -29.90 -15.22 19.38
CA ILE B 181 -30.66 -15.73 20.50
C ILE B 181 -30.01 -17.01 20.98
N ARG B 182 -30.33 -17.39 22.21
CA ARG B 182 -29.78 -18.60 22.81
C ARG B 182 -30.50 -19.82 22.25
N ALA B 183 -29.75 -20.70 21.59
CA ALA B 183 -30.33 -21.86 20.91
C ALA B 183 -30.59 -22.97 21.92
N THR B 184 -31.67 -22.81 22.68
CA THR B 184 -32.05 -23.77 23.69
C THR B 184 -32.67 -25.01 23.05
N LYS B 185 -32.94 -26.02 23.88
CA LYS B 185 -33.52 -27.26 23.37
C LYS B 185 -34.90 -27.05 22.76
N PRO B 186 -35.84 -26.34 23.38
CA PRO B 186 -37.11 -26.09 22.69
C PRO B 186 -36.95 -25.38 21.37
N PHE B 187 -35.99 -24.47 21.24
CA PHE B 187 -35.76 -23.81 19.96
C PHE B 187 -35.31 -24.81 18.91
N MET B 188 -34.43 -25.73 19.27
CA MET B 188 -34.02 -26.74 18.29
C MET B 188 -35.18 -27.65 17.90
N ARG B 189 -36.01 -28.03 18.87
CA ARG B 189 -37.18 -28.85 18.54
C ARG B 189 -38.11 -28.12 17.58
N THR B 190 -38.34 -26.83 17.81
CA THR B 190 -39.12 -26.03 16.87
C THR B 190 -38.43 -25.96 15.51
N TYR B 191 -37.11 -25.76 15.52
CA TYR B 191 -36.34 -25.66 14.27
C TYR B 191 -36.44 -26.93 13.46
N ASP B 192 -36.72 -28.06 14.11
CA ASP B 192 -36.94 -29.31 13.36
C ASP B 192 -38.39 -29.46 12.93
N LEU B 193 -39.34 -29.04 13.78
CA LEU B 193 -40.75 -29.21 13.46
C LEU B 193 -41.19 -28.32 12.31
N ALA B 194 -40.82 -27.03 12.36
CA ALA B 194 -41.26 -26.05 11.39
C ALA B 194 -40.35 -25.99 10.18
N LYS B 195 -39.65 -27.09 9.86
CA LYS B 195 -38.72 -27.07 8.75
C LYS B 195 -39.41 -26.72 7.43
N ASP B 196 -40.60 -27.26 7.21
CA ASP B 196 -41.35 -27.04 5.97
C ASP B 196 -42.77 -26.58 6.22
N GLY B 197 -43.02 -25.93 7.36
CA GLY B 197 -44.33 -25.38 7.65
C GLY B 197 -45.10 -26.17 8.68
N ILE B 198 -45.69 -25.48 9.66
CA ILE B 198 -46.47 -26.13 10.71
C ILE B 198 -47.46 -25.11 11.26
N GLU B 199 -48.66 -25.58 11.58
CA GLU B 199 -49.68 -24.69 12.14
C GLU B 199 -49.28 -24.26 13.53
N TYR B 200 -49.80 -23.11 13.96
CA TYR B 200 -49.43 -22.58 15.27
C TYR B 200 -49.82 -23.53 16.39
N ASN B 201 -51.06 -24.02 16.37
CA ASN B 201 -51.51 -24.91 17.43
C ASN B 201 -50.78 -26.24 17.40
N LYS B 202 -50.55 -26.78 16.20
CA LYS B 202 -49.83 -28.04 16.09
C LYS B 202 -48.46 -27.96 16.75
N LEU B 203 -47.77 -26.84 16.58
CA LEU B 203 -46.46 -26.66 17.22
C LEU B 203 -46.61 -26.42 18.72
N LYS B 204 -47.55 -25.55 19.10
CA LYS B 204 -47.68 -25.16 20.50
C LYS B 204 -48.00 -26.37 21.37
N TYR B 205 -48.94 -27.20 20.95
CA TYR B 205 -49.34 -28.33 21.78
C TYR B 205 -48.28 -29.42 21.79
N ILE B 206 -47.53 -29.60 20.71
CA ILE B 206 -46.41 -30.53 20.75
C ILE B 206 -45.37 -30.05 21.75
N LEU B 207 -45.06 -28.76 21.76
CA LEU B 207 -44.10 -28.25 22.74
C LEU B 207 -44.61 -28.44 24.16
N ILE B 208 -45.88 -28.13 24.40
CA ILE B 208 -46.44 -28.31 25.74
C ILE B 208 -46.36 -29.77 26.15
N ASP B 209 -46.69 -30.68 25.25
CA ASP B 209 -46.61 -32.10 25.55
C ASP B 209 -45.18 -32.50 25.91
N GLU B 210 -44.20 -32.04 25.13
CA GLU B 210 -42.83 -32.49 25.31
C GLU B 210 -42.16 -31.84 26.51
N TYR B 211 -42.67 -30.72 27.02
CA TYR B 211 -42.10 -30.09 28.20
C TYR B 211 -43.08 -29.94 29.36
N SER B 212 -44.38 -29.97 29.08
CA SER B 212 -45.42 -29.91 30.10
C SER B 212 -45.55 -28.52 30.72
N ILE B 213 -44.62 -27.63 30.38
CA ILE B 213 -44.59 -26.23 30.79
C ILE B 213 -45.41 -25.93 32.05
N GLU B 214 -46.69 -26.31 32.04
CA GLU B 214 -47.61 -26.07 33.16
C GLU B 214 -48.07 -24.61 33.16
N ASP B 215 -47.53 -23.80 32.27
CA ASP B 215 -47.92 -22.40 32.14
C ASP B 215 -47.99 -22.08 30.65
N GLU B 216 -49.21 -22.05 30.11
CA GLU B 216 -49.36 -21.84 28.66
C GLU B 216 -48.82 -20.48 28.24
N SER B 217 -48.86 -19.49 29.12
CA SER B 217 -48.35 -18.16 28.78
C SER B 217 -46.85 -18.16 28.54
N LYS B 218 -46.14 -19.21 28.96
CA LYS B 218 -44.71 -19.31 28.67
C LYS B 218 -44.48 -19.69 27.21
N ILE B 219 -45.25 -20.64 26.70
CA ILE B 219 -45.08 -21.06 25.30
C ILE B 219 -45.54 -19.95 24.36
N ASP B 220 -46.66 -19.30 24.70
CA ASP B 220 -47.15 -18.23 23.84
C ASP B 220 -46.14 -17.11 23.71
N ASN B 221 -45.52 -16.70 24.82
CA ASN B 221 -44.52 -15.64 24.76
C ASN B 221 -43.29 -16.09 23.98
N PHE B 222 -42.87 -17.34 24.16
CA PHE B 222 -41.73 -17.87 23.42
C PHE B 222 -41.97 -17.79 21.91
N LEU B 223 -43.12 -18.32 21.46
CA LEU B 223 -43.41 -18.31 20.04
C LEU B 223 -43.60 -16.89 19.52
N LYS B 224 -44.25 -16.02 20.30
CA LYS B 224 -44.44 -14.64 19.86
C LYS B 224 -43.11 -13.93 19.72
N GLN B 225 -42.18 -14.18 20.63
CA GLN B 225 -40.86 -13.56 20.54
C GLN B 225 -40.12 -14.07 19.31
N LEU B 226 -40.25 -15.36 18.99
CA LEU B 226 -39.65 -15.88 17.77
C LEU B 226 -40.27 -15.20 16.53
N ILE B 227 -41.57 -15.01 16.53
CA ILE B 227 -42.26 -14.48 15.36
C ILE B 227 -41.91 -13.00 15.17
N GLU B 228 -41.85 -12.24 16.26
CA GLU B 228 -41.59 -10.82 16.15
C GLU B 228 -40.22 -10.54 15.57
N ARG B 229 -39.22 -11.35 15.92
CA ARG B 229 -37.86 -11.19 15.45
C ARG B 229 -37.64 -11.78 14.06
N GLU B 230 -38.66 -12.42 13.49
CA GLU B 230 -38.60 -13.00 12.15
C GLU B 230 -37.70 -14.21 12.08
N PHE B 231 -37.62 -14.98 13.16
CA PHE B 231 -37.06 -16.33 13.06
C PHE B 231 -38.06 -17.29 12.43
N LEU B 232 -39.35 -17.03 12.58
CA LEU B 232 -40.41 -17.78 11.93
C LEU B 232 -41.14 -16.88 10.95
N ILE B 233 -41.39 -17.39 9.74
CA ILE B 233 -42.02 -16.63 8.67
C ILE B 233 -43.39 -17.25 8.41
N SER B 234 -44.42 -16.41 8.39
CA SER B 234 -45.79 -16.89 8.18
C SER B 234 -46.06 -17.10 6.69
N ASN B 235 -47.26 -17.61 6.39
CA ASN B 235 -47.63 -17.87 5.00
C ASN B 235 -48.28 -16.64 4.35
N LEU B 236 -48.56 -15.59 5.11
CA LEU B 236 -49.17 -14.40 4.53
C LEU B 236 -48.17 -13.58 3.74
N ARG B 237 -46.89 -13.70 4.06
CA ARG B 237 -45.88 -12.86 3.42
C ARG B 237 -45.70 -13.26 1.97
N PRO B 238 -45.91 -12.35 1.00
CA PRO B 238 -45.95 -12.79 -0.39
C PRO B 238 -44.56 -12.93 -0.96
N PRO B 239 -44.35 -13.82 -1.92
CA PRO B 239 -43.06 -13.91 -2.60
C PRO B 239 -42.79 -12.68 -3.46
N LEU B 240 -41.51 -12.38 -3.66
CA LEU B 240 -41.14 -11.33 -4.59
C LEU B 240 -41.06 -11.81 -6.02
N THR B 241 -41.08 -13.13 -6.25
CA THR B 241 -40.91 -13.69 -7.58
C THR B 241 -42.21 -14.23 -8.17
N VAL B 242 -43.35 -13.89 -7.58
CA VAL B 242 -44.63 -14.15 -8.20
C VAL B 242 -44.95 -12.99 -9.12
N LEU B 243 -45.94 -13.18 -10.00
CA LEU B 243 -46.34 -12.14 -10.92
C LEU B 243 -47.34 -11.17 -10.32
N ASP B 244 -47.91 -11.46 -9.14
CA ASP B 244 -48.88 -10.58 -8.52
C ASP B 244 -48.86 -10.82 -7.02
N GLN B 245 -48.38 -9.83 -6.26
CA GLN B 245 -48.31 -9.98 -4.80
C GLN B 245 -49.66 -9.76 -4.14
N PHE B 246 -50.52 -8.92 -4.72
CA PHE B 246 -51.78 -8.57 -4.08
C PHE B 246 -52.78 -9.72 -4.15
N ASP B 247 -52.89 -10.37 -5.31
CA ASP B 247 -53.79 -11.50 -5.44
C ASP B 247 -53.36 -12.65 -4.55
N TYR B 248 -52.05 -12.88 -4.43
CA TYR B 248 -51.55 -13.91 -3.52
C TYR B 248 -51.98 -13.62 -2.10
N LEU B 249 -51.86 -12.37 -1.66
CA LEU B 249 -52.26 -12.01 -0.31
C LEU B 249 -53.75 -12.22 -0.11
N ILE B 250 -54.56 -11.83 -1.08
CA ILE B 250 -56.01 -12.00 -0.94
C ILE B 250 -56.35 -13.49 -0.80
N ASN B 251 -55.76 -14.32 -1.65
CA ASN B 251 -56.03 -15.76 -1.56
C ASN B 251 -55.58 -16.32 -0.22
N GLU B 252 -54.42 -15.90 0.27
CA GLU B 252 -53.93 -16.43 1.54
C GLU B 252 -54.84 -16.03 2.70
N VAL B 253 -55.29 -14.78 2.73
CA VAL B 253 -56.19 -14.37 3.82
C VAL B 253 -57.53 -15.09 3.71
N LYS B 254 -58.00 -15.36 2.48
CA LYS B 254 -59.21 -16.16 2.34
C LYS B 254 -59.00 -17.57 2.89
N LYS B 255 -57.84 -18.17 2.61
CA LYS B 255 -57.57 -19.50 3.14
C LYS B 255 -57.53 -19.50 4.66
N ALA B 256 -56.89 -18.50 5.26
CA ALA B 256 -56.79 -18.45 6.72
C ALA B 256 -58.13 -18.13 7.39
N GLU B 257 -59.04 -17.46 6.68
CA GLU B 257 -60.37 -17.15 7.22
C GLU B 257 -60.26 -16.23 8.44
N ILE B 258 -59.61 -15.09 8.24
CA ILE B 258 -59.33 -14.15 9.31
C ILE B 258 -59.75 -12.75 8.87
N GLU B 259 -60.25 -11.97 9.83
CA GLU B 259 -60.59 -10.56 9.61
C GLU B 259 -61.49 -10.41 8.39
N ILE B 260 -62.68 -11.00 8.49
CA ILE B 260 -63.65 -11.03 7.39
C ILE B 260 -63.92 -9.61 6.89
N PRO B 261 -64.06 -8.60 7.75
CA PRO B 261 -64.28 -7.24 7.22
C PRO B 261 -63.18 -6.78 6.28
N LEU B 262 -61.94 -7.16 6.56
CA LEU B 262 -60.83 -6.77 5.69
C LEU B 262 -60.91 -7.46 4.34
N VAL B 263 -61.36 -8.71 4.31
CA VAL B 263 -61.34 -9.49 3.08
C VAL B 263 -62.19 -8.82 2.01
N ASP B 264 -63.39 -8.36 2.39
CA ASP B 264 -64.26 -7.70 1.42
C ASP B 264 -63.72 -6.35 1.00
N GLU B 265 -63.11 -5.62 1.93
CA GLU B 265 -62.52 -4.33 1.59
C GLU B 265 -61.39 -4.49 0.58
N LEU B 266 -60.56 -5.52 0.76
CA LEU B 266 -59.46 -5.75 -0.18
C LEU B 266 -59.99 -6.07 -1.56
N THR B 267 -61.08 -6.84 -1.65
CA THR B 267 -61.67 -7.11 -2.96
C THR B 267 -62.23 -5.84 -3.59
N GLU B 268 -62.81 -4.96 -2.78
CA GLU B 268 -63.30 -3.69 -3.31
C GLU B 268 -62.16 -2.84 -3.84
N ILE B 269 -61.04 -2.81 -3.11
CA ILE B 269 -59.87 -2.07 -3.59
C ILE B 269 -59.34 -2.68 -4.87
N LYS B 270 -59.37 -4.01 -4.97
CA LYS B 270 -58.94 -4.68 -6.20
C LYS B 270 -59.83 -4.28 -7.37
N GLU B 271 -61.15 -4.21 -7.14
CA GLU B 271 -62.07 -3.84 -8.21
C GLU B 271 -61.86 -2.39 -8.64
N LYS B 272 -61.74 -1.48 -7.67
CA LYS B 272 -61.51 -0.07 -8.00
C LYS B 272 -60.18 0.12 -8.69
N LEU B 273 -59.15 -0.60 -8.26
CA LEU B 273 -57.83 -0.46 -8.85
C LEU B 273 -57.84 -0.85 -10.32
N LYS B 274 -58.73 -1.76 -10.71
CA LYS B 274 -58.80 -2.16 -12.11
C LYS B 274 -59.39 -1.05 -12.98
N LEU B 275 -60.38 -0.33 -12.47
CA LEU B 275 -60.99 0.74 -13.26
C LEU B 275 -59.99 1.83 -13.57
N TYR B 276 -59.16 2.20 -12.59
CA TYR B 276 -58.18 3.25 -12.80
C TYR B 276 -57.23 2.91 -13.95
N ASN B 277 -56.96 1.63 -14.17
CA ASN B 277 -56.02 1.24 -15.22
C ASN B 277 -56.60 1.42 -16.61
N GLU B 278 -57.91 1.67 -16.73
CA GLU B 278 -58.53 1.81 -18.04
C GLU B 278 -58.63 3.26 -18.51
N THR B 279 -58.50 4.22 -17.60
CA THR B 279 -58.63 5.61 -17.99
C THR B 279 -57.42 6.04 -18.82
N PRO B 280 -57.59 6.90 -19.82
CA PRO B 280 -56.43 7.43 -20.54
C PRO B 280 -55.59 8.34 -19.64
N VAL B 281 -54.35 8.55 -20.05
CA VAL B 281 -53.46 9.43 -19.29
C VAL B 281 -53.99 10.85 -19.34
N GLY B 282 -54.08 11.50 -18.18
CA GLY B 282 -54.65 12.81 -18.07
C GLY B 282 -56.10 12.85 -17.60
N ALA B 283 -56.80 11.72 -17.66
CA ALA B 283 -58.21 11.67 -17.29
C ALA B 283 -58.46 10.98 -15.96
N GLY B 284 -57.42 10.51 -15.28
CA GLY B 284 -57.58 9.74 -14.07
C GLY B 284 -57.35 10.46 -12.77
N GLU B 285 -57.39 11.79 -12.76
CA GLU B 285 -57.08 12.53 -11.54
C GLU B 285 -58.08 12.22 -10.43
N GLU B 286 -59.37 12.19 -10.77
CA GLU B 286 -60.39 11.99 -9.74
C GLU B 286 -60.41 10.55 -9.24
N THR B 287 -60.25 9.59 -10.14
CA THR B 287 -60.23 8.19 -9.73
C THR B 287 -59.04 7.91 -8.81
N TYR B 288 -57.88 8.47 -9.13
CA TYR B 288 -56.70 8.22 -8.31
C TYR B 288 -56.91 8.71 -6.89
N LEU B 289 -57.52 9.88 -6.71
CA LEU B 289 -57.72 10.40 -5.37
C LEU B 289 -58.68 9.53 -4.57
N GLU B 290 -59.76 9.06 -5.19
CA GLU B 290 -60.70 8.18 -4.50
C GLU B 290 -60.02 6.87 -4.10
N LEU B 291 -59.26 6.28 -5.02
CA LEU B 291 -58.56 5.03 -4.73
C LEU B 291 -57.53 5.23 -3.61
N TYR B 292 -56.79 6.34 -3.65
CA TYR B 292 -55.80 6.62 -2.63
C TYR B 292 -56.46 6.79 -1.27
N LYS B 293 -57.57 7.52 -1.22
CA LYS B 293 -58.27 7.72 0.04
C LYS B 293 -58.80 6.40 0.58
N LYS B 294 -59.33 5.55 -0.29
CA LYS B 294 -59.83 4.25 0.15
C LYS B 294 -58.69 3.37 0.69
N MET B 295 -57.58 3.31 -0.04
CA MET B 295 -56.46 2.46 0.39
C MET B 295 -55.85 2.96 1.68
N GLU B 296 -55.73 4.27 1.85
CA GLU B 296 -55.07 4.80 3.05
C GLU B 296 -55.86 4.48 4.31
N SER B 297 -57.15 4.16 4.18
CA SER B 297 -57.95 3.82 5.34
C SER B 297 -57.61 2.44 5.90
N VAL B 298 -57.07 1.54 5.07
CA VAL B 298 -56.71 0.21 5.53
C VAL B 298 -55.36 0.21 6.21
N ALA B 299 -54.38 0.92 5.64
CA ALA B 299 -53.05 1.02 6.22
C ALA B 299 -52.41 2.30 5.73
N ASN B 300 -52.14 3.22 6.65
CA ASN B 300 -51.64 4.55 6.30
C ASN B 300 -50.12 4.50 6.26
N VAL B 301 -49.55 4.67 5.06
CA VAL B 301 -48.11 4.72 4.86
C VAL B 301 -47.81 5.86 3.88
N LYS B 302 -46.53 6.23 3.82
CA LYS B 302 -46.13 7.33 2.94
C LYS B 302 -46.32 6.97 1.48
N ASN B 303 -45.94 5.75 1.09
CA ASN B 303 -46.07 5.27 -0.28
C ASN B 303 -47.15 4.20 -0.32
N ILE B 304 -48.13 4.38 -1.21
CA ILE B 304 -49.28 3.50 -1.28
C ILE B 304 -49.42 2.85 -2.66
N LEU B 305 -49.21 3.60 -3.73
CA LEU B 305 -49.39 3.11 -5.09
C LEU B 305 -48.13 3.32 -5.92
N GLN B 306 -47.84 2.35 -6.77
CA GLN B 306 -46.75 2.43 -7.73
C GLN B 306 -47.33 2.33 -9.13
N VAL B 307 -46.98 3.28 -10.00
CA VAL B 307 -47.59 3.40 -11.32
C VAL B 307 -46.51 3.33 -12.39
N ASP B 308 -46.77 2.55 -13.43
CA ASP B 308 -45.94 2.48 -14.61
C ASP B 308 -46.84 2.53 -15.83
N MET B 309 -46.28 2.96 -16.97
CA MET B 309 -47.06 3.07 -18.19
C MET B 309 -46.29 2.45 -19.36
N LYS B 310 -47.03 2.09 -20.40
CA LYS B 310 -46.51 1.39 -21.56
C LYS B 310 -46.76 2.22 -22.80
N LEU B 311 -45.74 2.37 -23.65
CA LEU B 311 -45.84 3.26 -24.80
C LEU B 311 -46.95 2.81 -25.76
N ASN B 312 -47.01 1.51 -26.05
CA ASN B 312 -47.98 0.97 -26.99
C ASN B 312 -47.76 1.55 -28.39
N LEU B 313 -46.57 1.26 -28.93
CA LEU B 313 -46.21 1.75 -30.25
C LEU B 313 -46.91 0.95 -31.34
N ARG B 314 -47.02 1.55 -32.52
CA ARG B 314 -47.59 0.86 -33.68
C ARG B 314 -46.55 -0.04 -34.35
N ASP B 315 -45.41 0.54 -34.71
CA ASP B 315 -44.30 -0.20 -35.31
C ASP B 315 -43.08 -0.09 -34.42
N LYS B 316 -42.38 -1.21 -34.23
CA LYS B 316 -41.22 -1.22 -33.35
C LYS B 316 -40.08 -2.09 -33.90
N LYS B 317 -39.75 -1.94 -35.18
CA LYS B 317 -38.66 -2.67 -35.81
C LYS B 317 -37.41 -1.81 -35.86
N ILE B 318 -36.24 -2.46 -35.79
CA ILE B 318 -34.98 -1.80 -36.06
C ILE B 318 -34.15 -2.68 -36.99
N ASN B 319 -33.27 -2.04 -37.74
CA ASN B 319 -32.37 -2.77 -38.63
C ASN B 319 -31.44 -3.65 -37.81
N LYS B 320 -31.28 -4.90 -38.23
CA LYS B 320 -30.42 -5.82 -37.50
C LYS B 320 -28.94 -5.54 -37.74
N LYS B 321 -28.60 -4.50 -38.50
CA LYS B 321 -27.21 -4.12 -38.68
C LYS B 321 -26.62 -3.56 -37.38
N ILE B 322 -27.46 -3.17 -36.44
CA ILE B 322 -26.98 -2.58 -35.20
C ILE B 322 -26.16 -3.58 -34.39
N ILE B 323 -26.33 -4.87 -34.66
CA ILE B 323 -25.64 -5.88 -33.85
C ILE B 323 -24.20 -6.06 -34.30
N SER B 324 -23.87 -5.64 -35.53
CA SER B 324 -22.48 -5.71 -35.97
C SER B 324 -21.64 -4.60 -35.32
N ASP B 325 -22.21 -3.40 -35.23
CA ASP B 325 -21.49 -2.28 -34.64
C ASP B 325 -21.17 -2.55 -33.17
N VAL B 326 -22.13 -3.11 -32.44
CA VAL B 326 -21.87 -3.44 -31.04
C VAL B 326 -20.77 -4.47 -30.93
N ASN B 327 -20.70 -5.40 -31.88
CA ASN B 327 -19.63 -6.39 -31.86
C ASN B 327 -18.27 -5.75 -32.10
N ASP B 328 -18.18 -4.79 -33.02
CA ASP B 328 -16.93 -4.06 -33.20
C ASP B 328 -16.52 -3.35 -31.92
N LEU B 329 -17.49 -2.67 -31.29
CA LEU B 329 -17.20 -1.95 -30.05
C LEU B 329 -16.70 -2.91 -28.99
N MET B 330 -17.35 -4.06 -28.84
CA MET B 330 -16.95 -5.01 -27.80
C MET B 330 -15.60 -5.61 -28.09
N ASN B 331 -15.28 -5.87 -29.36
CA ASN B 331 -13.95 -6.35 -29.69
C ASN B 331 -12.89 -5.37 -29.22
N ILE B 332 -13.04 -4.09 -29.58
CA ILE B 332 -12.00 -3.14 -29.21
C ILE B 332 -11.97 -2.92 -27.69
N LEU B 333 -13.13 -2.92 -27.03
CA LEU B 333 -13.14 -2.68 -25.59
C LEU B 333 -12.54 -3.85 -24.82
N LEU B 334 -12.77 -5.08 -25.28
CA LEU B 334 -12.19 -6.23 -24.61
C LEU B 334 -10.70 -6.38 -24.92
N ASP B 335 -10.26 -5.89 -26.07
CA ASP B 335 -8.83 -5.88 -26.36
C ASP B 335 -8.08 -4.96 -25.40
N LEU B 336 -8.64 -3.78 -25.12
CA LEU B 336 -7.97 -2.83 -24.23
C LEU B 336 -7.94 -3.34 -22.79
N SER B 337 -8.91 -4.16 -22.40
CA SER B 337 -9.00 -4.62 -21.02
C SER B 337 -7.76 -5.39 -20.57
N MET B 338 -7.01 -5.96 -21.50
CA MET B 338 -5.85 -6.76 -21.14
C MET B 338 -4.69 -5.91 -20.65
N SER B 339 -4.79 -4.59 -20.73
CA SER B 339 -3.72 -3.72 -20.27
C SER B 339 -3.71 -3.54 -18.77
N ILE B 340 -4.80 -3.86 -18.07
CA ILE B 340 -4.87 -3.77 -16.62
C ILE B 340 -4.63 -5.18 -16.06
N GLU B 341 -3.65 -5.30 -15.18
CA GLU B 341 -3.23 -6.60 -14.69
C GLU B 341 -4.02 -7.05 -13.46
N ASN B 342 -4.45 -6.12 -12.61
CA ASN B 342 -5.09 -6.43 -11.34
C ASN B 342 -6.39 -5.66 -11.22
N PRO B 343 -7.42 -6.06 -11.98
CA PRO B 343 -8.65 -5.27 -12.02
C PRO B 343 -9.51 -5.34 -10.77
N GLU B 344 -9.35 -6.38 -9.94
CA GLU B 344 -10.11 -6.55 -8.71
C GLU B 344 -9.13 -6.80 -7.57
N PRO B 345 -8.53 -5.76 -7.02
CA PRO B 345 -7.47 -5.97 -6.02
C PRO B 345 -7.96 -6.57 -4.71
N PHE B 346 -9.11 -6.14 -4.20
CA PHE B 346 -9.58 -6.66 -2.91
C PHE B 346 -9.89 -8.14 -2.99
N LEU B 347 -10.57 -8.57 -4.05
CA LEU B 347 -10.88 -9.99 -4.19
C LEU B 347 -9.61 -10.80 -4.45
N SER B 348 -8.64 -10.22 -5.15
CA SER B 348 -7.37 -10.91 -5.37
C SER B 348 -6.62 -11.12 -4.06
N LYS B 349 -6.69 -10.15 -3.14
CA LYS B 349 -6.11 -10.34 -1.82
C LYS B 349 -6.89 -11.37 -1.01
N TYR B 350 -8.22 -11.35 -1.13
CA TYR B 350 -9.02 -12.31 -0.39
C TYR B 350 -8.73 -13.74 -0.82
N LYS B 351 -8.45 -13.95 -2.11
CA LYS B 351 -8.07 -15.28 -2.55
C LYS B 351 -6.80 -15.76 -1.85
N GLN B 352 -5.82 -14.86 -1.70
CA GLN B 352 -4.59 -15.23 -0.98
C GLN B 352 -4.87 -15.55 0.47
N GLU B 353 -5.73 -14.75 1.13
CA GLU B 353 -6.09 -15.06 2.51
C GLU B 353 -6.74 -16.43 2.62
N PHE B 354 -7.67 -16.73 1.71
CA PHE B 354 -8.35 -18.02 1.72
C PHE B 354 -7.36 -19.15 1.52
N ILE B 355 -6.41 -18.98 0.60
CA ILE B 355 -5.44 -20.04 0.34
C ILE B 355 -4.52 -20.25 1.54
N GLU B 356 -4.10 -19.15 2.16
CA GLU B 356 -3.22 -19.25 3.32
C GLU B 356 -3.93 -19.93 4.49
N LYS B 357 -5.22 -19.67 4.66
CA LYS B 357 -5.93 -20.21 5.81
C LYS B 357 -6.41 -21.64 5.57
N TYR B 358 -7.16 -21.87 4.49
CA TYR B 358 -7.81 -23.16 4.26
C TYR B 358 -7.15 -24.01 3.17
N GLY B 359 -6.05 -23.56 2.58
CA GLY B 359 -5.46 -24.35 1.53
C GLY B 359 -6.31 -24.33 0.27
N GLN B 360 -6.21 -25.40 -0.51
CA GLN B 360 -6.91 -25.51 -1.78
C GLN B 360 -7.70 -26.79 -1.95
N ASP B 361 -7.74 -27.66 -0.94
CA ASP B 361 -8.43 -28.94 -1.03
C ASP B 361 -9.63 -29.03 -0.10
N ARG B 362 -10.10 -27.90 0.42
CA ARG B 362 -11.25 -27.87 1.33
C ARG B 362 -12.36 -27.02 0.74
N GLU B 363 -13.59 -27.30 1.18
CA GLU B 363 -14.74 -26.45 0.92
C GLU B 363 -15.29 -25.95 2.24
N ILE B 364 -15.45 -24.64 2.34
CA ILE B 364 -15.79 -23.97 3.59
C ILE B 364 -17.18 -23.39 3.46
N SER B 365 -17.98 -23.51 4.53
CA SER B 365 -19.31 -22.95 4.52
C SER B 365 -19.26 -21.45 4.27
N LEU B 366 -20.23 -20.95 3.52
CA LEU B 366 -20.25 -19.52 3.18
C LEU B 366 -20.34 -18.66 4.43
N LEU B 367 -21.25 -19.01 5.34
CA LEU B 367 -21.49 -18.17 6.51
C LEU B 367 -20.41 -18.29 7.57
N GLU B 368 -19.73 -19.43 7.64
CA GLU B 368 -18.58 -19.55 8.53
C GLU B 368 -17.38 -18.81 7.98
N MET B 369 -17.18 -18.87 6.66
CA MET B 369 -16.01 -18.24 6.05
C MET B 369 -16.03 -16.73 6.25
N LEU B 370 -17.21 -16.10 6.13
CA LEU B 370 -17.32 -14.65 6.24
C LEU B 370 -17.41 -14.16 7.67
N ASP B 371 -17.42 -15.05 8.64
CA ASP B 371 -17.53 -14.64 10.03
C ASP B 371 -16.19 -14.11 10.53
N ASN B 372 -16.23 -13.04 11.31
CA ASN B 372 -15.00 -12.46 11.84
C ASN B 372 -14.33 -13.38 12.85
N ASP B 373 -15.12 -14.09 13.67
CA ASP B 373 -14.54 -14.90 14.74
C ASP B 373 -14.07 -16.25 14.23
N ILE B 374 -14.98 -17.04 13.65
CA ILE B 374 -14.69 -18.40 13.22
C ILE B 374 -14.30 -18.48 11.75
N GLY B 375 -14.11 -17.35 11.08
CA GLY B 375 -13.71 -17.36 9.69
C GLY B 375 -12.52 -16.48 9.44
N ILE B 376 -12.46 -15.86 8.25
CA ILE B 376 -11.42 -14.88 7.93
C ILE B 376 -12.02 -13.50 7.69
N GLY B 377 -13.33 -13.35 7.86
CA GLY B 377 -13.97 -12.08 7.69
C GLY B 377 -14.23 -11.77 6.23
N PRO B 378 -14.98 -10.71 5.96
CA PRO B 378 -15.25 -10.33 4.58
C PRO B 378 -14.05 -9.65 3.95
N PRO B 379 -14.06 -9.43 2.64
CA PRO B 379 -13.00 -8.63 2.02
C PRO B 379 -12.89 -7.27 2.70
N MET B 380 -11.83 -6.53 2.35
CA MET B 380 -11.51 -5.32 3.09
C MET B 380 -12.28 -4.09 2.60
N ASN B 381 -13.09 -4.22 1.56
CA ASN B 381 -13.91 -3.11 1.08
C ASN B 381 -15.39 -3.27 1.43
N TYR B 382 -15.76 -4.33 2.13
CA TYR B 382 -17.16 -4.57 2.47
C TYR B 382 -17.56 -3.71 3.66
N GLU B 383 -18.69 -3.03 3.55
CA GLU B 383 -19.15 -2.06 4.55
C GLU B 383 -20.06 -2.67 5.60
N ARG B 384 -21.02 -3.49 5.21
CA ARG B 384 -21.69 -4.34 6.19
C ARG B 384 -20.61 -5.14 6.92
N PRO B 385 -20.94 -5.80 8.04
CA PRO B 385 -19.99 -5.84 9.15
C PRO B 385 -18.55 -5.86 8.67
N ARG B 386 -17.79 -4.84 9.03
CA ARG B 386 -16.46 -4.65 8.48
C ARG B 386 -15.50 -5.66 9.08
N ASN B 387 -14.43 -5.93 8.36
CA ASN B 387 -13.35 -6.73 8.91
C ASN B 387 -12.72 -5.97 10.07
N ASN B 388 -12.70 -6.59 11.25
CA ASN B 388 -12.11 -5.97 12.43
C ASN B 388 -10.62 -6.28 12.58
N ARG B 389 -9.95 -6.62 11.48
CA ARG B 389 -8.53 -6.90 11.49
C ARG B 389 -7.77 -5.74 10.86
N SER B 390 -6.58 -5.46 11.39
CA SER B 390 -5.76 -4.33 10.94
C SER B 390 -4.93 -4.66 9.72
N LEU B 391 -5.55 -5.16 8.65
CA LEU B 391 -4.83 -5.46 7.44
C LEU B 391 -4.62 -4.21 6.60
N ASP B 392 -3.68 -4.30 5.65
CA ASP B 392 -3.34 -3.16 4.79
C ASP B 392 -4.31 -3.10 3.63
N VAL B 393 -4.93 -1.94 3.43
CA VAL B 393 -5.92 -1.76 2.37
C VAL B 393 -5.35 -1.08 1.13
N SER B 394 -4.03 -1.01 0.99
CA SER B 394 -3.43 -0.44 -0.21
C SER B 394 -3.63 -1.39 -1.38
N VAL B 395 -3.99 -0.81 -2.53
CA VAL B 395 -4.32 -1.59 -3.71
C VAL B 395 -3.80 -0.87 -4.94
N ASN B 396 -3.37 -1.65 -5.93
CA ASN B 396 -2.81 -1.10 -7.16
C ASN B 396 -3.21 -1.99 -8.32
N GLU B 397 -3.82 -1.39 -9.35
CA GLU B 397 -4.34 -2.15 -10.48
C GLU B 397 -3.30 -2.41 -11.57
N LEU B 398 -2.12 -1.79 -11.48
CA LEU B 398 -1.01 -2.10 -12.37
C LEU B 398 -1.40 -1.92 -13.84
N LEU B 399 -1.72 -0.68 -14.20
CA LEU B 399 -1.98 -0.36 -15.59
C LEU B 399 -0.66 -0.34 -16.37
N ASP B 400 -0.69 -0.83 -17.60
CA ASP B 400 0.50 -0.88 -18.43
C ASP B 400 1.02 0.52 -18.68
N ASN B 401 2.35 0.66 -18.76
CA ASN B 401 2.94 1.97 -18.98
C ASN B 401 2.77 2.43 -20.43
N ASN B 402 2.86 1.51 -21.38
CA ASN B 402 2.68 1.89 -22.78
C ASN B 402 1.27 2.43 -23.04
N VAL B 403 0.25 1.83 -22.45
CA VAL B 403 -1.10 2.33 -22.64
C VAL B 403 -1.29 3.67 -21.95
N ARG B 404 -0.70 3.82 -20.77
CA ARG B 404 -0.78 5.11 -20.09
C ARG B 404 -0.13 6.22 -20.91
N ASP B 405 1.01 5.91 -21.56
CA ASP B 405 1.63 6.88 -22.44
C ASP B 405 0.79 7.12 -23.69
N TYR B 406 0.16 6.07 -24.20
CA TYR B 406 -0.67 6.20 -25.40
C TYR B 406 -1.85 7.15 -25.15
N PHE B 407 -2.46 7.06 -23.97
CA PHE B 407 -3.64 7.87 -23.72
C PHE B 407 -3.31 9.30 -23.31
N MET B 408 -2.03 9.58 -23.01
CA MET B 408 -1.65 10.94 -22.66
C MET B 408 -1.27 11.75 -23.89
N GLU B 409 -0.66 11.11 -24.89
CA GLU B 409 -0.38 11.80 -26.14
C GLU B 409 -1.67 12.25 -26.81
N LYS B 410 -2.71 11.42 -26.75
CA LYS B 410 -4.00 11.78 -27.33
C LYS B 410 -4.56 13.05 -26.68
N TYR B 411 -4.51 13.11 -25.36
CA TYR B 411 -5.01 14.28 -24.64
C TYR B 411 -4.20 15.52 -24.99
N PHE B 412 -2.88 15.39 -25.01
CA PHE B 412 -2.03 16.53 -25.35
C PHE B 412 -2.33 17.04 -26.75
N GLN B 413 -2.44 16.12 -27.72
CA GLN B 413 -2.73 16.53 -29.09
C GLN B 413 -4.08 17.20 -29.19
N ALA B 414 -5.09 16.67 -28.48
CA ALA B 414 -6.42 17.27 -28.54
C ALA B 414 -6.39 18.69 -27.99
N LEU B 415 -5.69 18.91 -26.88
CA LEU B 415 -5.59 20.27 -26.35
C LEU B 415 -4.87 21.20 -27.31
N LYS B 416 -3.74 20.73 -27.87
CA LYS B 416 -2.95 21.59 -28.74
C LYS B 416 -3.73 21.99 -29.99
N THR B 417 -4.44 21.05 -30.60
CA THR B 417 -5.18 21.32 -31.82
C THR B 417 -6.58 21.86 -31.55
N ASN B 418 -6.96 22.06 -30.30
CA ASN B 418 -8.26 22.61 -29.94
C ASN B 418 -9.40 21.74 -30.45
N SER B 419 -9.18 20.43 -30.53
CA SER B 419 -10.23 19.49 -30.91
C SER B 419 -11.07 19.13 -29.69
N ARG B 420 -12.30 18.73 -29.94
CA ARG B 420 -13.24 18.42 -28.87
C ARG B 420 -13.44 16.93 -28.65
N ASN B 421 -12.67 16.07 -29.30
CA ASN B 421 -12.85 14.63 -29.15
C ASN B 421 -11.52 13.91 -29.28
N ILE B 422 -11.49 12.70 -28.74
CA ILE B 422 -10.35 11.79 -28.82
C ILE B 422 -10.82 10.54 -29.53
N ALA B 423 -10.15 10.18 -30.62
CA ALA B 423 -10.55 9.04 -31.44
C ALA B 423 -9.53 7.92 -31.30
N ILE B 424 -10.00 6.74 -30.92
CA ILE B 424 -9.16 5.56 -30.83
C ILE B 424 -9.42 4.69 -32.05
N ARG B 425 -8.43 3.91 -32.45
CA ARG B 425 -8.49 3.17 -33.71
C ARG B 425 -7.91 1.78 -33.53
N ASP B 426 -8.35 0.85 -34.37
CA ASP B 426 -7.92 -0.54 -34.25
C ASP B 426 -6.43 -0.68 -34.52
N ASP B 427 -5.92 -0.03 -35.58
CA ASP B 427 -4.51 -0.16 -35.91
C ASP B 427 -3.63 0.42 -34.81
N GLU B 428 -4.05 1.52 -34.19
CA GLU B 428 -3.28 2.08 -33.08
C GLU B 428 -3.22 1.12 -31.90
N ILE B 429 -4.34 0.48 -31.57
CA ILE B 429 -4.36 -0.47 -30.46
C ILE B 429 -3.53 -1.70 -30.77
N LYS B 430 -3.50 -2.10 -32.05
CA LYS B 430 -2.74 -3.29 -32.42
C LYS B 430 -1.24 -3.07 -32.25
N ASN B 431 -0.78 -1.82 -32.38
CA ASN B 431 0.64 -1.52 -32.23
C ASN B 431 1.11 -1.58 -30.78
N LEU B 432 0.20 -1.60 -29.81
CA LEU B 432 0.59 -1.70 -28.41
C LEU B 432 1.03 -3.11 -28.03
N GLU B 433 0.74 -4.11 -28.85
CA GLU B 433 1.16 -5.49 -28.60
C GLU B 433 0.67 -5.98 -27.25
N LEU B 434 -0.63 -5.83 -27.01
CA LEU B 434 -1.22 -6.31 -25.77
C LEU B 434 -1.47 -7.80 -25.82
N GLN B 435 -1.63 -8.41 -24.65
CA GLN B 435 -1.94 -9.83 -24.57
C GLN B 435 -3.33 -10.09 -25.13
N LYS B 436 -3.54 -11.31 -25.62
CA LYS B 436 -4.83 -11.69 -26.16
C LYS B 436 -5.75 -12.20 -25.06
N ILE B 437 -7.05 -11.92 -25.21
CA ILE B 437 -8.03 -12.34 -24.21
C ILE B 437 -8.45 -13.78 -24.49
N ASP B 438 -8.69 -14.54 -23.43
CA ASP B 438 -9.10 -15.93 -23.53
C ASP B 438 -10.62 -16.04 -23.55
N TYR B 439 -11.11 -17.09 -24.21
CA TYR B 439 -12.55 -17.34 -24.28
C TYR B 439 -13.13 -17.57 -22.89
N GLU B 440 -12.30 -17.94 -21.92
CA GLU B 440 -12.80 -18.21 -20.57
C GLU B 440 -12.99 -16.94 -19.75
N ASN B 441 -12.48 -15.80 -20.20
CA ASN B 441 -12.62 -14.54 -19.49
C ASN B 441 -13.64 -13.61 -20.10
N ILE B 442 -14.24 -13.96 -21.22
CA ILE B 442 -15.26 -13.12 -21.86
C ILE B 442 -16.57 -13.28 -21.10
N PRO B 443 -17.23 -12.21 -20.67
CA PRO B 443 -18.49 -12.37 -19.96
C PRO B 443 -19.54 -13.08 -20.79
N ASP B 444 -20.37 -13.88 -20.14
CA ASP B 444 -21.36 -14.70 -20.82
C ASP B 444 -22.48 -13.90 -21.46
N SER B 445 -22.87 -12.78 -20.86
CA SER B 445 -23.93 -11.95 -21.42
C SER B 445 -23.76 -10.54 -20.90
N LEU B 446 -24.40 -9.58 -21.58
CA LEU B 446 -24.32 -8.19 -21.19
C LEU B 446 -25.47 -7.42 -21.81
N GLU B 447 -25.69 -6.21 -21.31
CA GLU B 447 -26.65 -5.27 -21.87
C GLU B 447 -25.97 -3.92 -22.07
N ILE B 448 -26.41 -3.19 -23.09
CA ILE B 448 -25.87 -1.87 -23.39
C ILE B 448 -27.03 -0.94 -23.71
N ASN B 449 -26.98 0.27 -23.13
CA ASN B 449 -27.97 1.30 -23.38
C ASN B 449 -27.45 2.25 -24.45
N LEU B 450 -28.24 2.47 -25.50
CA LEU B 450 -27.83 3.26 -26.64
C LEU B 450 -28.90 4.30 -26.97
N LEU B 451 -28.46 5.53 -27.22
CA LEU B 451 -29.31 6.52 -27.85
C LEU B 451 -28.97 6.56 -29.34
N VAL B 452 -29.95 6.25 -30.18
CA VAL B 452 -29.76 6.15 -31.62
C VAL B 452 -30.33 7.40 -32.26
N LYS B 453 -29.52 8.06 -33.08
CA LYS B 453 -29.94 9.23 -33.85
C LYS B 453 -29.51 9.05 -35.28
N ASN B 454 -30.42 9.35 -36.21
CA ASN B 454 -30.09 9.25 -37.63
C ASN B 454 -29.06 10.32 -37.98
N LYS B 455 -28.02 9.90 -38.70
CA LYS B 455 -26.88 10.78 -38.91
C LYS B 455 -27.26 12.02 -39.72
N SER B 456 -28.13 11.85 -40.71
CA SER B 456 -28.56 12.99 -41.51
C SER B 456 -29.81 12.60 -42.29
N GLU B 457 -30.69 13.59 -42.48
CA GLU B 457 -31.87 13.40 -43.31
C GLU B 457 -31.62 13.68 -44.79
N ASP B 458 -30.41 14.13 -45.14
CA ASP B 458 -30.12 14.47 -46.53
C ASP B 458 -30.19 13.26 -47.46
N ASN B 459 -30.10 12.05 -46.92
CA ASN B 459 -30.04 10.84 -47.73
C ASN B 459 -31.16 9.85 -47.46
N LEU B 460 -31.93 10.04 -46.38
CA LEU B 460 -32.98 9.09 -46.01
C LEU B 460 -32.43 7.67 -45.97
N SER B 461 -31.35 7.49 -45.24
CA SER B 461 -30.65 6.21 -45.16
C SER B 461 -30.40 5.84 -43.71
N ASP B 462 -30.12 4.57 -43.48
CA ASP B 462 -29.88 4.08 -42.13
C ASP B 462 -28.43 4.30 -41.71
N GLU B 463 -27.99 5.55 -41.69
CA GLU B 463 -26.70 5.92 -41.12
C GLU B 463 -26.96 6.39 -39.70
N PHE B 464 -26.61 5.55 -38.73
CA PHE B 464 -26.95 5.79 -37.33
C PHE B 464 -25.73 6.23 -36.55
N GLN B 465 -25.95 7.16 -35.63
CA GLN B 465 -24.94 7.63 -34.68
C GLN B 465 -25.38 7.23 -33.28
N TYR B 466 -24.52 6.51 -32.56
CA TYR B 466 -24.85 5.93 -31.27
C TYR B 466 -24.18 6.71 -30.16
N TYR B 467 -24.92 6.94 -29.07
CA TYR B 467 -24.39 7.54 -27.86
C TYR B 467 -24.68 6.60 -26.69
N ILE B 468 -23.64 6.02 -26.11
CA ILE B 468 -23.83 5.14 -24.97
C ILE B 468 -24.46 5.93 -23.83
N GLY B 469 -25.48 5.34 -23.21
CA GLY B 469 -26.26 6.03 -22.20
C GLY B 469 -25.46 6.31 -20.95
N PRO B 470 -26.01 7.16 -20.07
CA PRO B 470 -25.27 7.52 -18.85
C PRO B 470 -24.98 6.35 -17.94
N ASN B 471 -25.84 5.32 -17.92
CA ASN B 471 -25.66 4.18 -17.03
C ASN B 471 -24.90 3.03 -17.68
N LEU B 472 -24.73 3.05 -19.00
CA LEU B 472 -23.83 2.15 -19.72
C LEU B 472 -24.34 0.73 -19.85
N GLY B 473 -25.43 0.38 -19.17
CA GLY B 473 -25.93 -0.99 -19.26
C GLY B 473 -25.67 -1.76 -17.99
N SER B 474 -25.61 -3.09 -18.13
CA SER B 474 -25.46 -3.97 -16.98
C SER B 474 -24.55 -5.13 -17.33
N THR B 475 -24.27 -5.96 -16.32
CA THR B 475 -23.33 -7.06 -16.44
C THR B 475 -23.98 -8.39 -16.78
N SER B 476 -25.30 -8.41 -16.98
CA SER B 476 -25.98 -9.66 -17.30
C SER B 476 -27.26 -9.33 -18.07
N ALA B 477 -27.60 -10.18 -19.03
CA ALA B 477 -28.83 -9.99 -19.78
C ALA B 477 -30.03 -10.37 -18.94
N GLY B 478 -31.04 -9.49 -18.94
CA GLY B 478 -32.25 -9.72 -18.18
C GLY B 478 -32.35 -8.93 -16.88
N LYS B 479 -31.26 -8.31 -16.43
CA LYS B 479 -31.33 -7.49 -15.22
C LYS B 479 -32.21 -6.27 -15.44
N SER B 480 -32.11 -5.63 -16.61
CA SER B 480 -32.92 -4.44 -16.86
C SER B 480 -34.36 -4.79 -17.15
N PHE B 481 -34.61 -5.97 -17.74
CA PHE B 481 -35.97 -6.36 -18.10
C PHE B 481 -36.75 -6.91 -16.92
N GLY B 482 -36.08 -7.25 -15.83
CA GLY B 482 -36.76 -7.93 -14.74
C GLY B 482 -37.89 -7.10 -14.14
N ARG B 483 -37.65 -5.80 -13.97
CA ARG B 483 -38.63 -4.96 -13.28
C ARG B 483 -39.96 -4.89 -14.03
N PHE B 484 -39.93 -5.05 -15.36
CA PHE B 484 -41.12 -4.86 -16.19
C PHE B 484 -41.78 -6.17 -16.58
N SER B 485 -41.60 -7.23 -15.78
CA SER B 485 -42.15 -8.52 -16.14
C SER B 485 -43.66 -8.49 -16.26
N HIS B 486 -44.32 -7.64 -15.48
CA HIS B 486 -45.78 -7.61 -15.46
C HIS B 486 -46.37 -6.85 -16.65
N MET B 487 -45.54 -6.20 -17.46
CA MET B 487 -46.02 -5.47 -18.63
C MET B 487 -45.74 -6.20 -19.94
N MET B 488 -44.81 -7.15 -19.95
CA MET B 488 -44.55 -7.91 -21.16
C MET B 488 -45.76 -8.77 -21.53
N SER B 489 -45.90 -9.06 -22.82
CA SER B 489 -46.99 -9.91 -23.27
C SER B 489 -46.90 -11.30 -22.65
N GLU B 490 -45.73 -11.93 -22.77
CA GLU B 490 -45.46 -13.23 -22.15
C GLU B 490 -44.04 -13.20 -21.60
N PRO B 491 -43.88 -12.94 -20.29
CA PRO B 491 -42.52 -12.79 -19.76
C PRO B 491 -41.78 -14.11 -19.64
N LYS B 492 -42.49 -15.24 -19.52
CA LYS B 492 -41.82 -16.51 -19.27
C LYS B 492 -40.91 -16.90 -20.43
N LYS B 493 -41.35 -16.67 -21.67
CA LYS B 493 -40.57 -17.11 -22.81
C LYS B 493 -39.24 -16.37 -22.90
N PHE B 494 -39.19 -15.11 -22.46
CA PHE B 494 -37.93 -14.37 -22.45
C PHE B 494 -36.93 -15.01 -21.49
N PHE B 495 -37.34 -15.23 -20.25
CA PHE B 495 -36.42 -15.76 -19.26
C PHE B 495 -36.13 -17.23 -19.49
N GLU B 496 -37.08 -17.98 -20.08
CA GLU B 496 -36.79 -19.36 -20.46
C GLU B 496 -35.66 -19.42 -21.48
N GLU B 497 -35.70 -18.56 -22.50
CA GLU B 497 -34.63 -18.51 -23.47
C GLU B 497 -33.31 -18.11 -22.83
N LEU B 498 -33.34 -17.12 -21.95
CA LEU B 498 -32.09 -16.71 -21.30
C LEU B 498 -31.50 -17.86 -20.48
N ASP B 499 -32.34 -18.57 -19.74
CA ASP B 499 -31.87 -19.69 -18.94
C ASP B 499 -31.31 -20.80 -19.81
N GLU B 500 -31.98 -21.09 -20.92
CA GLU B 500 -31.50 -22.13 -21.83
C GLU B 500 -30.14 -21.77 -22.40
N ARG B 501 -29.97 -20.52 -22.83
CA ARG B 501 -28.67 -20.10 -23.34
C ARG B 501 -27.59 -20.14 -22.28
N ASN B 502 -27.92 -19.75 -21.04
CA ASN B 502 -26.93 -19.82 -19.96
C ASN B 502 -26.51 -21.26 -19.71
N ILE B 503 -27.46 -22.20 -19.73
CA ILE B 503 -27.10 -23.60 -19.53
C ILE B 503 -26.24 -24.10 -20.68
N GLU B 504 -26.53 -23.65 -21.90
CA GLU B 504 -25.78 -24.13 -23.06
C GLU B 504 -24.28 -23.86 -22.94
N LEU B 505 -23.92 -22.78 -22.26
CA LEU B 505 -22.54 -22.30 -22.23
C LEU B 505 -21.69 -22.93 -21.14
N ILE B 506 -22.22 -23.84 -20.34
CA ILE B 506 -21.51 -24.38 -19.20
C ILE B 506 -21.63 -25.91 -19.19
N ASP B 507 -20.68 -26.54 -18.52
CA ASP B 507 -20.64 -28.00 -18.49
C ASP B 507 -21.82 -28.54 -17.69
N SER B 508 -22.62 -29.38 -18.33
CA SER B 508 -23.81 -29.90 -17.69
C SER B 508 -23.45 -31.00 -16.70
N GLU B 509 -24.48 -31.50 -16.01
CA GLU B 509 -24.36 -32.64 -15.10
C GLU B 509 -23.62 -32.27 -13.83
N GLU B 510 -23.12 -31.04 -13.74
CA GLU B 510 -22.47 -30.59 -12.52
C GLU B 510 -23.02 -29.26 -12.02
N TYR B 511 -23.74 -28.53 -12.86
CA TYR B 511 -24.26 -27.21 -12.53
C TYR B 511 -25.78 -27.22 -12.52
N VAL B 512 -26.35 -26.35 -11.69
CA VAL B 512 -27.76 -26.02 -11.72
C VAL B 512 -27.89 -24.51 -11.63
N THR B 513 -29.06 -24.00 -11.99
CA THR B 513 -29.35 -22.57 -11.90
C THR B 513 -30.13 -22.27 -10.63
N CYS B 514 -29.77 -21.18 -9.97
CA CYS B 514 -30.39 -20.77 -8.72
C CYS B 514 -30.65 -19.27 -8.75
N GLU B 515 -31.79 -18.85 -8.23
CA GLU B 515 -32.17 -17.44 -8.17
C GLU B 515 -32.11 -16.96 -6.73
N ILE B 516 -31.45 -15.84 -6.49
CA ILE B 516 -31.36 -15.27 -5.16
C ILE B 516 -32.37 -14.13 -5.02
N SER B 517 -33.28 -14.26 -4.08
CA SER B 517 -34.29 -13.26 -3.79
C SER B 517 -34.29 -12.98 -2.29
N TYR B 518 -34.33 -11.71 -1.92
CA TYR B 518 -34.30 -11.36 -0.50
C TYR B 518 -35.03 -10.04 -0.29
N LEU B 519 -35.66 -9.92 0.87
CA LEU B 519 -36.50 -8.77 1.18
C LEU B 519 -35.74 -7.82 2.09
N PRO B 520 -35.27 -6.67 1.60
CA PRO B 520 -34.41 -5.81 2.43
C PRO B 520 -35.15 -5.24 3.63
N SER B 521 -34.38 -4.57 4.48
CA SER B 521 -34.96 -3.92 5.65
C SER B 521 -35.81 -2.72 5.25
N GLU B 522 -35.28 -1.85 4.39
CA GLU B 522 -36.03 -0.73 3.83
C GLU B 522 -36.86 -1.25 2.67
N VAL B 523 -38.06 -1.72 2.99
CA VAL B 523 -38.94 -2.34 2.01
C VAL B 523 -39.26 -1.41 0.84
N ARG B 524 -38.94 -0.12 0.95
CA ARG B 524 -39.10 0.78 -0.19
C ARG B 524 -38.15 0.39 -1.33
N ASN B 525 -36.96 -0.10 -0.98
CA ASN B 525 -36.01 -0.49 -2.00
C ASN B 525 -36.38 -1.80 -2.69
N ALA B 526 -37.39 -2.50 -2.18
CA ALA B 526 -37.77 -3.78 -2.76
C ALA B 526 -38.76 -3.64 -3.91
N ASN B 527 -39.27 -2.44 -4.18
CA ASN B 527 -40.23 -2.27 -5.27
C ASN B 527 -39.60 -2.57 -6.62
N VAL B 528 -38.27 -2.44 -6.73
CA VAL B 528 -37.57 -2.77 -7.97
C VAL B 528 -37.11 -4.22 -7.99
N THR B 529 -37.29 -4.96 -6.90
CA THR B 529 -36.88 -6.35 -6.81
C THR B 529 -37.99 -7.32 -7.21
N ARG B 530 -39.18 -6.85 -7.52
CA ARG B 530 -40.26 -7.72 -7.97
C ARG B 530 -39.99 -8.12 -9.42
N ASN B 531 -39.78 -9.41 -9.66
CA ASN B 531 -39.47 -9.86 -11.01
C ASN B 531 -39.73 -11.35 -11.13
N ILE B 532 -39.79 -11.82 -12.37
CA ILE B 532 -39.93 -13.24 -12.67
C ILE B 532 -38.56 -13.86 -12.94
N HIS B 533 -38.50 -15.18 -12.86
CA HIS B 533 -37.29 -15.90 -13.25
C HIS B 533 -37.69 -17.29 -13.73
N SER B 534 -36.78 -17.93 -14.48
CA SER B 534 -36.97 -19.29 -14.93
C SER B 534 -35.87 -20.24 -14.45
N SER B 535 -35.15 -19.88 -13.40
CA SER B 535 -34.14 -20.78 -12.86
C SER B 535 -34.79 -21.98 -12.21
N GLU B 536 -34.03 -23.07 -12.10
CA GLU B 536 -34.59 -24.32 -11.58
C GLU B 536 -34.85 -24.24 -10.07
N TYR B 537 -33.89 -23.74 -9.31
CA TYR B 537 -33.99 -23.62 -7.86
C TYR B 537 -34.13 -22.17 -7.46
N GLU B 538 -34.43 -21.94 -6.18
CA GLU B 538 -34.60 -20.60 -5.65
C GLU B 538 -34.17 -20.55 -4.20
N MET B 539 -33.64 -19.39 -3.79
CA MET B 539 -33.29 -19.12 -2.39
C MET B 539 -33.94 -17.80 -2.01
N SER B 540 -34.98 -17.87 -1.17
CA SER B 540 -35.73 -16.70 -0.74
C SER B 540 -35.45 -16.45 0.73
N LEU B 541 -35.03 -15.24 1.07
CA LEU B 541 -34.70 -14.88 2.44
C LEU B 541 -35.68 -13.84 2.96
N PHE B 542 -36.27 -14.12 4.12
CA PHE B 542 -37.24 -13.27 4.80
C PHE B 542 -38.58 -13.17 4.06
N THR B 543 -38.84 -14.09 3.13
CA THR B 543 -40.13 -14.16 2.47
C THR B 543 -40.37 -15.59 2.00
N ASN B 544 -41.59 -15.87 1.60
CA ASN B 544 -41.93 -17.19 1.08
C ASN B 544 -41.45 -17.32 -0.36
N GLY B 545 -41.17 -18.55 -0.76
CA GLY B 545 -40.72 -18.81 -2.11
C GLY B 545 -41.85 -19.31 -3.00
N SER B 546 -41.64 -19.17 -4.30
CA SER B 546 -42.59 -19.66 -5.28
C SER B 546 -42.38 -21.12 -5.63
N LYS B 547 -41.28 -21.72 -5.19
CA LYS B 547 -40.93 -23.08 -5.54
C LYS B 547 -41.42 -24.06 -4.48
N ASP B 548 -41.54 -25.33 -4.89
CA ASP B 548 -41.84 -26.38 -3.95
C ASP B 548 -40.63 -26.65 -3.07
N ASN B 549 -40.87 -27.30 -1.92
CA ASN B 549 -39.78 -27.57 -1.00
C ASN B 549 -38.70 -28.44 -1.62
N LEU B 550 -39.00 -29.12 -2.72
CA LEU B 550 -37.99 -29.91 -3.40
C LEU B 550 -36.97 -29.04 -4.11
N TYR B 551 -37.35 -27.81 -4.46
CA TYR B 551 -36.48 -26.87 -5.17
C TYR B 551 -36.15 -25.66 -4.32
N ARG B 552 -35.82 -25.88 -3.06
CA ARG B 552 -35.58 -24.81 -2.10
C ARG B 552 -34.15 -24.92 -1.57
N ILE B 553 -33.42 -23.81 -1.60
CA ILE B 553 -32.04 -23.76 -1.13
C ILE B 553 -31.99 -22.93 0.14
N LYS B 554 -30.95 -23.14 0.94
CA LYS B 554 -30.77 -22.44 2.20
C LYS B 554 -29.36 -21.90 2.29
N LEU B 555 -29.21 -20.79 3.03
CA LEU B 555 -27.91 -20.14 3.12
C LEU B 555 -26.88 -21.01 3.82
N ASN B 556 -27.29 -21.75 4.85
CA ASN B 556 -26.37 -22.62 5.58
C ASN B 556 -26.05 -23.90 4.80
N ASP B 557 -26.38 -23.96 3.51
CA ASP B 557 -26.11 -25.12 2.69
C ASP B 557 -25.04 -24.86 1.63
N ILE B 558 -24.64 -23.62 1.43
CA ILE B 558 -23.71 -23.24 0.36
C ILE B 558 -22.29 -23.41 0.88
N TYR B 559 -21.42 -23.98 0.05
CA TYR B 559 -20.02 -24.22 0.37
C TYR B 559 -19.13 -23.60 -0.70
N ILE B 560 -18.05 -22.96 -0.27
CA ILE B 560 -17.17 -22.21 -1.15
C ILE B 560 -15.87 -22.98 -1.35
N GLY B 561 -15.33 -22.91 -2.57
CA GLY B 561 -14.07 -23.53 -2.87
C GLY B 561 -13.32 -22.78 -3.95
N LEU B 562 -12.07 -23.17 -4.16
CA LEU B 562 -11.22 -22.60 -5.19
C LEU B 562 -10.84 -23.69 -6.19
N GLU B 563 -11.12 -23.45 -7.47
CA GLU B 563 -10.72 -24.34 -8.54
C GLU B 563 -10.18 -23.51 -9.70
N ASN B 564 -8.96 -23.81 -10.11
CA ASN B 564 -8.27 -23.02 -11.13
C ASN B 564 -8.18 -21.56 -10.70
N ASN B 565 -7.97 -21.34 -9.41
CA ASN B 565 -7.81 -20.00 -8.84
C ASN B 565 -9.03 -19.13 -9.09
N THR B 566 -10.23 -19.70 -8.99
CA THR B 566 -11.47 -18.94 -9.09
C THR B 566 -12.51 -19.57 -8.17
N PHE B 567 -13.23 -18.72 -7.44
CA PHE B 567 -14.21 -19.19 -6.47
C PHE B 567 -15.39 -19.86 -7.18
N TYR B 568 -16.03 -20.79 -6.47
CA TYR B 568 -17.30 -21.36 -6.91
C TYR B 568 -18.13 -21.71 -5.69
N ALA B 569 -19.44 -21.83 -5.90
CA ALA B 569 -20.38 -22.18 -4.86
C ALA B 569 -21.00 -23.53 -5.15
N LYS B 570 -21.25 -24.30 -4.10
CA LYS B 570 -21.75 -25.65 -4.23
C LYS B 570 -22.84 -25.90 -3.20
N SER B 571 -23.77 -26.79 -3.52
CA SER B 571 -24.82 -27.18 -2.58
C SER B 571 -24.52 -28.58 -2.04
N LYS B 572 -24.43 -28.69 -0.72
CA LYS B 572 -24.06 -29.98 -0.13
C LYS B 572 -25.14 -31.02 -0.36
N THR B 573 -26.40 -30.66 -0.18
CA THR B 573 -27.48 -31.64 -0.34
C THR B 573 -27.62 -32.08 -1.79
N LEU B 574 -27.59 -31.13 -2.72
CA LEU B 574 -27.70 -31.48 -4.14
C LEU B 574 -26.42 -32.09 -4.68
N ASN B 575 -25.27 -31.68 -4.15
CA ASN B 575 -23.96 -32.09 -4.68
C ASN B 575 -23.76 -31.54 -6.08
N LYS B 576 -24.35 -30.37 -6.34
CA LYS B 576 -24.22 -29.68 -7.62
C LYS B 576 -23.67 -28.29 -7.38
N LYS B 577 -22.85 -27.82 -8.31
CA LYS B 577 -22.42 -26.43 -8.29
C LYS B 577 -23.57 -25.53 -8.70
N LEU B 578 -23.59 -24.32 -8.15
CA LEU B 578 -24.69 -23.40 -8.35
C LEU B 578 -24.31 -22.33 -9.37
N LEU B 579 -25.21 -22.06 -10.29
CA LEU B 579 -25.06 -21.01 -11.30
C LEU B 579 -26.02 -19.90 -10.91
N LEU B 580 -25.55 -18.96 -10.09
CA LEU B 580 -26.42 -18.01 -9.42
C LEU B 580 -26.81 -16.88 -10.35
N THR B 581 -28.06 -16.42 -10.21
CA THR B 581 -28.59 -15.32 -11.02
C THR B 581 -29.36 -14.36 -10.13
N ILE B 582 -29.37 -13.08 -10.53
CA ILE B 582 -30.19 -12.07 -9.88
C ILE B 582 -30.76 -11.17 -10.98
N ASN B 583 -32.04 -11.37 -11.31
CA ASN B 583 -32.63 -10.70 -12.46
C ASN B 583 -33.23 -9.35 -12.08
N ASN B 584 -32.46 -8.51 -11.42
CA ASN B 584 -32.91 -7.15 -11.11
C ASN B 584 -31.68 -6.29 -10.83
N MET B 585 -31.91 -4.97 -10.82
CA MET B 585 -30.82 -4.01 -10.72
C MET B 585 -30.55 -3.61 -9.27
N LEU B 586 -30.79 -4.51 -8.33
CA LEU B 586 -30.39 -4.28 -6.95
C LEU B 586 -28.91 -3.96 -6.89
N ASN B 587 -28.56 -2.94 -6.11
CA ASN B 587 -27.16 -2.56 -5.94
C ASN B 587 -26.50 -3.49 -4.92
N PRO B 588 -25.50 -4.28 -5.31
CA PRO B 588 -24.89 -5.20 -4.34
C PRO B 588 -24.25 -4.50 -3.16
N GLN B 589 -23.65 -3.33 -3.35
CA GLN B 589 -22.85 -2.71 -2.29
C GLN B 589 -23.68 -2.39 -1.06
N THR B 590 -25.00 -2.30 -1.17
CA THR B 590 -25.86 -2.04 -0.04
C THR B 590 -26.41 -3.30 0.60
N ALA B 591 -26.09 -4.48 0.06
CA ALA B 591 -26.63 -5.73 0.56
C ALA B 591 -25.75 -6.30 1.66
N PRO B 592 -26.25 -7.26 2.43
CA PRO B 592 -25.41 -7.93 3.42
C PRO B 592 -24.20 -8.59 2.76
N ASN B 593 -23.27 -9.04 3.59
CA ASN B 593 -22.03 -9.60 3.08
C ASN B 593 -22.25 -10.89 2.29
N ALA B 594 -23.19 -11.73 2.73
CA ALA B 594 -23.42 -12.99 2.05
C ALA B 594 -23.94 -12.77 0.62
N ILE B 595 -24.96 -11.91 0.49
CA ILE B 595 -25.53 -11.64 -0.83
C ILE B 595 -24.50 -10.95 -1.72
N ARG B 596 -23.77 -9.97 -1.17
CA ARG B 596 -22.78 -9.27 -1.97
C ARG B 596 -21.68 -10.20 -2.44
N PHE B 597 -21.26 -11.14 -1.58
CA PHE B 597 -20.22 -12.08 -1.98
C PHE B 597 -20.72 -13.06 -3.02
N LEU B 598 -21.95 -13.56 -2.87
CA LEU B 598 -22.50 -14.45 -3.89
C LEU B 598 -22.62 -13.75 -5.23
N ASN B 599 -22.95 -12.45 -5.23
CA ASN B 599 -23.01 -11.71 -6.48
C ASN B 599 -21.62 -11.60 -7.11
N ASP B 600 -20.59 -11.40 -6.30
CA ASP B 600 -19.25 -11.16 -6.83
C ASP B 600 -18.70 -12.38 -7.56
N ILE B 601 -18.79 -13.56 -6.93
CA ILE B 601 -18.12 -14.72 -7.49
C ILE B 601 -18.81 -15.26 -8.74
N SER B 602 -19.99 -14.73 -9.08
CA SER B 602 -20.58 -15.09 -10.36
C SER B 602 -19.91 -14.37 -11.51
N LEU B 603 -19.15 -13.31 -11.23
CA LEU B 603 -18.36 -12.60 -12.22
C LEU B 603 -16.87 -12.80 -12.03
N ASP B 604 -16.47 -13.78 -11.22
CA ASP B 604 -15.07 -13.95 -10.88
C ASP B 604 -14.27 -14.28 -12.14
N GLU B 605 -13.18 -13.56 -12.35
CA GLU B 605 -12.26 -13.79 -13.46
C GLU B 605 -12.88 -13.48 -14.82
N LYS B 606 -13.96 -12.70 -14.85
CA LYS B 606 -14.57 -12.23 -16.09
C LYS B 606 -14.36 -10.73 -16.21
N LYS B 607 -13.98 -10.29 -17.41
CA LYS B 607 -13.73 -8.88 -17.64
C LYS B 607 -15.04 -8.10 -17.58
N LEU B 608 -15.02 -6.97 -16.89
CA LEU B 608 -16.16 -6.06 -16.82
C LEU B 608 -16.03 -5.07 -17.98
N TRP B 609 -17.02 -5.03 -18.86
CA TRP B 609 -16.83 -4.35 -20.14
C TRP B 609 -16.88 -2.84 -20.00
N TYR B 610 -17.59 -2.31 -19.00
CA TYR B 610 -17.68 -0.87 -18.83
C TYR B 610 -16.78 -0.37 -17.71
N LYS B 611 -15.66 -1.02 -17.48
CA LYS B 611 -14.58 -0.48 -16.65
C LYS B 611 -13.49 -0.01 -17.61
N PHE B 612 -13.55 1.28 -17.96
CA PHE B 612 -12.69 1.80 -19.02
C PHE B 612 -11.26 2.01 -18.52
N VAL B 613 -10.31 1.84 -19.44
CA VAL B 613 -8.90 1.94 -19.08
C VAL B 613 -8.52 3.37 -18.76
N TRP B 614 -8.97 4.32 -19.58
CA TRP B 614 -8.57 5.72 -19.43
C TRP B 614 -9.15 6.38 -18.19
N SER B 615 -10.10 5.74 -17.51
CA SER B 615 -10.74 6.39 -16.37
C SER B 615 -9.73 6.73 -15.29
N ASP B 616 -8.66 5.95 -15.16
CA ASP B 616 -7.64 6.24 -14.15
C ASP B 616 -6.62 7.24 -14.66
N VAL B 617 -6.40 7.31 -15.96
CA VAL B 617 -5.43 8.26 -16.51
C VAL B 617 -5.94 9.69 -16.36
N TYR B 618 -7.22 9.90 -16.68
CA TYR B 618 -7.80 11.23 -16.78
C TYR B 618 -8.50 11.69 -15.50
N LYS B 619 -8.37 10.96 -14.40
CA LYS B 619 -9.15 11.27 -13.22
C LYS B 619 -8.76 12.60 -12.59
N ASP B 620 -7.57 13.12 -12.88
CA ASP B 620 -7.09 14.34 -12.24
C ASP B 620 -7.36 15.60 -13.04
N PHE B 621 -8.03 15.50 -14.19
CA PHE B 621 -8.26 16.65 -15.06
C PHE B 621 -9.65 17.23 -14.82
N SER B 622 -9.77 18.54 -15.03
CA SER B 622 -11.06 19.22 -14.94
C SER B 622 -11.73 19.39 -16.29
N TYR B 623 -11.15 18.88 -17.36
CA TYR B 623 -11.78 18.89 -18.67
C TYR B 623 -11.30 17.68 -19.44
N ILE B 624 -12.24 16.93 -20.03
CA ILE B 624 -11.92 15.72 -20.76
C ILE B 624 -12.70 15.73 -22.07
N PRO B 625 -12.07 15.61 -23.23
CA PRO B 625 -12.82 15.59 -24.49
C PRO B 625 -13.60 14.30 -24.67
N ALA B 626 -14.56 14.33 -25.59
CA ALA B 626 -15.32 13.14 -25.90
C ALA B 626 -14.41 12.06 -26.46
N ILE B 627 -14.71 10.82 -26.12
CA ILE B 627 -13.94 9.67 -26.59
C ILE B 627 -14.81 8.89 -27.55
N LYS B 628 -14.35 8.75 -28.79
CA LYS B 628 -15.15 8.21 -29.87
C LYS B 628 -14.47 6.99 -30.46
N TYR B 629 -15.28 6.17 -31.14
CA TYR B 629 -14.76 5.02 -31.89
C TYR B 629 -15.69 4.80 -33.06
N LYS B 630 -15.23 5.15 -34.26
CA LYS B 630 -16.08 5.07 -35.44
C LYS B 630 -17.38 5.83 -35.20
N ASN B 631 -18.52 5.15 -35.16
CA ASN B 631 -19.81 5.81 -34.99
C ASN B 631 -20.37 5.64 -33.58
N PHE B 632 -19.51 5.53 -32.57
CA PHE B 632 -19.90 5.47 -31.17
C PHE B 632 -19.27 6.63 -30.42
N VAL B 633 -20.03 7.25 -29.53
CA VAL B 633 -19.49 8.21 -28.58
C VAL B 633 -19.50 7.52 -27.22
N ILE B 634 -18.37 6.94 -26.84
CA ILE B 634 -18.31 6.11 -25.65
C ILE B 634 -18.46 6.96 -24.38
N MET B 635 -17.89 8.17 -24.40
CA MET B 635 -17.99 9.09 -23.28
C MET B 635 -18.32 10.47 -23.80
N PRO B 636 -19.15 11.24 -23.09
CA PRO B 636 -19.40 12.62 -23.51
C PRO B 636 -18.33 13.56 -22.99
N GLU B 637 -18.27 14.74 -23.60
CA GLU B 637 -17.37 15.78 -23.15
C GLU B 637 -17.80 16.28 -21.78
N THR B 638 -16.86 16.38 -20.85
CA THR B 638 -17.22 16.67 -19.46
C THR B 638 -16.33 17.76 -18.89
N TRP B 639 -16.95 18.65 -18.10
CA TRP B 639 -16.28 19.66 -17.30
C TRP B 639 -16.67 19.46 -15.84
N LYS B 640 -15.74 19.78 -14.94
CA LYS B 640 -16.04 19.70 -13.52
C LYS B 640 -15.41 20.89 -12.80
N MET B 641 -16.09 21.34 -11.75
CA MET B 641 -15.75 22.57 -11.05
C MET B 641 -15.10 22.26 -9.71
N ASN B 642 -14.10 23.05 -9.34
CA ASN B 642 -13.40 22.91 -8.08
C ASN B 642 -13.19 24.30 -7.49
N LYS B 643 -12.47 24.35 -6.37
CA LYS B 643 -12.29 25.62 -5.67
C LYS B 643 -11.34 26.56 -6.41
N ILE B 644 -10.58 26.07 -7.37
CA ILE B 644 -9.60 26.89 -8.06
C ILE B 644 -10.21 27.68 -9.20
N ASN B 645 -11.01 27.03 -10.04
CA ASN B 645 -11.61 27.71 -11.18
C ASN B 645 -13.00 28.26 -10.88
N MET B 646 -13.64 27.85 -9.79
CA MET B 646 -14.92 28.40 -9.35
C MET B 646 -14.83 28.68 -7.85
N LYS B 647 -14.36 29.88 -7.50
CA LYS B 647 -14.24 30.26 -6.10
C LYS B 647 -15.58 30.73 -5.55
N ILE B 648 -16.43 29.78 -5.15
CA ILE B 648 -17.77 30.06 -4.68
C ILE B 648 -17.85 29.71 -3.20
N ASN B 649 -18.29 30.66 -2.39
CA ASN B 649 -18.53 30.43 -0.98
C ASN B 649 -20.00 30.07 -0.75
N LYS B 650 -20.27 29.43 0.39
CA LYS B 650 -21.64 29.09 0.73
C LYS B 650 -22.49 30.32 0.99
N LYS B 651 -21.87 31.49 1.16
CA LYS B 651 -22.58 32.74 1.32
C LYS B 651 -22.51 33.63 0.08
N THR B 652 -22.01 33.09 -1.04
CA THR B 652 -21.91 33.89 -2.26
C THR B 652 -23.30 34.31 -2.74
N GLU B 653 -23.40 35.54 -3.22
CA GLU B 653 -24.66 36.08 -3.68
C GLU B 653 -24.81 35.88 -5.18
N PHE B 654 -26.05 35.65 -5.63
CA PHE B 654 -26.32 35.62 -7.05
C PHE B 654 -26.00 36.99 -7.66
N ASN B 655 -25.78 36.99 -8.97
CA ASN B 655 -25.32 38.17 -9.70
C ASN B 655 -23.82 38.38 -9.49
N GLU B 656 -23.23 37.61 -8.57
CA GLU B 656 -21.78 37.51 -8.50
C GLU B 656 -21.33 36.13 -8.97
N PHE B 657 -22.12 35.10 -8.65
CA PHE B 657 -21.95 33.81 -9.27
C PHE B 657 -22.15 33.91 -10.78
N LYS B 658 -23.15 34.68 -11.20
CA LYS B 658 -23.44 34.81 -12.63
C LYS B 658 -22.25 35.39 -13.38
N ASN B 659 -21.64 36.45 -12.85
CA ASN B 659 -20.50 37.07 -13.52
C ASN B 659 -19.27 36.17 -13.45
N GLN B 660 -19.12 35.43 -12.35
CA GLN B 660 -17.99 34.53 -12.21
C GLN B 660 -18.15 33.29 -13.10
N PHE B 661 -19.39 32.88 -13.36
CA PHE B 661 -19.61 31.69 -14.18
C PHE B 661 -19.36 31.95 -15.66
N ASN B 662 -19.63 33.18 -16.14
CA ASN B 662 -19.40 33.47 -17.55
C ASN B 662 -17.92 33.42 -17.89
N ASP B 663 -17.05 33.83 -16.96
CA ASP B 663 -15.62 33.66 -17.18
C ASP B 663 -15.27 32.20 -17.34
N TYR B 664 -15.86 31.33 -16.54
CA TYR B 664 -15.65 29.89 -16.68
C TYR B 664 -16.07 29.41 -18.07
N ARG B 665 -17.25 29.85 -18.52
CA ARG B 665 -17.73 29.43 -19.83
C ARG B 665 -16.78 29.86 -20.93
N ILE B 666 -16.31 31.11 -20.89
CA ILE B 666 -15.43 31.59 -21.96
C ILE B 666 -14.08 30.89 -21.89
N LYS B 667 -13.58 30.63 -20.68
CA LYS B 667 -12.25 30.04 -20.54
C LYS B 667 -12.22 28.59 -21.00
N TYR B 668 -13.22 27.80 -20.60
CA TYR B 668 -13.24 26.38 -20.92
C TYR B 668 -14.11 26.04 -22.12
N GLY B 669 -14.80 27.02 -22.70
CA GLY B 669 -15.62 26.76 -23.87
C GLY B 669 -16.81 25.86 -23.63
N VAL B 670 -17.55 26.08 -22.54
CA VAL B 670 -18.73 25.29 -22.22
C VAL B 670 -19.82 25.62 -23.24
N PRO B 671 -20.44 24.64 -23.88
CA PRO B 671 -21.47 24.95 -24.87
C PRO B 671 -22.76 25.40 -24.21
N GLN B 672 -23.76 25.65 -25.06
CA GLN B 672 -25.01 26.24 -24.58
C GLN B 672 -25.82 25.24 -23.76
N TYR B 673 -25.92 24.00 -24.24
CA TYR B 673 -26.71 22.96 -23.58
C TYR B 673 -25.79 21.96 -22.90
N VAL B 674 -26.06 21.67 -21.62
CA VAL B 674 -25.30 20.71 -20.84
C VAL B 674 -26.23 19.96 -19.91
N TYR B 675 -25.70 18.88 -19.33
CA TYR B 675 -26.40 18.09 -18.32
C TYR B 675 -25.74 18.30 -16.96
N ILE B 676 -26.55 18.59 -15.95
CA ILE B 676 -26.09 18.54 -14.56
C ILE B 676 -26.40 17.13 -14.06
N THR B 677 -25.36 16.35 -13.78
CA THR B 677 -25.47 14.89 -13.78
C THR B 677 -25.73 14.33 -12.38
N PHE B 678 -26.80 14.81 -11.74
CA PHE B 678 -27.43 13.99 -10.72
C PHE B 678 -28.92 13.75 -10.95
N ALA B 679 -29.72 14.82 -10.90
CA ALA B 679 -31.17 14.73 -11.06
C ALA B 679 -31.79 15.89 -11.81
N ASP B 680 -31.07 17.00 -12.02
CA ASP B 680 -31.64 18.18 -12.67
C ASP B 680 -31.41 18.15 -14.18
N ASN B 681 -30.29 17.59 -14.61
CA ASN B 681 -30.01 17.21 -15.99
C ASN B 681 -30.21 18.42 -16.90
N ARG B 682 -30.78 18.26 -18.10
CA ARG B 682 -30.51 19.20 -19.19
C ARG B 682 -30.85 20.63 -18.80
N ILE B 683 -29.92 21.55 -19.11
CA ILE B 683 -30.00 22.93 -18.70
C ILE B 683 -29.54 23.81 -19.86
N LEU B 684 -30.28 24.90 -20.09
CA LEU B 684 -29.92 25.88 -21.11
C LEU B 684 -29.23 27.06 -20.43
N LEU B 685 -27.94 27.25 -20.73
CA LEU B 685 -27.13 28.19 -19.96
C LEU B 685 -27.37 29.64 -20.36
N ASN B 686 -28.13 29.88 -21.44
CA ASN B 686 -28.48 31.24 -21.83
C ASN B 686 -29.84 31.62 -21.28
N LEU B 687 -30.19 31.09 -20.10
CA LEU B 687 -31.49 31.33 -19.49
C LEU B 687 -31.27 31.53 -18.00
N ASP B 688 -31.87 32.58 -17.44
CA ASP B 688 -31.61 32.92 -16.05
C ASP B 688 -32.12 31.85 -15.09
N ASP B 689 -33.30 31.27 -15.37
CA ASP B 689 -33.84 30.26 -14.48
C ASP B 689 -32.95 29.03 -14.42
N GLU B 690 -32.36 28.64 -15.54
CA GLU B 690 -31.46 27.49 -15.54
C GLU B 690 -30.23 27.75 -14.68
N GLN B 691 -29.68 28.96 -14.76
CA GLN B 691 -28.54 29.29 -13.91
C GLN B 691 -28.95 29.41 -12.45
N CYS B 692 -30.19 29.81 -12.16
CA CYS B 692 -30.69 29.75 -10.80
C CYS B 692 -30.72 28.31 -10.29
N VAL B 693 -31.21 27.39 -11.12
CA VAL B 693 -31.17 25.98 -10.77
C VAL B 693 -29.73 25.56 -10.49
N LYS B 694 -28.80 25.99 -11.33
CA LYS B 694 -27.42 25.55 -11.20
C LYS B 694 -26.78 26.09 -9.94
N ILE B 695 -27.09 27.34 -9.55
CA ILE B 695 -26.52 27.88 -8.32
C ILE B 695 -27.13 27.20 -7.11
N LEU B 696 -28.44 26.93 -7.14
CA LEU B 696 -29.04 26.20 -6.04
C LEU B 696 -28.41 24.84 -5.87
N TYR B 697 -28.15 24.15 -6.99
CA TYR B 697 -27.53 22.82 -6.93
C TYR B 697 -26.07 22.91 -6.49
N HIS B 698 -25.34 23.91 -6.99
CA HIS B 698 -23.91 23.99 -6.77
C HIS B 698 -23.59 24.38 -5.33
N GLU B 699 -24.31 25.36 -4.80
CA GLU B 699 -24.05 25.83 -3.44
C GLU B 699 -24.31 24.72 -2.43
N CYS B 700 -25.41 23.99 -2.59
CA CYS B 700 -25.72 22.89 -1.67
C CYS B 700 -24.70 21.77 -1.78
N LYS B 701 -24.30 21.43 -3.01
CA LYS B 701 -23.42 20.28 -3.23
C LYS B 701 -21.94 20.62 -3.06
N ASN B 702 -21.58 21.26 -1.96
CA ASN B 702 -20.20 21.53 -1.57
C ASN B 702 -19.36 22.21 -2.67
N SER B 703 -20.00 22.69 -3.73
CA SER B 703 -19.33 23.33 -4.86
C SER B 703 -18.40 22.37 -5.62
N PHE B 704 -18.27 21.13 -5.18
CA PHE B 704 -17.47 20.15 -5.88
C PHE B 704 -18.15 18.79 -5.93
N ASN B 705 -19.21 18.62 -5.12
CA ASN B 705 -19.80 17.31 -4.91
C ASN B 705 -20.56 16.85 -6.15
N GLU B 706 -19.86 16.21 -7.07
CA GLU B 706 -20.47 15.66 -8.28
C GLU B 706 -21.16 16.76 -9.10
N ILE B 707 -20.52 17.94 -9.16
CA ILE B 707 -20.96 18.99 -10.06
C ILE B 707 -20.23 18.78 -11.38
N ILE B 708 -20.77 17.91 -12.23
CA ILE B 708 -20.13 17.51 -13.47
C ILE B 708 -21.08 17.85 -14.61
N LEU B 709 -20.59 18.62 -15.58
CA LEU B 709 -21.36 19.03 -16.74
C LEU B 709 -20.97 18.15 -17.92
N ASN B 710 -21.96 17.67 -18.65
CA ASN B 710 -21.73 16.86 -19.84
C ASN B 710 -22.38 17.54 -21.04
N SER B 711 -21.76 17.38 -22.20
CA SER B 711 -22.32 17.98 -23.40
C SER B 711 -23.56 17.23 -23.86
N TYR B 712 -24.37 17.90 -24.66
CA TYR B 712 -25.61 17.34 -25.16
C TYR B 712 -25.38 16.67 -26.51
N GLU B 713 -26.25 15.70 -26.83
CA GLU B 713 -26.16 14.98 -28.09
C GLU B 713 -26.60 15.86 -29.24
N GLU B 714 -25.75 16.78 -29.65
CA GLU B 714 -26.14 17.86 -30.55
C GLU B 714 -25.80 17.59 -32.01
N GLU B 715 -25.85 16.35 -32.48
CA GLU B 715 -25.70 16.10 -33.91
C GLU B 715 -26.56 14.89 -34.29
N GLY B 716 -27.10 14.93 -35.50
CA GLY B 716 -28.04 13.94 -35.96
C GLY B 716 -29.47 14.33 -35.63
N VAL B 717 -30.40 13.48 -36.04
CA VAL B 717 -31.82 13.68 -35.77
C VAL B 717 -32.38 12.43 -35.10
N ASN B 718 -33.50 12.60 -34.41
CA ASN B 718 -34.12 11.49 -33.71
C ASN B 718 -34.87 10.59 -34.68
N ILE B 719 -35.13 9.36 -34.25
CA ILE B 719 -35.72 8.36 -35.13
C ILE B 719 -37.21 8.09 -34.85
N VAL B 720 -37.69 8.40 -33.65
CA VAL B 720 -39.09 8.18 -33.29
C VAL B 720 -39.86 9.45 -33.58
N LYS B 721 -40.92 9.34 -34.36
CA LYS B 721 -41.75 10.49 -34.73
C LYS B 721 -43.22 10.15 -34.60
N GLU B 722 -43.99 11.10 -34.06
CA GLU B 722 -45.44 11.05 -34.08
C GLU B 722 -45.92 12.11 -35.06
N SER B 723 -46.37 11.66 -36.23
CA SER B 723 -46.72 12.58 -37.30
C SER B 723 -45.49 13.40 -37.71
N HIS B 724 -45.21 14.48 -36.96
CA HIS B 724 -44.08 15.33 -37.29
C HIS B 724 -43.31 15.80 -36.05
N LYS B 725 -43.60 15.24 -34.87
CA LYS B 725 -42.94 15.63 -33.63
C LYS B 725 -41.89 14.59 -33.29
N ASP B 726 -40.68 15.05 -32.95
CA ASP B 726 -39.59 14.14 -32.62
C ASP B 726 -39.65 13.75 -31.15
N TYR B 727 -39.30 12.51 -30.86
CA TYR B 727 -39.19 11.99 -29.51
C TYR B 727 -37.79 11.43 -29.31
N ILE B 728 -37.24 11.66 -28.11
CA ILE B 728 -35.94 11.09 -27.78
C ILE B 728 -36.11 9.64 -27.37
N CYS B 729 -35.29 8.76 -27.95
CA CYS B 729 -35.47 7.32 -27.82
C CYS B 729 -34.18 6.67 -27.34
N GLU B 730 -34.32 5.64 -26.52
CA GLU B 730 -33.21 4.87 -25.99
C GLU B 730 -33.50 3.38 -26.13
N LEU B 731 -32.48 2.61 -26.46
CA LEU B 731 -32.59 1.17 -26.68
C LEU B 731 -31.76 0.43 -25.66
N VAL B 732 -32.25 -0.72 -25.21
CA VAL B 732 -31.51 -1.63 -24.34
C VAL B 732 -31.37 -2.95 -25.10
N ILE B 733 -30.12 -3.31 -25.41
CA ILE B 733 -29.81 -4.41 -26.31
C ILE B 733 -29.18 -5.53 -25.47
N PRO B 734 -29.89 -6.62 -25.17
CA PRO B 734 -29.27 -7.75 -24.49
C PRO B 734 -28.58 -8.68 -25.48
N LEU B 735 -27.37 -9.12 -25.13
CA LEU B 735 -26.54 -9.96 -25.98
C LEU B 735 -26.08 -11.18 -25.20
N THR B 736 -25.81 -12.27 -25.93
CA THR B 736 -25.32 -13.50 -25.34
C THR B 736 -24.11 -14.00 -26.12
N LYS B 737 -23.23 -14.69 -25.39
CA LYS B 737 -21.96 -15.14 -25.96
C LYS B 737 -22.17 -16.31 -26.91
N ILE B 738 -21.35 -16.37 -27.95
CA ILE B 738 -21.39 -17.48 -28.90
C ILE B 738 -20.44 -18.57 -28.43
N LYS B 739 -20.90 -19.81 -28.44
CA LYS B 739 -20.14 -20.92 -27.87
C LYS B 739 -19.04 -21.37 -28.82
N GLN B 740 -17.84 -21.58 -28.28
CA GLN B 740 -16.73 -22.19 -28.99
C GLN B 740 -16.32 -23.44 -28.22
N GLU B 741 -16.23 -24.56 -28.93
CA GLU B 741 -15.89 -25.82 -28.27
C GLU B 741 -14.44 -25.81 -27.81
N MET B 751 -11.61 -35.37 -3.49
CA MET B 751 -11.07 -35.24 -2.13
C MET B 751 -11.72 -34.12 -1.35
N LEU B 752 -12.44 -33.21 -2.02
CA LEU B 752 -13.03 -32.07 -1.34
C LEU B 752 -14.23 -32.45 -0.47
N SER B 753 -14.68 -33.70 -0.51
CA SER B 753 -15.80 -34.18 0.29
C SER B 753 -15.45 -34.43 1.76
N SER B 754 -14.30 -33.97 2.26
CA SER B 754 -13.92 -34.24 3.63
C SER B 754 -14.97 -33.72 4.60
N ASP B 755 -15.21 -34.49 5.66
CA ASP B 755 -16.23 -34.19 6.65
C ASP B 755 -15.66 -33.77 8.01
N ILE B 756 -14.36 -33.52 8.10
CA ILE B 756 -13.76 -33.09 9.36
C ILE B 756 -14.03 -31.61 9.55
N SER B 757 -14.55 -31.25 10.72
CA SER B 757 -14.87 -29.86 10.99
C SER B 757 -13.60 -29.05 11.21
N SER B 758 -13.76 -27.73 11.29
CA SER B 758 -12.60 -26.84 11.40
C SER B 758 -11.95 -26.88 12.76
N LEU B 759 -12.71 -27.17 13.83
CA LEU B 759 -12.17 -27.25 15.17
C LEU B 759 -12.18 -28.68 15.71
N SER B 760 -12.20 -29.67 14.82
CA SER B 760 -12.22 -31.05 15.23
C SER B 760 -10.95 -31.39 15.99
N LYS B 761 -11.06 -32.30 16.96
CA LYS B 761 -9.90 -32.73 17.74
C LYS B 761 -8.87 -33.41 16.87
N GLU B 762 -9.27 -33.93 15.69
CA GLU B 762 -8.31 -34.54 14.78
C GLU B 762 -7.46 -33.50 14.07
N ARG B 763 -7.97 -32.28 13.92
CA ARG B 763 -7.33 -31.25 13.10
C ARG B 763 -6.46 -30.31 13.92
N VAL B 764 -7.00 -29.70 14.98
CA VAL B 764 -6.30 -28.71 15.76
C VAL B 764 -5.86 -29.35 17.07
N LYS B 765 -4.57 -29.26 17.36
CA LYS B 765 -3.97 -29.85 18.55
C LYS B 765 -3.50 -28.73 19.47
N ASP B 766 -4.03 -28.69 20.69
CA ASP B 766 -3.63 -27.67 21.64
C ASP B 766 -2.21 -27.93 22.12
N PRO B 767 -1.53 -26.90 22.64
CA PRO B 767 -0.16 -27.12 23.13
C PRO B 767 -0.10 -28.28 24.11
N PHE B 768 0.89 -29.15 23.91
CA PHE B 768 1.13 -30.38 24.66
C PHE B 768 0.04 -31.42 24.44
N ASP B 769 -0.79 -31.29 23.40
CA ASP B 769 -1.83 -32.27 23.08
C ASP B 769 -1.27 -33.29 22.10
N GLU B 770 -0.34 -34.12 22.61
CA GLU B 770 0.36 -35.14 21.83
C GLU B 770 1.40 -34.54 20.89
N TRP B 771 1.45 -33.22 20.80
CA TRP B 771 2.39 -32.53 19.95
C TRP B 771 2.90 -31.29 20.67
N LEU B 772 4.20 -31.07 20.60
CA LEU B 772 4.82 -29.86 21.12
C LEU B 772 5.38 -29.09 19.92
N TYR B 773 4.82 -27.91 19.68
CA TYR B 773 5.11 -27.12 18.49
C TYR B 773 5.80 -25.84 18.95
N ILE B 774 7.05 -25.65 18.55
CA ILE B 774 7.90 -24.56 19.02
C ILE B 774 8.35 -23.74 17.83
N LYS B 775 8.38 -22.42 17.98
CA LYS B 775 8.84 -21.51 16.95
C LYS B 775 10.02 -20.71 17.48
N LEU B 776 11.14 -20.76 16.76
CA LEU B 776 12.39 -20.14 17.18
C LEU B 776 12.66 -18.92 16.32
N TYR B 777 12.82 -17.77 16.95
CA TYR B 777 12.99 -16.51 16.25
C TYR B 777 14.41 -16.00 16.37
N GLY B 778 14.82 -15.17 15.41
CA GLY B 778 16.15 -14.60 15.42
C GLY B 778 17.25 -15.52 14.97
N ILE B 779 16.94 -16.48 14.09
CA ILE B 779 17.90 -17.51 13.70
C ILE B 779 18.46 -17.31 12.31
N SER B 780 18.24 -16.14 11.69
CA SER B 780 18.45 -15.99 10.26
C SER B 780 19.88 -16.27 9.83
N SER B 781 20.86 -15.77 10.60
CA SER B 781 22.24 -15.78 10.13
C SER B 781 22.94 -17.11 10.33
N ASN B 782 22.44 -17.99 11.20
CA ASN B 782 23.09 -19.26 11.50
C ASN B 782 22.14 -20.44 11.36
N VAL B 783 21.28 -20.46 10.34
CA VAL B 783 20.27 -21.51 10.25
C VAL B 783 20.94 -22.86 10.03
N ASP B 784 21.89 -22.92 9.09
CA ASP B 784 22.48 -24.19 8.72
C ASP B 784 23.26 -24.81 9.88
N ASP B 785 24.08 -24.01 10.58
CA ASP B 785 24.82 -24.55 11.72
C ASP B 785 23.87 -25.01 12.82
N LEU B 786 22.85 -24.21 13.11
CA LEU B 786 21.85 -24.58 14.11
C LEU B 786 21.23 -25.93 13.77
N ILE B 787 20.71 -26.07 12.55
CA ILE B 787 20.03 -27.30 12.16
C ILE B 787 21.00 -28.48 12.17
N ALA B 788 22.20 -28.28 11.62
CA ALA B 788 23.13 -29.39 11.47
C ALA B 788 23.62 -29.92 12.81
N TYR B 789 23.92 -29.02 13.75
CA TYR B 789 24.67 -29.40 14.94
C TYR B 789 23.83 -29.40 16.22
N TYR B 790 22.91 -28.45 16.39
CA TYR B 790 22.25 -28.32 17.68
C TYR B 790 20.90 -29.04 17.71
N ILE B 791 19.99 -28.69 16.79
CA ILE B 791 18.70 -29.36 16.76
C ILE B 791 18.89 -30.85 16.55
N SER B 792 19.77 -31.22 15.62
CA SER B 792 19.95 -32.62 15.28
C SER B 792 20.28 -33.46 16.51
N GLU B 793 21.31 -33.05 17.26
CA GLU B 793 21.80 -33.88 18.36
C GLU B 793 20.77 -33.99 19.48
N PHE B 794 20.20 -32.86 19.89
CA PHE B 794 19.23 -32.89 21.00
C PHE B 794 18.02 -33.74 20.63
N CYS B 795 17.46 -33.52 19.44
CA CYS B 795 16.23 -34.22 19.09
C CYS B 795 16.49 -35.71 18.86
N ASN B 796 17.62 -36.06 18.25
CA ASN B 796 17.92 -37.47 18.07
C ASN B 796 18.20 -38.16 19.41
N GLU B 797 18.81 -37.44 20.35
CA GLU B 797 18.99 -38.02 21.68
C GLU B 797 17.65 -38.25 22.35
N LEU B 798 16.71 -37.33 22.20
CA LEU B 798 15.37 -37.57 22.73
C LEU B 798 14.72 -38.78 22.09
N VAL B 799 14.86 -38.93 20.78
CA VAL B 799 14.24 -40.05 20.09
C VAL B 799 14.83 -41.37 20.56
N GLU B 800 16.15 -41.43 20.73
CA GLU B 800 16.79 -42.67 21.17
C GLU B 800 16.38 -43.04 22.59
N GLU B 801 16.26 -42.07 23.48
CA GLU B 801 15.81 -42.33 24.85
C GLU B 801 14.34 -42.71 24.92
N GLU B 802 13.60 -42.57 23.81
CA GLU B 802 12.18 -42.93 23.75
C GLU B 802 11.32 -41.97 24.54
N ILE B 803 11.72 -40.70 24.59
CA ILE B 803 10.85 -39.68 25.17
C ILE B 803 9.89 -39.15 24.13
N ILE B 804 10.31 -39.09 22.86
CA ILE B 804 9.44 -38.72 21.75
C ILE B 804 9.57 -39.78 20.68
N SER B 805 8.53 -39.92 19.85
CA SER B 805 8.54 -40.92 18.80
C SER B 805 9.08 -40.39 17.49
N LYS B 806 8.89 -39.11 17.19
CA LYS B 806 9.41 -38.53 15.97
C LYS B 806 9.33 -37.02 16.04
N TYR B 807 10.00 -36.36 15.09
CA TYR B 807 10.02 -34.90 15.01
C TYR B 807 10.26 -34.51 13.56
N PHE B 808 9.91 -33.26 13.23
CA PHE B 808 10.30 -32.68 11.95
C PHE B 808 10.24 -31.17 12.06
N PHE B 809 10.91 -30.50 11.11
CA PHE B 809 11.03 -29.05 11.14
C PHE B 809 10.83 -28.49 9.74
N MET B 810 10.66 -27.17 9.68
CA MET B 810 10.58 -26.43 8.43
C MET B 810 10.87 -24.98 8.71
N ARG B 811 11.11 -24.21 7.65
CA ARG B 811 11.37 -22.78 7.77
C ARG B 811 10.20 -21.99 7.20
N TYR B 812 9.83 -20.92 7.88
CA TYR B 812 8.68 -20.12 7.45
C TYR B 812 8.95 -18.65 7.73
N VAL B 813 7.98 -17.81 7.37
CA VAL B 813 8.05 -16.38 7.58
C VAL B 813 6.65 -15.86 7.91
N ASP B 814 6.43 -15.49 9.16
CA ASP B 814 5.31 -14.64 9.57
C ASP B 814 5.94 -13.30 9.92
N PRO B 815 5.73 -12.28 9.10
CA PRO B 815 6.74 -11.23 8.97
C PRO B 815 8.16 -11.70 9.19
N GLU B 816 8.52 -12.05 10.42
CA GLU B 816 9.89 -12.40 10.75
C GLU B 816 10.16 -13.88 10.50
N GLN B 817 11.41 -14.18 10.13
CA GLN B 817 11.79 -15.55 9.83
C GLN B 817 11.99 -16.37 11.10
N HIS B 818 11.61 -17.65 11.05
CA HIS B 818 11.74 -18.53 12.20
C HIS B 818 11.80 -19.98 11.73
N ILE B 819 12.02 -20.86 12.69
CA ILE B 819 12.05 -22.31 12.49
C ILE B 819 10.90 -22.91 13.27
N ARG B 820 10.14 -23.80 12.63
CA ARG B 820 9.03 -24.50 13.27
C ARG B 820 9.45 -25.92 13.55
N LEU B 821 9.46 -26.30 14.83
CA LEU B 821 9.92 -27.62 15.26
C LEU B 821 8.79 -28.30 16.02
N ARG B 822 8.45 -29.52 15.60
CA ARG B 822 7.30 -30.24 16.14
C ARG B 822 7.76 -31.60 16.69
N LEU B 823 7.46 -31.85 17.96
CA LEU B 823 7.83 -33.07 18.65
C LEU B 823 6.57 -33.87 18.99
N ASN B 824 6.64 -35.18 18.84
CA ASN B 824 5.49 -36.06 19.01
C ASN B 824 5.73 -37.00 20.17
N SER B 825 4.80 -37.00 21.13
CA SER B 825 4.85 -37.88 22.29
C SER B 825 3.55 -37.68 23.06
N SER B 826 3.41 -38.39 24.17
CA SER B 826 2.23 -38.21 25.01
C SER B 826 2.35 -36.94 25.83
N GLN B 827 1.22 -36.48 26.35
CA GLN B 827 1.22 -35.22 27.10
C GLN B 827 2.09 -35.31 28.34
N GLU B 828 2.06 -36.45 29.02
CA GLU B 828 2.83 -36.59 30.25
C GLU B 828 4.32 -36.45 30.00
N LYS B 829 4.85 -37.15 29.00
CA LYS B 829 6.27 -37.03 28.70
C LYS B 829 6.62 -35.63 28.22
N LEU B 830 5.75 -35.02 27.42
CA LEU B 830 6.03 -33.67 26.93
C LEU B 830 6.11 -32.67 28.06
N LEU B 831 5.25 -32.82 29.08
CA LEU B 831 5.35 -31.95 30.24
C LEU B 831 6.51 -32.34 31.13
N MET B 832 6.97 -33.59 31.03
CA MET B 832 8.08 -34.04 31.88
C MET B 832 9.42 -33.53 31.36
N ILE B 833 9.61 -33.44 30.05
CA ILE B 833 10.90 -32.99 29.53
C ILE B 833 10.96 -31.50 29.25
N TYR B 834 9.85 -30.77 29.35
CA TYR B 834 9.90 -29.35 29.06
C TYR B 834 10.94 -28.61 29.89
N PRO B 835 11.11 -28.88 31.18
CA PRO B 835 12.18 -28.19 31.93
C PRO B 835 13.55 -28.34 31.30
N LYS B 836 13.86 -29.50 30.71
CA LYS B 836 15.14 -29.69 30.04
C LYS B 836 15.21 -28.97 28.71
N ILE B 837 14.07 -28.78 28.03
CA ILE B 837 14.06 -28.05 26.77
C ILE B 837 14.36 -26.58 27.00
N ARG B 838 13.87 -26.02 28.11
CA ARG B 838 14.17 -24.62 28.43
C ARG B 838 15.66 -24.41 28.63
N GLU B 839 16.33 -25.33 29.32
CA GLU B 839 17.77 -25.21 29.51
C GLU B 839 18.49 -25.25 28.17
N TRP B 840 18.08 -26.16 27.29
CA TRP B 840 18.66 -26.25 25.96
C TRP B 840 18.51 -24.94 25.20
N LEU B 841 17.32 -24.37 25.20
CA LEU B 841 17.09 -23.15 24.44
C LEU B 841 17.81 -21.96 25.07
N SER B 842 17.94 -21.93 26.39
CA SER B 842 18.73 -20.88 27.03
C SER B 842 20.20 -20.98 26.63
N MET B 843 20.74 -22.20 26.59
CA MET B 843 22.11 -22.39 26.14
C MET B 843 22.28 -21.94 24.70
N ILE B 844 21.31 -22.25 23.84
CA ILE B 844 21.38 -21.83 22.44
C ILE B 844 21.36 -20.31 22.35
N ARG B 845 20.50 -19.66 23.12
CA ARG B 845 20.42 -18.20 23.09
C ARG B 845 21.71 -17.56 23.57
N LYS B 846 22.30 -18.11 24.64
CA LYS B 846 23.51 -17.50 25.20
C LYS B 846 24.61 -17.39 24.17
N LYS B 847 24.61 -18.26 23.16
CA LYS B 847 25.61 -18.20 22.11
C LYS B 847 25.22 -17.27 20.97
N GLY B 848 24.06 -16.60 21.07
CA GLY B 848 23.63 -15.70 20.02
C GLY B 848 22.97 -16.38 18.84
N LEU B 849 22.61 -17.65 18.95
CA LEU B 849 22.00 -18.36 17.85
C LEU B 849 20.50 -18.14 17.73
N MET B 850 19.85 -17.61 18.77
CA MET B 850 18.42 -17.34 18.72
C MET B 850 18.10 -16.25 19.72
N THR B 851 16.86 -15.75 19.65
CA THR B 851 16.41 -14.65 20.50
C THR B 851 15.32 -15.10 21.46
N TYR B 852 14.20 -15.63 20.95
CA TYR B 852 13.10 -16.05 21.81
C TYR B 852 12.24 -17.03 21.03
N PHE B 853 11.31 -17.68 21.75
CA PHE B 853 10.47 -18.70 21.14
C PHE B 853 9.06 -18.65 21.72
N SER B 854 8.16 -19.40 21.09
CA SER B 854 6.77 -19.50 21.49
C SER B 854 6.30 -20.94 21.29
N ILE B 855 5.22 -21.29 21.98
CA ILE B 855 4.56 -22.59 21.84
C ILE B 855 3.19 -22.34 21.23
N ASP B 856 2.87 -23.04 20.15
CA ASP B 856 1.71 -22.72 19.34
C ASP B 856 0.85 -23.96 19.14
N SER B 857 -0.30 -23.76 18.48
CA SER B 857 -1.21 -24.85 18.18
C SER B 857 -0.89 -25.45 16.82
N TYR B 858 -0.98 -26.78 16.72
CA TYR B 858 -0.66 -27.49 15.50
C TYR B 858 -1.94 -27.73 14.72
N ASP B 859 -2.02 -27.16 13.52
CA ASP B 859 -3.18 -27.27 12.65
C ASP B 859 -2.79 -28.19 11.49
N ARG B 860 -3.31 -29.41 11.51
CA ARG B 860 -2.86 -30.44 10.57
C ARG B 860 -3.56 -30.27 9.23
N GLU B 861 -2.81 -30.52 8.16
CA GLU B 861 -3.33 -30.45 6.79
C GLU B 861 -3.82 -31.83 6.34
N ILE B 862 -5.01 -32.19 6.82
CA ILE B 862 -5.52 -33.55 6.64
C ILE B 862 -5.79 -33.82 5.17
N GLU B 863 -6.50 -32.90 4.50
CA GLU B 863 -6.93 -33.17 3.13
C GLU B 863 -5.77 -33.06 2.14
N ARG B 864 -4.72 -32.33 2.48
CA ARG B 864 -3.64 -32.09 1.54
C ARG B 864 -2.80 -33.35 1.32
N TYR B 865 -2.72 -34.22 2.32
CA TYR B 865 -1.85 -35.38 2.28
C TYR B 865 -2.62 -36.70 2.25
N GLY B 866 -3.85 -36.70 1.76
CA GLY B 866 -4.57 -37.92 1.47
C GLY B 866 -5.62 -38.34 2.45
N GLY B 867 -5.96 -37.50 3.43
CA GLY B 867 -7.02 -37.82 4.36
C GLY B 867 -6.49 -38.19 5.74
N ILE B 868 -7.39 -38.72 6.55
CA ILE B 868 -7.08 -38.99 7.95
C ILE B 868 -6.23 -40.24 8.12
N GLU B 869 -6.30 -41.18 7.18
CA GLU B 869 -5.53 -42.42 7.31
C GLU B 869 -4.11 -42.28 6.78
N LEU B 870 -3.88 -41.37 5.84
CA LEU B 870 -2.58 -41.26 5.19
C LEU B 870 -1.68 -40.19 5.79
N ILE B 871 -2.24 -39.21 6.50
CA ILE B 871 -1.40 -38.15 7.05
C ILE B 871 -0.46 -38.72 8.11
N ASN B 872 -0.90 -39.76 8.82
CA ASN B 872 -0.03 -40.40 9.80
C ASN B 872 1.23 -40.98 9.18
N ILE B 873 1.24 -41.20 7.87
CA ILE B 873 2.43 -41.68 7.17
C ILE B 873 3.22 -40.52 6.57
N ALA B 874 2.52 -39.46 6.17
CA ALA B 874 3.22 -38.26 5.72
C ALA B 874 4.07 -37.70 6.84
N GLU B 875 3.61 -37.85 8.09
CA GLU B 875 4.39 -37.33 9.21
C GLU B 875 5.59 -38.19 9.55
N LYS B 876 5.70 -39.41 9.01
CA LYS B 876 6.94 -40.16 9.10
C LYS B 876 7.85 -39.86 7.92
N VAL B 877 7.25 -39.63 6.75
CA VAL B 877 8.03 -39.14 5.62
C VAL B 877 8.77 -37.87 6.00
N PHE B 878 8.07 -36.95 6.68
CA PHE B 878 8.71 -35.72 7.13
C PHE B 878 9.84 -35.97 8.11
N PHE B 879 9.66 -36.94 9.01
CA PHE B 879 10.69 -37.26 10.00
C PHE B 879 11.97 -37.73 9.33
N PHE B 880 11.85 -38.71 8.43
CA PHE B 880 13.05 -39.22 7.76
C PHE B 880 13.65 -38.17 6.84
N ASP B 881 12.83 -37.34 6.19
CA ASP B 881 13.36 -36.27 5.37
C ASP B 881 14.14 -35.25 6.20
N SER B 882 13.67 -34.96 7.41
CA SER B 882 14.42 -34.05 8.29
C SER B 882 15.76 -34.64 8.68
N ILE B 883 15.79 -35.93 9.00
CA ILE B 883 17.07 -36.57 9.32
C ILE B 883 18.03 -36.46 8.14
N VAL B 884 17.54 -36.74 6.94
CA VAL B 884 18.40 -36.69 5.76
C VAL B 884 18.89 -35.26 5.51
N THR B 885 18.03 -34.27 5.71
CA THR B 885 18.44 -32.89 5.52
C THR B 885 19.56 -32.52 6.49
N GLU B 886 19.42 -32.92 7.75
CA GLU B 886 20.47 -32.63 8.73
C GLU B 886 21.78 -33.27 8.30
N ASP B 887 21.74 -34.53 7.88
CA ASP B 887 22.97 -35.21 7.47
C ASP B 887 23.62 -34.52 6.27
N ILE B 888 22.82 -34.11 5.29
CA ILE B 888 23.39 -33.47 4.11
C ILE B 888 24.03 -32.13 4.49
N LEU B 889 23.36 -31.33 5.30
CA LEU B 889 23.95 -30.05 5.71
C LEU B 889 25.25 -30.27 6.47
N ARG B 890 25.25 -31.22 7.40
CA ARG B 890 26.46 -31.47 8.20
C ARG B 890 27.61 -31.92 7.31
N ALA B 891 27.34 -32.84 6.37
CA ALA B 891 28.39 -33.30 5.48
C ALA B 891 28.90 -32.18 4.58
N LYS B 892 27.99 -31.32 4.11
CA LYS B 892 28.41 -30.21 3.28
C LYS B 892 29.30 -29.24 4.03
N ARG B 893 29.00 -28.96 5.30
CA ARG B 893 29.84 -28.06 6.07
C ARG B 893 31.16 -28.70 6.49
N GLU B 894 31.15 -29.99 6.84
CA GLU B 894 32.38 -30.67 7.20
C GLU B 894 33.33 -30.82 6.01
N GLY B 895 32.84 -30.61 4.79
CA GLY B 895 33.67 -30.75 3.62
C GLY B 895 33.74 -32.15 3.04
N SER B 896 32.78 -33.02 3.36
CA SER B 896 32.79 -34.37 2.82
C SER B 896 32.60 -34.38 1.31
N PHE B 897 31.72 -33.52 0.78
CA PHE B 897 31.58 -33.36 -0.66
C PHE B 897 31.35 -31.88 -0.96
N ASP B 898 31.58 -31.52 -2.23
CA ASP B 898 31.56 -30.12 -2.64
C ASP B 898 30.56 -29.83 -3.74
N PHE B 899 29.51 -30.64 -3.88
CA PHE B 899 28.53 -30.39 -4.92
C PHE B 899 27.86 -29.04 -4.73
N CYS B 900 27.50 -28.40 -5.83
CA CYS B 900 26.80 -27.14 -5.76
C CYS B 900 25.38 -27.35 -5.25
N ASP B 901 24.70 -26.24 -4.93
CA ASP B 901 23.32 -26.34 -4.47
C ASP B 901 22.42 -26.91 -5.56
N GLU B 902 22.62 -26.47 -6.80
CA GLU B 902 21.75 -26.93 -7.89
C GLU B 902 21.85 -28.43 -8.08
N ILE B 903 23.06 -28.98 -8.03
CA ILE B 903 23.23 -30.41 -8.24
C ILE B 903 22.54 -31.19 -7.12
N ILE B 904 22.67 -30.73 -5.88
CA ILE B 904 22.02 -31.41 -4.77
C ILE B 904 20.50 -31.36 -4.93
N GLY B 905 19.97 -30.20 -5.30
CA GLY B 905 18.53 -30.10 -5.51
C GLY B 905 18.05 -31.03 -6.60
N MET B 906 18.79 -31.10 -7.71
CA MET B 906 18.39 -31.97 -8.82
C MET B 906 18.43 -33.43 -8.42
N ILE B 907 19.49 -33.85 -7.73
CA ILE B 907 19.58 -35.24 -7.30
C ILE B 907 18.44 -35.57 -6.35
N SER B 908 18.12 -34.65 -5.45
CA SER B 908 17.04 -34.88 -4.50
C SER B 908 15.69 -35.02 -5.20
N VAL B 909 15.41 -34.14 -6.16
CA VAL B 909 14.13 -34.23 -6.88
C VAL B 909 14.04 -35.53 -7.66
N VAL B 910 15.11 -35.90 -8.35
CA VAL B 910 15.07 -37.14 -9.13
C VAL B 910 14.91 -38.34 -8.22
N HIS B 911 15.60 -38.35 -7.07
CA HIS B 911 15.46 -39.46 -6.13
C HIS B 911 14.03 -39.55 -5.60
N TYR B 912 13.43 -38.42 -5.26
CA TYR B 912 12.04 -38.43 -4.80
C TYR B 912 11.13 -39.05 -5.85
N MET B 913 11.21 -38.57 -7.09
CA MET B 913 10.30 -39.07 -8.12
C MET B 913 10.54 -40.55 -8.38
N GLU B 914 11.81 -40.99 -8.41
CA GLU B 914 12.10 -42.39 -8.69
C GLU B 914 11.57 -43.30 -7.59
N SER B 915 11.78 -42.92 -6.33
CA SER B 915 11.38 -43.78 -5.22
C SER B 915 9.87 -43.76 -4.97
N PHE B 916 9.19 -42.65 -5.26
CA PHE B 916 7.75 -42.59 -5.07
C PHE B 916 7.02 -43.56 -6.00
N GLY B 917 7.63 -43.97 -7.10
CA GLY B 917 7.02 -44.89 -8.03
C GLY B 917 6.54 -44.29 -9.33
N LEU B 918 6.96 -43.06 -9.65
CA LEU B 918 6.51 -42.37 -10.85
C LEU B 918 7.36 -42.83 -12.03
N PRO B 919 6.78 -43.50 -13.03
CA PRO B 919 7.60 -44.01 -14.13
C PRO B 919 8.20 -42.91 -14.99
N TYR B 920 9.32 -43.23 -15.63
CA TYR B 920 10.07 -42.22 -16.38
C TYR B 920 9.21 -41.56 -17.45
N ALA B 921 8.27 -42.32 -18.02
CA ALA B 921 7.43 -41.75 -19.08
C ALA B 921 6.65 -40.54 -18.57
N LYS B 922 6.38 -40.47 -17.28
CA LYS B 922 5.59 -39.38 -16.70
C LYS B 922 6.45 -38.27 -16.11
N GLN B 923 7.70 -38.55 -15.78
CA GLN B 923 8.49 -37.61 -15.00
C GLN B 923 8.69 -36.28 -15.73
N VAL B 924 9.00 -36.35 -17.03
CA VAL B 924 9.23 -35.12 -17.77
C VAL B 924 7.94 -34.33 -17.91
N GLU B 925 6.81 -35.03 -18.08
CA GLU B 925 5.52 -34.36 -18.06
C GLU B 925 5.23 -33.74 -16.70
N PHE B 926 5.54 -34.47 -15.63
CA PHE B 926 5.26 -33.98 -14.28
C PHE B 926 6.04 -32.70 -13.99
N LEU B 927 7.33 -32.68 -14.32
CA LEU B 927 8.13 -31.49 -14.05
C LEU B 927 7.74 -30.33 -14.94
N ARG B 928 7.32 -30.61 -16.18
CA ARG B 928 6.95 -29.55 -17.10
C ARG B 928 5.60 -28.94 -16.74
N SER B 929 4.81 -29.63 -15.92
CA SER B 929 3.44 -29.17 -15.65
C SER B 929 3.40 -27.78 -15.03
N GLN B 930 4.50 -27.32 -14.42
CA GLN B 930 4.55 -26.01 -13.80
C GLN B 930 5.25 -25.00 -14.70
N VAL B 931 5.33 -25.31 -16.00
CA VAL B 931 5.78 -24.37 -17.02
C VAL B 931 7.28 -24.17 -16.97
N SER B 932 7.91 -24.48 -15.83
CA SER B 932 9.32 -24.16 -15.65
C SER B 932 10.20 -24.79 -16.72
N SER B 933 9.76 -25.90 -17.31
CA SER B 933 10.62 -26.66 -18.21
C SER B 933 10.56 -26.18 -19.64
N SER B 934 9.82 -25.09 -19.92
CA SER B 934 9.61 -24.70 -21.31
C SER B 934 10.92 -24.33 -22.01
N GLU B 935 11.52 -23.20 -21.63
CA GLU B 935 12.77 -22.77 -22.24
C GLU B 935 13.74 -22.15 -21.22
N TYR B 936 13.24 -21.88 -20.01
CA TYR B 936 13.87 -20.88 -19.15
C TYR B 936 15.34 -21.15 -18.86
N ARG B 937 15.75 -22.42 -18.74
CA ARG B 937 17.13 -22.75 -18.40
C ARG B 937 17.77 -23.67 -19.43
N GLU B 938 17.44 -23.51 -20.70
CA GLU B 938 18.04 -24.36 -21.73
C GLU B 938 19.50 -24.01 -21.97
N ASP B 939 19.84 -22.71 -21.91
CA ASP B 939 21.23 -22.31 -22.08
C ASP B 939 22.06 -22.57 -20.83
N PHE B 940 21.43 -22.48 -19.65
CA PHE B 940 22.17 -22.71 -18.41
C PHE B 940 22.57 -24.17 -18.26
N LYS B 941 22.02 -25.05 -19.08
CA LYS B 941 22.39 -26.47 -19.05
C LYS B 941 23.67 -26.71 -19.84
N GLN B 942 24.45 -25.65 -20.10
CA GLN B 942 25.69 -25.78 -20.83
C GLN B 942 26.65 -26.80 -20.20
N LYS B 943 26.36 -27.25 -18.98
CA LYS B 943 27.16 -28.28 -18.32
C LYS B 943 26.61 -29.67 -18.62
N ARG B 944 26.01 -29.82 -19.80
CA ARG B 944 25.22 -31.02 -20.11
C ARG B 944 25.85 -32.30 -19.59
N THR B 945 27.16 -32.47 -19.80
CA THR B 945 27.76 -33.76 -19.50
C THR B 945 27.69 -34.11 -18.02
N GLU B 946 27.99 -33.16 -17.14
CA GLU B 946 27.98 -33.46 -15.71
C GLU B 946 26.57 -33.77 -15.22
N TYR B 947 25.59 -32.96 -15.62
CA TYR B 947 24.21 -33.24 -15.24
C TYR B 947 23.76 -34.59 -15.76
N MET B 948 24.07 -34.91 -17.02
CA MET B 948 23.63 -36.17 -17.59
C MET B 948 24.29 -37.35 -16.88
N LYS B 949 25.53 -37.20 -16.43
CA LYS B 949 26.16 -38.31 -15.71
C LYS B 949 25.58 -38.47 -14.32
N LEU B 950 25.30 -37.36 -13.64
CA LEU B 950 24.86 -37.44 -12.24
C LEU B 950 23.39 -37.82 -12.11
N CYS B 951 22.53 -37.28 -12.96
CA CYS B 951 21.09 -37.47 -12.80
C CYS B 951 20.57 -38.76 -13.40
N ASN B 952 21.45 -39.63 -13.89
CA ASN B 952 21.03 -40.93 -14.41
C ASN B 952 20.97 -41.90 -13.24
N SER B 953 19.82 -42.56 -13.07
CA SER B 953 19.60 -43.46 -11.94
C SER B 953 19.74 -44.93 -12.31
N ASN B 954 20.28 -45.25 -13.48
CA ASN B 954 20.33 -46.64 -13.92
C ASN B 954 21.20 -47.48 -13.00
N LYS B 955 20.96 -48.78 -13.01
CA LYS B 955 21.63 -49.72 -12.11
C LYS B 955 21.42 -49.30 -10.66
N ASP B 956 22.40 -48.62 -10.07
CA ASP B 956 22.27 -48.13 -8.70
C ASP B 956 22.89 -46.74 -8.59
N TRP B 957 22.55 -45.86 -9.53
CA TRP B 957 23.20 -44.56 -9.64
C TRP B 957 24.68 -44.73 -9.93
N GLU B 958 24.98 -45.62 -10.89
CA GLU B 958 26.37 -45.96 -11.18
C GLU B 958 27.16 -44.73 -11.59
N GLY B 959 26.55 -43.85 -12.37
CA GLY B 959 27.23 -42.62 -12.75
C GLY B 959 27.56 -41.71 -11.57
N LEU B 960 26.86 -41.88 -10.45
CA LEU B 960 27.11 -41.08 -9.27
C LEU B 960 28.07 -41.75 -8.29
N ARG B 961 28.09 -43.08 -8.25
CA ARG B 961 28.98 -43.81 -7.35
C ARG B 961 30.41 -43.92 -7.88
N GLU B 962 30.76 -43.17 -8.93
CA GLU B 962 32.12 -43.23 -9.46
C GLU B 962 33.13 -42.54 -8.56
N SER B 963 32.68 -41.72 -7.62
CA SER B 963 33.57 -40.98 -6.74
C SER B 963 33.07 -41.08 -5.31
N GLU B 964 33.97 -40.85 -4.36
CA GLU B 964 33.60 -40.93 -2.95
C GLU B 964 32.59 -39.87 -2.57
N GLU B 965 32.68 -38.68 -3.14
CA GLU B 965 31.70 -37.64 -2.84
C GLU B 965 30.29 -38.10 -3.25
N GLY B 966 30.15 -38.58 -4.48
CA GLY B 966 28.86 -39.07 -4.92
C GLY B 966 28.41 -40.29 -4.16
N ASN B 967 29.34 -41.17 -3.78
CA ASN B 967 28.96 -42.35 -3.00
C ASN B 967 28.40 -41.94 -1.65
N ILE B 968 29.03 -40.99 -0.98
CA ILE B 968 28.52 -40.49 0.30
C ILE B 968 27.16 -39.84 0.09
N LEU B 969 27.03 -39.02 -0.95
CA LEU B 969 25.76 -38.33 -1.19
C LEU B 969 24.63 -39.32 -1.41
N ILE B 970 24.89 -40.39 -2.16
CA ILE B 970 23.81 -41.34 -2.45
C ILE B 970 23.55 -42.25 -1.25
N GLU B 971 24.55 -42.49 -0.40
CA GLU B 971 24.30 -43.27 0.80
C GLU B 971 23.49 -42.49 1.82
N ILE B 972 23.65 -41.16 1.85
CA ILE B 972 22.86 -40.35 2.78
C ILE B 972 21.39 -40.38 2.38
N LEU B 973 21.10 -40.41 1.09
CA LEU B 973 19.73 -40.25 0.62
C LEU B 973 18.91 -41.51 0.82
N ASN B 974 19.55 -42.68 0.79
CA ASN B 974 18.81 -43.94 0.83
C ASN B 974 18.11 -44.20 2.16
N LYS B 975 18.41 -43.43 3.21
CA LYS B 975 17.64 -43.56 4.43
C LYS B 975 16.19 -43.21 4.21
N ARG B 976 15.90 -42.45 3.17
CA ARG B 976 14.60 -41.86 2.92
C ARG B 976 13.74 -42.67 1.95
N ARG B 977 14.21 -43.84 1.52
CA ARG B 977 13.61 -44.50 0.36
C ARG B 977 12.42 -45.37 0.75
N LYS B 978 12.60 -46.26 1.73
CA LYS B 978 11.57 -47.24 2.04
C LYS B 978 10.27 -46.58 2.47
N ILE B 979 10.36 -45.52 3.28
CA ILE B 979 9.13 -44.87 3.73
C ILE B 979 8.41 -44.21 2.57
N ILE B 980 9.15 -43.62 1.62
CA ILE B 980 8.49 -43.00 0.48
C ILE B 980 7.85 -44.06 -0.41
N GLU B 981 8.51 -45.20 -0.58
CA GLU B 981 7.89 -46.29 -1.35
C GLU B 981 6.60 -46.75 -0.70
N TYR B 982 6.63 -46.94 0.62
CA TYR B 982 5.43 -47.36 1.35
C TYR B 982 4.32 -46.33 1.21
N TYR B 983 4.66 -45.04 1.36
CA TYR B 983 3.66 -43.99 1.24
C TYR B 983 3.06 -43.94 -0.15
N GLY B 984 3.89 -44.09 -1.18
CA GLY B 984 3.37 -44.09 -2.54
C GLY B 984 2.46 -45.26 -2.81
N ASN B 985 2.84 -46.45 -2.33
CA ASN B 985 1.99 -47.62 -2.50
C ASN B 985 0.64 -47.41 -1.82
N LYS B 986 0.65 -46.87 -0.60
CA LYS B 986 -0.60 -46.65 0.10
C LYS B 986 -1.44 -45.57 -0.58
N VAL B 987 -0.80 -44.55 -1.14
CA VAL B 987 -1.53 -43.50 -1.83
C VAL B 987 -2.22 -44.05 -3.07
N ARG B 988 -1.49 -44.84 -3.86
CA ARG B 988 -2.08 -45.37 -5.09
C ARG B 988 -3.04 -46.51 -4.80
N GLU B 989 -2.98 -47.09 -3.60
CA GLU B 989 -3.96 -48.11 -3.23
C GLU B 989 -5.31 -47.49 -2.92
N ASN B 990 -5.33 -46.27 -2.39
CA ASN B 990 -6.59 -45.60 -2.09
C ASN B 990 -7.34 -45.28 -3.38
N GLU B 991 -8.66 -45.37 -3.32
CA GLU B 991 -9.52 -45.03 -4.45
C GLU B 991 -10.17 -43.66 -4.32
N GLU B 992 -10.35 -43.17 -3.10
CA GLU B 992 -10.87 -41.82 -2.90
C GLU B 992 -9.83 -40.77 -3.30
N VAL B 993 -8.55 -41.10 -3.19
CA VAL B 993 -7.50 -40.17 -3.55
C VAL B 993 -7.26 -40.23 -5.06
N SER B 994 -7.37 -39.07 -5.72
CA SER B 994 -7.19 -38.97 -7.16
C SER B 994 -6.05 -38.01 -7.44
N THR B 995 -5.33 -38.26 -8.54
CA THR B 995 -4.22 -37.41 -8.96
C THR B 995 -3.15 -37.35 -7.85
N ASP B 996 -2.57 -38.51 -7.59
CA ASP B 996 -1.50 -38.60 -6.58
C ASP B 996 -0.35 -37.66 -6.90
N LEU B 997 -0.32 -37.10 -8.13
CA LEU B 997 0.72 -36.15 -8.48
C LEU B 997 0.60 -34.84 -7.72
N SER B 998 -0.51 -34.62 -7.03
CA SER B 998 -0.61 -33.44 -6.17
C SER B 998 0.16 -33.65 -4.88
N ILE B 999 0.15 -34.87 -4.34
CA ILE B 999 0.87 -35.17 -3.10
C ILE B 999 2.37 -35.14 -3.34
N LEU B 1000 2.82 -35.72 -4.45
CA LEU B 1000 4.25 -35.76 -4.75
C LEU B 1000 4.82 -34.35 -4.85
N ASP B 1001 4.09 -33.46 -5.52
CA ASP B 1001 4.54 -32.08 -5.63
C ASP B 1001 4.66 -31.43 -4.25
N SER B 1002 3.72 -31.74 -3.35
CA SER B 1002 3.75 -31.15 -2.02
C SER B 1002 4.97 -31.62 -1.23
N ILE B 1003 5.26 -32.92 -1.25
CA ILE B 1003 6.40 -33.40 -0.48
C ILE B 1003 7.71 -32.87 -1.09
N ILE B 1004 7.77 -32.74 -2.42
CA ILE B 1004 8.96 -32.16 -3.03
C ILE B 1004 9.14 -30.71 -2.61
N HIS B 1005 8.05 -29.93 -2.58
CA HIS B 1005 8.13 -28.56 -2.11
C HIS B 1005 8.66 -28.51 -0.69
N LEU B 1006 8.17 -29.38 0.18
CA LEU B 1006 8.62 -29.38 1.56
C LEU B 1006 10.11 -29.68 1.65
N ASN B 1007 10.58 -30.67 0.89
CA ASN B 1007 12.00 -31.01 0.95
C ASN B 1007 12.87 -29.85 0.49
N CYS B 1008 12.47 -29.19 -0.60
CA CYS B 1008 13.25 -28.04 -1.07
C CYS B 1008 13.24 -26.92 -0.04
N ASN B 1009 12.10 -26.69 0.62
CA ASN B 1009 12.04 -25.67 1.65
C ASN B 1009 12.98 -25.98 2.80
N ARG B 1010 13.01 -27.25 3.24
CA ARG B 1010 13.91 -27.64 4.32
C ARG B 1010 15.36 -27.41 3.94
N MET B 1011 15.75 -27.80 2.73
CA MET B 1011 17.16 -27.70 2.37
C MET B 1011 17.60 -26.25 2.11
N PHE B 1012 16.80 -25.47 1.38
CA PHE B 1012 17.25 -24.16 0.91
C PHE B 1012 16.42 -22.98 1.42
N GLY B 1013 15.34 -23.22 2.15
CA GLY B 1013 14.57 -22.12 2.69
C GLY B 1013 13.59 -21.52 1.69
N ILE B 1014 13.09 -20.34 2.03
CA ILE B 1014 12.09 -19.65 1.21
C ILE B 1014 12.77 -19.01 0.01
N ASP B 1015 12.71 -19.67 -1.15
CA ASP B 1015 13.31 -19.13 -2.38
C ASP B 1015 12.57 -19.76 -3.56
N ARG B 1016 11.69 -18.99 -4.18
CA ARG B 1016 10.89 -19.54 -5.29
C ARG B 1016 11.72 -19.69 -6.55
N GLU B 1017 12.55 -18.69 -6.86
CA GLU B 1017 13.32 -18.73 -8.10
C GLU B 1017 14.28 -19.92 -8.11
N PHE B 1018 14.93 -20.20 -6.98
CA PHE B 1018 15.84 -21.33 -6.93
C PHE B 1018 15.13 -22.64 -7.17
N GLU B 1019 13.95 -22.82 -6.58
CA GLU B 1019 13.20 -24.05 -6.78
C GLU B 1019 12.77 -24.19 -8.24
N LYS B 1020 12.32 -23.08 -8.84
CA LYS B 1020 11.96 -23.12 -10.26
C LYS B 1020 13.16 -23.53 -11.10
N LYS B 1021 14.33 -22.95 -10.82
CA LYS B 1021 15.53 -23.28 -11.57
C LYS B 1021 15.88 -24.76 -11.41
N VAL B 1022 15.78 -25.28 -10.19
CA VAL B 1022 16.12 -26.68 -9.95
C VAL B 1022 15.18 -27.59 -10.72
N ARG B 1023 13.88 -27.30 -10.69
CA ARG B 1023 12.92 -28.11 -11.42
C ARG B 1023 13.20 -28.06 -12.92
N ALA B 1024 13.49 -26.88 -13.46
CA ALA B 1024 13.75 -26.74 -14.89
C ALA B 1024 14.99 -27.54 -15.29
N LEU B 1025 16.08 -27.41 -14.53
CA LEU B 1025 17.29 -28.14 -14.86
C LEU B 1025 17.08 -29.65 -14.76
N ALA B 1026 16.32 -30.09 -13.76
CA ALA B 1026 16.04 -31.52 -13.64
C ALA B 1026 15.24 -32.01 -14.84
N SER B 1027 14.24 -31.23 -15.28
CA SER B 1027 13.46 -31.63 -16.44
C SER B 1027 14.33 -31.72 -17.69
N HIS B 1028 15.20 -30.73 -17.89
CA HIS B 1028 16.09 -30.78 -19.05
C HIS B 1028 17.02 -31.98 -18.99
N ALA B 1029 17.59 -32.26 -17.82
CA ALA B 1029 18.51 -33.39 -17.70
C ALA B 1029 17.80 -34.71 -17.97
N LEU B 1030 16.58 -34.86 -17.45
CA LEU B 1030 15.83 -36.09 -17.69
C LEU B 1030 15.44 -36.22 -19.16
N TYR B 1031 15.11 -35.10 -19.80
CA TYR B 1031 14.71 -35.15 -21.20
C TYR B 1031 15.85 -35.63 -22.09
N ALA B 1032 17.07 -35.16 -21.80
CA ALA B 1032 18.22 -35.53 -22.62
C ALA B 1032 18.54 -37.02 -22.51
N LEU B 1033 18.20 -37.65 -21.39
CA LEU B 1033 18.51 -39.04 -21.16
C LEU B 1033 17.50 -39.99 -21.79
N LYS B 1034 16.66 -39.49 -22.72
CA LYS B 1034 15.63 -40.33 -23.30
C LYS B 1034 16.21 -41.56 -23.99
N HIS B 1035 17.48 -41.50 -24.39
CA HIS B 1035 18.11 -42.61 -25.11
C HIS B 1035 18.23 -43.86 -24.24
N PHE B 1036 18.48 -43.69 -22.94
CA PHE B 1036 18.67 -44.81 -22.03
C PHE B 1036 17.39 -45.23 -21.33
N LYS B 1037 16.26 -44.59 -21.63
CA LYS B 1037 15.00 -44.93 -21.00
C LYS B 1037 15.08 -44.76 -19.48
N LEU C 4 37.23 -26.97 19.09
CA LEU C 4 38.04 -26.19 18.17
C LEU C 4 39.10 -25.43 18.95
N ASP C 5 40.22 -25.15 18.28
CA ASP C 5 41.32 -24.45 18.93
C ASP C 5 40.96 -22.98 19.13
N ASP C 6 41.67 -22.34 20.07
CA ASP C 6 41.43 -20.93 20.34
C ASP C 6 41.85 -20.04 19.18
N PHE C 7 42.85 -20.46 18.40
CA PHE C 7 43.38 -19.65 17.32
C PHE C 7 42.69 -19.91 15.99
N ASP C 8 41.62 -20.71 15.98
CA ASP C 8 40.85 -20.97 14.76
C ASP C 8 39.76 -19.92 14.65
N LEU C 9 39.93 -19.00 13.72
CA LEU C 9 38.93 -17.97 13.42
C LEU C 9 38.10 -18.46 12.24
N ASP C 10 36.91 -18.98 12.52
CA ASP C 10 36.07 -19.57 11.46
C ASP C 10 35.51 -18.43 10.63
N VAL C 11 36.37 -17.88 9.76
CA VAL C 11 35.99 -16.74 8.95
C VAL C 11 34.84 -17.14 8.03
N LYS C 12 33.80 -16.31 8.02
CA LYS C 12 32.60 -16.55 7.22
C LYS C 12 32.20 -15.26 6.55
N VAL C 13 32.08 -15.29 5.22
CA VAL C 13 31.90 -14.10 4.41
C VAL C 13 30.61 -14.23 3.61
N LYS C 14 29.82 -13.16 3.62
CA LYS C 14 28.63 -13.05 2.77
C LYS C 14 28.86 -11.94 1.76
N ALA C 15 28.66 -12.26 0.49
CA ALA C 15 28.98 -11.36 -0.60
C ALA C 15 28.00 -11.56 -1.74
N LEU D 4 -30.32 -20.16 33.40
CA LEU D 4 -31.53 -19.64 32.82
C LEU D 4 -32.41 -20.77 32.29
N ASP D 5 -33.71 -20.52 32.23
CA ASP D 5 -34.66 -21.52 31.77
C ASP D 5 -34.49 -21.76 30.27
N ASP D 6 -35.03 -22.89 29.80
CA ASP D 6 -34.94 -23.22 28.38
C ASP D 6 -35.68 -22.24 27.49
N PHE D 7 -36.70 -21.56 28.01
CA PHE D 7 -37.50 -20.66 27.21
C PHE D 7 -37.00 -19.22 27.22
N ASP D 8 -35.82 -18.97 27.79
CA ASP D 8 -35.23 -17.64 27.81
C ASP D 8 -34.32 -17.51 26.59
N LEU D 9 -34.64 -16.55 25.72
CA LEU D 9 -33.83 -16.26 24.55
C LEU D 9 -33.10 -14.94 24.78
N ASP D 10 -31.82 -15.01 25.12
CA ASP D 10 -31.05 -13.82 25.45
C ASP D 10 -30.78 -13.04 24.18
N VAL D 11 -31.76 -12.21 23.81
CA VAL D 11 -31.67 -11.48 22.55
C VAL D 11 -30.50 -10.50 22.61
N LYS D 12 -29.67 -10.53 21.58
CA LYS D 12 -28.55 -9.63 21.44
C LYS D 12 -28.61 -8.99 20.05
N VAL D 13 -28.53 -7.67 20.01
CA VAL D 13 -28.73 -6.92 18.78
C VAL D 13 -27.55 -5.99 18.55
N LYS D 14 -27.06 -5.96 17.31
CA LYS D 14 -26.06 -4.99 16.87
C LYS D 14 -26.73 -3.95 15.98
N ALA D 15 -26.34 -2.69 16.15
CA ALA D 15 -26.93 -1.61 15.38
C ALA D 15 -25.87 -0.55 15.12
#